data_1H6X
# 
_entry.id   1H6X 
# 
_audit_conform.dict_name       mmcif_pdbx.dic 
_audit_conform.dict_version    5.382 
_audit_conform.dict_location   http://mmcif.pdb.org/dictionaries/ascii/mmcif_pdbx.dic 
# 
loop_
_database_2.database_id 
_database_2.database_code 
_database_2.pdbx_database_accession 
_database_2.pdbx_DOI 
PDB   1H6X         pdb_00001h6x 10.2210/pdb1h6x/pdb 
PDBE  EBI-8236     ?            ?                   
WWPDB D_1290008236 ?            ?                   
# 
loop_
_pdbx_database_related.db_name 
_pdbx_database_related.db_id 
_pdbx_database_related.content_type 
_pdbx_database_related.details 
PDB 1DYO unspecified 'XYLAN-BINDING DOMAIN FROM CBM 22, FORMALLY X6B DOMAIN' 
PDB 1H6Y unspecified 
;THE ROLE OF CONSERVED AMONI ACIDS IN THE CLEFT OF THE C-TERMINAL FAMILY 22 CARBOHYDRATE BINDING MODULE OF CLOSTRIDIUM THERMOCELLUM XYN10B IN LIGAND BINDING
;
# 
_pdbx_database_status.status_code                     REL 
_pdbx_database_status.entry_id                        1H6X 
_pdbx_database_status.deposit_site                    PDBE 
_pdbx_database_status.process_site                    PDBE 
_pdbx_database_status.SG_entry                        . 
_pdbx_database_status.recvd_initial_deposition_date   2001-06-29 
_pdbx_database_status.pdb_format_compatible           Y 
_pdbx_database_status.status_code_sf                  REL 
_pdbx_database_status.status_code_mr                  ? 
_pdbx_database_status.status_code_cs                  ? 
_pdbx_database_status.methods_development_category    ? 
_pdbx_database_status.status_code_nmr_data            ? 
# 
loop_
_audit_author.name 
_audit_author.pdbx_ordinal 
'Xie, H.'          1 
'Bolam, D.N.'      2 
'Charnock, S.J.'   3 
'Davies, G.J.'     4 
'Williamson, M.P.' 5 
'Simpson, P.J.'    6 
'Fontes, C.M.G.A.' 7 
'Ferreira, L.M.A.' 8 
'Gilbert, H.J.'    9 
# 
loop_
_citation.id 
_citation.title 
_citation.journal_abbrev 
_citation.journal_volume 
_citation.page_first 
_citation.page_last 
_citation.year 
_citation.journal_id_ASTM 
_citation.country 
_citation.journal_id_ISSN 
_citation.journal_id_CSD 
_citation.book_publisher 
_citation.pdbx_database_id_PubMed 
_citation.pdbx_database_id_DOI 
primary 'Clostridium Thermocellum Xyn10B Carbohydrate-Binding Module 22-2: The Role of Conserved Amino Acids in Ligand Binding' 
Biochemistry 40 9167 ? 2001 BICHAW US 0006-2960 0033 ? 11478884 10.1021/BI0106742 
1       
;The X6 "Thermostabilizing" Domains of Xylanases are Carbohydrate-Binding Modules:Structure and Biochemistry of the Clostridium Thermocellum X6B Domain
;
Biochemistry 39 5013 ? 2000 BICHAW US 0006-2960 0033 ? 10819965 10.1021/BI992821Q 
# 
loop_
_citation_author.citation_id 
_citation_author.name 
_citation_author.ordinal 
_citation_author.identifier_ORCID 
primary 'Xie, H.'          1  ? 
primary 'Gilbert, H.J.'    2  ? 
primary 'Charnock, S.J.'   3  ? 
primary 'Davies, G.J.'     4  ? 
primary 'Williamson, M.P.' 5  ? 
primary 'Simpson, P.J.'    6  ? 
primary 'Raghothama, S.'   7  ? 
primary 'Fontes, C.M.G.A.' 8  ? 
primary 'Dias, F.M.'       9  ? 
primary 'Ferreira, L.M.A.' 10 ? 
primary 'Bolam, D.N.'      11 ? 
1       'Charnock, S.J.'   12 ? 
1       'Bolam, D.N.'      13 ? 
1       'Turkenburg, J.P.' 14 ? 
1       'Gilbert, H.J.'    15 ? 
1       'Ferreira, L.M.A.' 16 ? 
1       'Davies, G.J.'     17 ? 
1       'Fontes, C.M.G.A.' 18 ? 
# 
_cell.entry_id           1H6X 
_cell.length_a           38.680 
_cell.length_b           38.680 
_cell.length_c           207.530 
_cell.angle_alpha        90.00 
_cell.angle_beta         90.00 
_cell.angle_gamma        90.00 
_cell.Z_PDB              8 
_cell.pdbx_unique_axis   ? 
# 
_symmetry.entry_id                         1H6X 
_symmetry.space_group_name_H-M             'P 43 21 2' 
_symmetry.pdbx_full_space_group_name_H-M   ? 
_symmetry.cell_setting                     ? 
_symmetry.Int_Tables_number                96 
# 
loop_
_entity.id 
_entity.type 
_entity.src_method 
_entity.pdbx_description 
_entity.formula_weight 
_entity.pdbx_number_of_molecules 
_entity.pdbx_ec 
_entity.pdbx_mutation 
_entity.pdbx_fragment 
_entity.details 
1 polymer     man 'ENDO-1,4-BETA-XYLANASE Y' 18911.768 1   ? YES 'XYLAN BINDING DOMAIN RESIDUE 560-720' ? 
2 non-polymer syn 'CALCIUM ION'              40.078    1   ? ?   ?                                      ? 
3 water       nat water                      18.015    109 ? ?   ?                                      ? 
# 
_entity_name_com.entity_id   1 
_entity_name_com.name        'CBM22-2,XYLANASE Y, XYLY, 1,4-BETA-D-XYLAN XYLANOHYDROLASE Y' 
# 
_entity_poly.entity_id                      1 
_entity_poly.type                           'polypeptide(L)' 
_entity_poly.nstd_linkage                   no 
_entity_poly.nstd_monomer                   no 
_entity_poly.pdbx_seq_one_letter_code       
;MEEPDANGYYYHDTFEGSVGQWTAAGPAEVLLSGRTAYKGSESLLVRNRTAAWNGAQRALNPRTFVPGNTYCFSVVASFI
EGASSTTFCMKLQYVDGSGTQRYDTIDMKTVGPNQWVHLYNPQYRIPSDATDMYVYVETADDTINFYIDEAIGAVAGTVI
EGLEHHHHHH
;
_entity_poly.pdbx_seq_one_letter_code_can   
;MEEPDANGYYYHDTFEGSVGQWTAAGPAEVLLSGRTAYKGSESLLVRNRTAAWNGAQRALNPRTFVPGNTYCFSVVASFI
EGASSTTFCMKLQYVDGSGTQRYDTIDMKTVGPNQWVHLYNPQYRIPSDATDMYVYVETADDTINFYIDEAIGAVAGTVI
EGLEHHHHHH
;
_entity_poly.pdbx_strand_id                 A 
_entity_poly.pdbx_target_identifier         ? 
# 
loop_
_entity_poly_seq.entity_id 
_entity_poly_seq.num 
_entity_poly_seq.mon_id 
_entity_poly_seq.hetero 
1 1   MET n 
1 2   GLU n 
1 3   GLU n 
1 4   PRO n 
1 5   ASP n 
1 6   ALA n 
1 7   ASN n 
1 8   GLY n 
1 9   TYR n 
1 10  TYR n 
1 11  TYR n 
1 12  HIS n 
1 13  ASP n 
1 14  THR n 
1 15  PHE n 
1 16  GLU n 
1 17  GLY n 
1 18  SER n 
1 19  VAL n 
1 20  GLY n 
1 21  GLN n 
1 22  TRP n 
1 23  THR n 
1 24  ALA n 
1 25  ALA n 
1 26  GLY n 
1 27  PRO n 
1 28  ALA n 
1 29  GLU n 
1 30  VAL n 
1 31  LEU n 
1 32  LEU n 
1 33  SER n 
1 34  GLY n 
1 35  ARG n 
1 36  THR n 
1 37  ALA n 
1 38  TYR n 
1 39  LYS n 
1 40  GLY n 
1 41  SER n 
1 42  GLU n 
1 43  SER n 
1 44  LEU n 
1 45  LEU n 
1 46  VAL n 
1 47  ARG n 
1 48  ASN n 
1 49  ARG n 
1 50  THR n 
1 51  ALA n 
1 52  ALA n 
1 53  TRP n 
1 54  ASN n 
1 55  GLY n 
1 56  ALA n 
1 57  GLN n 
1 58  ARG n 
1 59  ALA n 
1 60  LEU n 
1 61  ASN n 
1 62  PRO n 
1 63  ARG n 
1 64  THR n 
1 65  PHE n 
1 66  VAL n 
1 67  PRO n 
1 68  GLY n 
1 69  ASN n 
1 70  THR n 
1 71  TYR n 
1 72  CYS n 
1 73  PHE n 
1 74  SER n 
1 75  VAL n 
1 76  VAL n 
1 77  ALA n 
1 78  SER n 
1 79  PHE n 
1 80  ILE n 
1 81  GLU n 
1 82  GLY n 
1 83  ALA n 
1 84  SER n 
1 85  SER n 
1 86  THR n 
1 87  THR n 
1 88  PHE n 
1 89  CYS n 
1 90  MET n 
1 91  LYS n 
1 92  LEU n 
1 93  GLN n 
1 94  TYR n 
1 95  VAL n 
1 96  ASP n 
1 97  GLY n 
1 98  SER n 
1 99  GLY n 
1 100 THR n 
1 101 GLN n 
1 102 ARG n 
1 103 TYR n 
1 104 ASP n 
1 105 THR n 
1 106 ILE n 
1 107 ASP n 
1 108 MET n 
1 109 LYS n 
1 110 THR n 
1 111 VAL n 
1 112 GLY n 
1 113 PRO n 
1 114 ASN n 
1 115 GLN n 
1 116 TRP n 
1 117 VAL n 
1 118 HIS n 
1 119 LEU n 
1 120 TYR n 
1 121 ASN n 
1 122 PRO n 
1 123 GLN n 
1 124 TYR n 
1 125 ARG n 
1 126 ILE n 
1 127 PRO n 
1 128 SER n 
1 129 ASP n 
1 130 ALA n 
1 131 THR n 
1 132 ASP n 
1 133 MET n 
1 134 TYR n 
1 135 VAL n 
1 136 TYR n 
1 137 VAL n 
1 138 GLU n 
1 139 THR n 
1 140 ALA n 
1 141 ASP n 
1 142 ASP n 
1 143 THR n 
1 144 ILE n 
1 145 ASN n 
1 146 PHE n 
1 147 TYR n 
1 148 ILE n 
1 149 ASP n 
1 150 GLU n 
1 151 ALA n 
1 152 ILE n 
1 153 GLY n 
1 154 ALA n 
1 155 VAL n 
1 156 ALA n 
1 157 GLY n 
1 158 THR n 
1 159 VAL n 
1 160 ILE n 
1 161 GLU n 
1 162 GLY n 
1 163 LEU n 
1 164 GLU n 
1 165 HIS n 
1 166 HIS n 
1 167 HIS n 
1 168 HIS n 
1 169 HIS n 
1 170 HIS n 
# 
_entity_src_gen.entity_id                          1 
_entity_src_gen.pdbx_src_id                        1 
_entity_src_gen.pdbx_alt_source_flag               sample 
_entity_src_gen.pdbx_seq_type                      ? 
_entity_src_gen.pdbx_beg_seq_num                   ? 
_entity_src_gen.pdbx_end_seq_num                   ? 
_entity_src_gen.gene_src_common_name               ? 
_entity_src_gen.gene_src_genus                     ? 
_entity_src_gen.pdbx_gene_src_gene                 ? 
_entity_src_gen.gene_src_species                   ? 
_entity_src_gen.gene_src_strain                    YS 
_entity_src_gen.gene_src_tissue                    ? 
_entity_src_gen.gene_src_tissue_fraction           ? 
_entity_src_gen.gene_src_details                   ? 
_entity_src_gen.pdbx_gene_src_fragment             ? 
_entity_src_gen.pdbx_gene_src_scientific_name      'CLOSTRIDIUM THERMOCELLUM' 
_entity_src_gen.pdbx_gene_src_ncbi_taxonomy_id     1515 
_entity_src_gen.pdbx_gene_src_variant              ? 
_entity_src_gen.pdbx_gene_src_cell_line            ? 
_entity_src_gen.pdbx_gene_src_atcc                 ? 
_entity_src_gen.pdbx_gene_src_organ                ? 
_entity_src_gen.pdbx_gene_src_organelle            ? 
_entity_src_gen.pdbx_gene_src_cell                 ? 
_entity_src_gen.pdbx_gene_src_cellular_location    ? 
_entity_src_gen.host_org_common_name               ? 
_entity_src_gen.pdbx_host_org_scientific_name      'ESCHERICHIA COLI' 
_entity_src_gen.pdbx_host_org_ncbi_taxonomy_id     511693 
_entity_src_gen.host_org_genus                     ? 
_entity_src_gen.pdbx_host_org_gene                 ? 
_entity_src_gen.pdbx_host_org_organ                ? 
_entity_src_gen.host_org_species                   ? 
_entity_src_gen.pdbx_host_org_tissue               ? 
_entity_src_gen.pdbx_host_org_tissue_fraction      ? 
_entity_src_gen.pdbx_host_org_strain               BL21 
_entity_src_gen.pdbx_host_org_variant              ? 
_entity_src_gen.pdbx_host_org_cell_line            ? 
_entity_src_gen.pdbx_host_org_atcc                 ? 
_entity_src_gen.pdbx_host_org_culture_collection   ? 
_entity_src_gen.pdbx_host_org_cell                 ? 
_entity_src_gen.pdbx_host_org_organelle            ? 
_entity_src_gen.pdbx_host_org_cellular_location    ? 
_entity_src_gen.pdbx_host_org_vector_type          ? 
_entity_src_gen.pdbx_host_org_vector               ? 
_entity_src_gen.host_org_details                   ? 
_entity_src_gen.expression_system_id               ? 
_entity_src_gen.plasmid_name                       PET21A 
_entity_src_gen.plasmid_details                    ? 
_entity_src_gen.pdbx_description                   ? 
# 
_struct_ref.id                         1 
_struct_ref.db_name                    UNP 
_struct_ref.db_code                    XYNY_CLOTM 
_struct_ref.entity_id                  1 
_struct_ref.pdbx_seq_one_letter_code   ? 
_struct_ref.pdbx_align_begin           ? 
_struct_ref.pdbx_db_accession          P51584 
_struct_ref.pdbx_db_isoform            ? 
# 
_struct_ref_seq.align_id                      1 
_struct_ref_seq.ref_id                        1 
_struct_ref_seq.pdbx_PDB_id_code              1H6X 
_struct_ref_seq.pdbx_strand_id                A 
_struct_ref_seq.seq_align_beg                 2 
_struct_ref_seq.pdbx_seq_align_beg_ins_code   ? 
_struct_ref_seq.seq_align_end                 162 
_struct_ref_seq.pdbx_seq_align_end_ins_code   ? 
_struct_ref_seq.pdbx_db_accession             P51584 
_struct_ref_seq.db_align_beg                  560 
_struct_ref_seq.pdbx_db_align_beg_ins_code    ? 
_struct_ref_seq.db_align_end                  720 
_struct_ref_seq.pdbx_db_align_end_ins_code    ? 
_struct_ref_seq.pdbx_auth_seq_align_beg       2 
_struct_ref_seq.pdbx_auth_seq_align_end       162 
# 
loop_
_struct_ref_seq_dif.align_id 
_struct_ref_seq_dif.pdbx_pdb_id_code 
_struct_ref_seq_dif.mon_id 
_struct_ref_seq_dif.pdbx_pdb_strand_id 
_struct_ref_seq_dif.seq_num 
_struct_ref_seq_dif.pdbx_pdb_ins_code 
_struct_ref_seq_dif.pdbx_seq_db_name 
_struct_ref_seq_dif.pdbx_seq_db_accession_code 
_struct_ref_seq_dif.db_mon_id 
_struct_ref_seq_dif.pdbx_seq_db_seq_num 
_struct_ref_seq_dif.details 
_struct_ref_seq_dif.pdbx_auth_seq_num 
_struct_ref_seq_dif.pdbx_ordinal 
1 1H6X MET A 1   ? UNP P51584 ?   ?   'expression tag'      1   1  
1 1H6X ALA A 25  ? UNP P51584 ARG 583 'engineered mutation' 25  2  
1 1H6X LEU A 163 ? UNP P51584 ?   ?   'expression tag'      163 3  
1 1H6X GLU A 164 ? UNP P51584 ?   ?   'expression tag'      164 4  
1 1H6X HIS A 165 ? UNP P51584 ?   ?   'expression tag'      165 5  
1 1H6X HIS A 166 ? UNP P51584 ?   ?   'expression tag'      166 6  
1 1H6X HIS A 167 ? UNP P51584 ?   ?   'expression tag'      167 7  
1 1H6X HIS A 168 ? UNP P51584 ?   ?   'expression tag'      168 8  
1 1H6X HIS A 169 ? UNP P51584 ?   ?   'expression tag'      169 9  
1 1H6X HIS A 170 ? UNP P51584 ?   ?   'expression tag'      170 10 
# 
loop_
_chem_comp.id 
_chem_comp.type 
_chem_comp.mon_nstd_flag 
_chem_comp.name 
_chem_comp.pdbx_synonyms 
_chem_comp.formula 
_chem_comp.formula_weight 
ALA 'L-peptide linking' y ALANINE         ? 'C3 H7 N O2'     89.093  
ARG 'L-peptide linking' y ARGININE        ? 'C6 H15 N4 O2 1' 175.209 
ASN 'L-peptide linking' y ASPARAGINE      ? 'C4 H8 N2 O3'    132.118 
ASP 'L-peptide linking' y 'ASPARTIC ACID' ? 'C4 H7 N O4'     133.103 
CA  non-polymer         . 'CALCIUM ION'   ? 'Ca 2'           40.078  
CYS 'L-peptide linking' y CYSTEINE        ? 'C3 H7 N O2 S'   121.158 
GLN 'L-peptide linking' y GLUTAMINE       ? 'C5 H10 N2 O3'   146.144 
GLU 'L-peptide linking' y 'GLUTAMIC ACID' ? 'C5 H9 N O4'     147.129 
GLY 'peptide linking'   y GLYCINE         ? 'C2 H5 N O2'     75.067  
HIS 'L-peptide linking' y HISTIDINE       ? 'C6 H10 N3 O2 1' 156.162 
HOH non-polymer         . WATER           ? 'H2 O'           18.015  
ILE 'L-peptide linking' y ISOLEUCINE      ? 'C6 H13 N O2'    131.173 
LEU 'L-peptide linking' y LEUCINE         ? 'C6 H13 N O2'    131.173 
LYS 'L-peptide linking' y LYSINE          ? 'C6 H15 N2 O2 1' 147.195 
MET 'L-peptide linking' y METHIONINE      ? 'C5 H11 N O2 S'  149.211 
PHE 'L-peptide linking' y PHENYLALANINE   ? 'C9 H11 N O2'    165.189 
PRO 'L-peptide linking' y PROLINE         ? 'C5 H9 N O2'     115.130 
SER 'L-peptide linking' y SERINE          ? 'C3 H7 N O3'     105.093 
THR 'L-peptide linking' y THREONINE       ? 'C4 H9 N O3'     119.119 
TRP 'L-peptide linking' y TRYPTOPHAN      ? 'C11 H12 N2 O2'  204.225 
TYR 'L-peptide linking' y TYROSINE        ? 'C9 H11 N O3'    181.189 
VAL 'L-peptide linking' y VALINE          ? 'C5 H11 N O2'    117.146 
# 
_exptl.entry_id          1H6X 
_exptl.method            'X-RAY DIFFRACTION' 
_exptl.crystals_number   1 
# 
_exptl_crystal.id                    1 
_exptl_crystal.density_meas          ? 
_exptl_crystal.density_Matthews      2.05 
_exptl_crystal.density_percent_sol   40.07 
_exptl_crystal.description           ? 
# 
_exptl_crystal_grow.crystal_id      1 
_exptl_crystal_grow.method          ? 
_exptl_crystal_grow.temp            ? 
_exptl_crystal_grow.temp_details    ? 
_exptl_crystal_grow.pH              7.00 
_exptl_crystal_grow.pdbx_pH_range   ? 
_exptl_crystal_grow.pdbx_details    '1.7 M AMMONIUM SULPHATE, pH 7.00' 
# 
_diffrn.id                     1 
_diffrn.ambient_temp           100.0 
_diffrn.ambient_temp_details   ? 
_diffrn.crystal_id             1 
# 
_diffrn_detector.diffrn_id              1 
_diffrn_detector.detector               CCD 
_diffrn_detector.type                   MARRESEARCH 
_diffrn_detector.pdbx_collection_date   2000-07-15 
_diffrn_detector.details                'FOCUSING AND MULTILAYER' 
# 
_diffrn_radiation.diffrn_id                        1 
_diffrn_radiation.wavelength_id                    1 
_diffrn_radiation.pdbx_monochromatic_or_laue_m_l   M 
_diffrn_radiation.monochromator                    'G2(220)' 
_diffrn_radiation.pdbx_diffrn_protocol             'SINGLE WAVELENGTH' 
_diffrn_radiation.pdbx_scattering_type             x-ray 
# 
_diffrn_radiation_wavelength.id           1 
_diffrn_radiation_wavelength.wavelength   0.934 
_diffrn_radiation_wavelength.wt           1.0 
# 
_diffrn_source.diffrn_id                   1 
_diffrn_source.source                      SYNCHROTRON 
_diffrn_source.type                        'ESRF BEAMLINE ID14-1' 
_diffrn_source.pdbx_synchrotron_site       ESRF 
_diffrn_source.pdbx_synchrotron_beamline   ID14-1 
_diffrn_source.pdbx_wavelength             0.934 
_diffrn_source.pdbx_wavelength_list        ? 
# 
_reflns.pdbx_diffrn_id               1 
_reflns.pdbx_ordinal                 1 
_reflns.entry_id                     1H6X 
_reflns.observed_criterion_sigma_I   3.000 
_reflns.observed_criterion_sigma_F   ? 
_reflns.d_resolution_low             15.000 
_reflns.d_resolution_high            2.250 
_reflns.number_obs                   8438 
_reflns.number_all                   ? 
_reflns.percent_possible_obs         98.0 
_reflns.pdbx_Rmerge_I_obs            0.06200 
_reflns.pdbx_Rsym_value              ? 
_reflns.pdbx_netI_over_sigmaI        29.7000 
_reflns.B_iso_Wilson_estimate        ? 
_reflns.pdbx_redundancy              7.210 
# 
_reflns_shell.pdbx_diffrn_id         1 
_reflns_shell.pdbx_ordinal           1 
_reflns_shell.d_res_high             2.25 
_reflns_shell.d_res_low              2.33 
_reflns_shell.percent_possible_all   97.0 
_reflns_shell.Rmerge_I_obs           0.36700 
_reflns_shell.pdbx_Rsym_value        ? 
_reflns_shell.meanI_over_sigI_obs    4.830 
_reflns_shell.pdbx_redundancy        6.35 
# 
_refine.pdbx_refine_id                           'X-RAY DIFFRACTION' 
_refine.entry_id                                 1H6X 
_refine.pdbx_diffrn_id                           1 
_refine.pdbx_TLS_residual_ADP_flag               ? 
_refine.ls_number_reflns_obs                     8438 
_refine.ls_number_reflns_all                     ? 
_refine.pdbx_ls_sigma_I                          ? 
_refine.pdbx_ls_sigma_F                          3 
_refine.pdbx_data_cutoff_high_absF               ? 
_refine.pdbx_data_cutoff_low_absF                ? 
_refine.pdbx_data_cutoff_high_rms_absF           ? 
_refine.ls_d_res_low                             15 
_refine.ls_d_res_high                            2.25 
_refine.ls_percent_reflns_obs                    98 
_refine.ls_R_factor_obs                          ? 
_refine.ls_R_factor_all                          ? 
_refine.ls_R_factor_R_work                       0.214 
_refine.ls_R_factor_R_free                       0.260 
_refine.ls_R_factor_R_free_error                 ? 
_refine.ls_R_factor_R_free_error_details         ? 
_refine.ls_percent_reflns_R_free                 5.0 
_refine.ls_number_reflns_R_free                  ? 
_refine.ls_number_parameters                     ? 
_refine.ls_number_restraints                     ? 
_refine.occupancy_min                            ? 
_refine.occupancy_max                            ? 
_refine.correlation_coeff_Fo_to_Fc               ? 
_refine.correlation_coeff_Fo_to_Fc_free          ? 
_refine.B_iso_mean                               ? 
_refine.aniso_B[1][1]                            ? 
_refine.aniso_B[2][2]                            ? 
_refine.aniso_B[3][3]                            ? 
_refine.aniso_B[1][2]                            ? 
_refine.aniso_B[1][3]                            ? 
_refine.aniso_B[2][3]                            ? 
_refine.solvent_model_details                    ? 
_refine.solvent_model_param_ksol                 ? 
_refine.solvent_model_param_bsol                 ? 
_refine.pdbx_solvent_vdw_probe_radii             ? 
_refine.pdbx_solvent_ion_probe_radii             ? 
_refine.pdbx_solvent_shrinkage_radii             ? 
_refine.pdbx_ls_cross_valid_method               THROUGHOUT 
_refine.details                                  ? 
_refine.pdbx_starting_model                      'PDB ENTRY 1DYO' 
_refine.pdbx_method_to_determine_struct          'MOLECULAR REPLACEMENT' 
_refine.pdbx_isotropic_thermal_model             ? 
_refine.pdbx_stereochemistry_target_values       ? 
_refine.pdbx_stereochem_target_val_spec_case     ? 
_refine.pdbx_R_Free_selection_details            RANDOM 
_refine.pdbx_overall_ESU_R                       ? 
_refine.pdbx_overall_ESU_R_Free                  ? 
_refine.overall_SU_ML                            ? 
_refine.pdbx_overall_phase_error                 ? 
_refine.overall_SU_B                             ? 
_refine.overall_SU_R_Cruickshank_DPI             ? 
_refine.pdbx_overall_SU_R_free_Cruickshank_DPI   ? 
_refine.pdbx_overall_SU_R_Blow_DPI               ? 
_refine.pdbx_overall_SU_R_free_Blow_DPI          ? 
# 
_refine_hist.pdbx_refine_id                   'X-RAY DIFFRACTION' 
_refine_hist.cycle_id                         LAST 
_refine_hist.pdbx_number_atoms_protein        1235 
_refine_hist.pdbx_number_atoms_nucleic_acid   0 
_refine_hist.pdbx_number_atoms_ligand         1 
_refine_hist.number_atoms_solvent             109 
_refine_hist.number_atoms_total               1345 
_refine_hist.d_res_high                       2.25 
_refine_hist.d_res_low                        15 
# 
_struct.entry_id                  1H6X 
_struct.title                     
;The role of conserved amino acids in the cleft of the C-terminal family 22 carbohydrate binding module of Clostridium thermocellum Xyn10B in ligand binding
;
_struct.pdbx_model_details        ? 
_struct.pdbx_CASP_flag            ? 
_struct.pdbx_model_type_details   ? 
# 
_struct_keywords.entry_id        1H6X 
_struct_keywords.pdbx_keywords   HYDROLASE 
_struct_keywords.text            'XYLAN DEGRADATION, HYDROLASE, GLYCOSIDASE' 
# 
loop_
_struct_asym.id 
_struct_asym.pdbx_blank_PDB_chainid_flag 
_struct_asym.pdbx_modified 
_struct_asym.entity_id 
_struct_asym.details 
A N N 1 ? 
B N N 2 ? 
C N N 3 ? 
# 
_struct_biol.id   1 
# 
loop_
_struct_conn.id 
_struct_conn.conn_type_id 
_struct_conn.pdbx_leaving_atom_flag 
_struct_conn.pdbx_PDB_id 
_struct_conn.ptnr1_label_asym_id 
_struct_conn.ptnr1_label_comp_id 
_struct_conn.ptnr1_label_seq_id 
_struct_conn.ptnr1_label_atom_id 
_struct_conn.pdbx_ptnr1_label_alt_id 
_struct_conn.pdbx_ptnr1_PDB_ins_code 
_struct_conn.pdbx_ptnr1_standard_comp_id 
_struct_conn.ptnr1_symmetry 
_struct_conn.ptnr2_label_asym_id 
_struct_conn.ptnr2_label_comp_id 
_struct_conn.ptnr2_label_seq_id 
_struct_conn.ptnr2_label_atom_id 
_struct_conn.pdbx_ptnr2_label_alt_id 
_struct_conn.pdbx_ptnr2_PDB_ins_code 
_struct_conn.ptnr1_auth_asym_id 
_struct_conn.ptnr1_auth_comp_id 
_struct_conn.ptnr1_auth_seq_id 
_struct_conn.ptnr2_auth_asym_id 
_struct_conn.ptnr2_auth_comp_id 
_struct_conn.ptnr2_auth_seq_id 
_struct_conn.ptnr2_symmetry 
_struct_conn.pdbx_ptnr3_label_atom_id 
_struct_conn.pdbx_ptnr3_label_seq_id 
_struct_conn.pdbx_ptnr3_label_comp_id 
_struct_conn.pdbx_ptnr3_label_asym_id 
_struct_conn.pdbx_ptnr3_label_alt_id 
_struct_conn.pdbx_ptnr3_PDB_ins_code 
_struct_conn.details 
_struct_conn.pdbx_dist_value 
_struct_conn.pdbx_value_order 
_struct_conn.pdbx_role 
metalc1 metalc ? ? A THR 14  O   ? ? ? 1_555 B CA  . CA ? ? A THR 14   A CA  1162 1_555 ? ? ? ? ? ? ? 2.333 ? ? 
metalc2 metalc ? ? A GLU 16  OE2 ? ? ? 1_555 B CA  . CA ? ? A GLU 16   A CA  1162 1_555 ? ? ? ? ? ? ? 2.554 ? ? 
metalc3 metalc ? ? A LYS 39  O   ? ? ? 1_555 B CA  . CA ? ? A LYS 39   A CA  1162 1_555 ? ? ? ? ? ? ? 2.456 ? ? 
metalc4 metalc ? ? A GLU 42  O   ? ? ? 1_555 B CA  . CA ? ? A GLU 42   A CA  1162 1_555 ? ? ? ? ? ? ? 2.268 ? ? 
metalc5 metalc ? ? A ASP 149 OD1 ? ? ? 1_555 B CA  . CA ? ? A ASP 149  A CA  1162 1_555 ? ? ? ? ? ? ? 2.467 ? ? 
metalc6 metalc ? ? A ASP 149 OD2 ? ? ? 1_555 B CA  . CA ? ? A ASP 149  A CA  1162 1_555 ? ? ? ? ? ? ? 2.670 ? ? 
metalc7 metalc ? ? B CA  .   CA  ? ? ? 1_555 C HOH . O  ? ? A CA  1162 A HOH 2033 1_555 ? ? ? ? ? ? ? 2.313 ? ? 
# 
_struct_conn_type.id          metalc 
_struct_conn_type.criteria    ? 
_struct_conn_type.reference   ? 
# 
loop_
_struct_sheet.id 
_struct_sheet.type 
_struct_sheet.number_strands 
_struct_sheet.details 
AA ? 4 ? 
AB ? 4 ? 
AC ? 5 ? 
# 
loop_
_struct_sheet_order.sheet_id 
_struct_sheet_order.range_id_1 
_struct_sheet_order.range_id_2 
_struct_sheet_order.offset 
_struct_sheet_order.sense 
AA 1 2 ? anti-parallel 
AA 2 3 ? anti-parallel 
AA 3 4 ? anti-parallel 
AB 1 2 ? anti-parallel 
AB 2 3 ? anti-parallel 
AB 3 4 ? anti-parallel 
AC 1 2 ? anti-parallel 
AC 2 3 ? anti-parallel 
AC 3 4 ? anti-parallel 
AC 4 5 ? anti-parallel 
# 
loop_
_struct_sheet_range.sheet_id 
_struct_sheet_range.id 
_struct_sheet_range.beg_label_comp_id 
_struct_sheet_range.beg_label_asym_id 
_struct_sheet_range.beg_label_seq_id 
_struct_sheet_range.pdbx_beg_PDB_ins_code 
_struct_sheet_range.end_label_comp_id 
_struct_sheet_range.end_label_asym_id 
_struct_sheet_range.end_label_seq_id 
_struct_sheet_range.pdbx_end_PDB_ins_code 
_struct_sheet_range.beg_auth_comp_id 
_struct_sheet_range.beg_auth_asym_id 
_struct_sheet_range.beg_auth_seq_id 
_struct_sheet_range.end_auth_comp_id 
_struct_sheet_range.end_auth_asym_id 
_struct_sheet_range.end_auth_seq_id 
AA 1 TYR A 9   ? ASP A 13  ? TYR A 9   ASP A 13  
AA 2 PHE A 146 ? VAL A 155 ? PHE A 146 VAL A 155 
AA 3 SER A 43  ? ARG A 47  ? SER A 43  ARG A 47  
AA 4 GLU A 29  ? SER A 33  ? GLU A 29  SER A 33  
AB 1 TYR A 9   ? ASP A 13  ? TYR A 9   ASP A 13  
AB 2 PHE A 146 ? VAL A 155 ? PHE A 146 VAL A 155 
AB 3 THR A 70  ? SER A 78  ? THR A 70  SER A 78  
AB 4 VAL A 117 ? ARG A 125 ? VAL A 117 ARG A 125 
AC 1 TRP A 22  ? ALA A 25  ? TRP A 22  ALA A 25  
AC 2 GLY A 55  ? ALA A 59  ? GLY A 55  ALA A 59  
AC 3 THR A 131 ? THR A 139 ? THR A 131 THR A 139 
AC 4 THR A 86  ? VAL A 95  ? THR A 86  VAL A 95  
AC 5 GLN A 101 ? VAL A 111 ? GLN A 101 VAL A 111 
# 
loop_
_pdbx_struct_sheet_hbond.sheet_id 
_pdbx_struct_sheet_hbond.range_id_1 
_pdbx_struct_sheet_hbond.range_id_2 
_pdbx_struct_sheet_hbond.range_1_label_atom_id 
_pdbx_struct_sheet_hbond.range_1_label_comp_id 
_pdbx_struct_sheet_hbond.range_1_label_asym_id 
_pdbx_struct_sheet_hbond.range_1_label_seq_id 
_pdbx_struct_sheet_hbond.range_1_PDB_ins_code 
_pdbx_struct_sheet_hbond.range_1_auth_atom_id 
_pdbx_struct_sheet_hbond.range_1_auth_comp_id 
_pdbx_struct_sheet_hbond.range_1_auth_asym_id 
_pdbx_struct_sheet_hbond.range_1_auth_seq_id 
_pdbx_struct_sheet_hbond.range_2_label_atom_id 
_pdbx_struct_sheet_hbond.range_2_label_comp_id 
_pdbx_struct_sheet_hbond.range_2_label_asym_id 
_pdbx_struct_sheet_hbond.range_2_label_seq_id 
_pdbx_struct_sheet_hbond.range_2_PDB_ins_code 
_pdbx_struct_sheet_hbond.range_2_auth_atom_id 
_pdbx_struct_sheet_hbond.range_2_auth_comp_id 
_pdbx_struct_sheet_hbond.range_2_auth_asym_id 
_pdbx_struct_sheet_hbond.range_2_auth_seq_id 
AA 1 2 N ASP A 13  ? N ASP A 13  O ALA A 151 ? O ALA A 151 
AA 2 3 N ILE A 148 ? N ILE A 148 O LEU A 44  ? O LEU A 44  
AA 3 4 N ARG A 47  ? N ARG A 47  O GLU A 29  ? O GLU A 29  
AB 1 2 N ASP A 13  ? N ASP A 13  O ALA A 151 ? O ALA A 151 
AB 2 3 N ALA A 154 ? N ALA A 154 O CYS A 72  ? O CYS A 72  
AB 3 4 N ALA A 77  ? N ALA A 77  O VAL A 117 ? O VAL A 117 
AC 1 2 N ALA A 25  ? N ALA A 25  O GLY A 55  ? O GLY A 55  
AC 2 3 N ARG A 58  ? N ARG A 58  O VAL A 135 ? O VAL A 135 
AC 3 4 N GLU A 138 ? N GLU A 138 O CYS A 89  ? O CYS A 89  
AC 4 5 N TYR A 94  ? N TYR A 94  O ARG A 102 ? O ARG A 102 
# 
_struct_site.id                   AC1 
_struct_site.pdbx_evidence_code   Software 
_struct_site.pdbx_auth_asym_id    A 
_struct_site.pdbx_auth_comp_id    CA 
_struct_site.pdbx_auth_seq_id     1162 
_struct_site.pdbx_auth_ins_code   ? 
_struct_site.pdbx_num_residues    6 
_struct_site.details              'BINDING SITE FOR RESIDUE CA A 1162' 
# 
loop_
_struct_site_gen.id 
_struct_site_gen.site_id 
_struct_site_gen.pdbx_num_res 
_struct_site_gen.label_comp_id 
_struct_site_gen.label_asym_id 
_struct_site_gen.label_seq_id 
_struct_site_gen.pdbx_auth_ins_code 
_struct_site_gen.auth_comp_id 
_struct_site_gen.auth_asym_id 
_struct_site_gen.auth_seq_id 
_struct_site_gen.label_atom_id 
_struct_site_gen.label_alt_id 
_struct_site_gen.symmetry 
_struct_site_gen.details 
1 AC1 6 THR A 14  ? THR A 14   . ? 1_555 ? 
2 AC1 6 GLU A 16  ? GLU A 16   . ? 1_555 ? 
3 AC1 6 LYS A 39  ? LYS A 39   . ? 1_555 ? 
4 AC1 6 GLU A 42  ? GLU A 42   . ? 1_555 ? 
5 AC1 6 ASP A 149 ? ASP A 149  . ? 1_555 ? 
6 AC1 6 HOH C .   ? HOH A 2033 . ? 1_555 ? 
# 
_atom_sites.entry_id                    1H6X 
_atom_sites.fract_transf_matrix[1][1]   -0.01339054 
_atom_sites.fract_transf_matrix[1][2]   -0.02096976 
_atom_sites.fract_transf_matrix[1][3]   0.00702427 
_atom_sites.fract_transf_matrix[2][1]   0.02190109 
_atom_sites.fract_transf_matrix[2][2]   -0.01371357 
_atom_sites.fract_transf_matrix[2][3]   0.00081107 
_atom_sites.fract_transf_matrix[3][1]   0.00057178 
_atom_sites.fract_transf_matrix[3][2]   0.00118724 
_atom_sites.fract_transf_matrix[3][3]   0.00463429 
_atom_sites.fract_transf_vector[1]      0.899779 
_atom_sites.fract_transf_vector[2]      0.653120 
_atom_sites.fract_transf_vector[3]      0.063765 
# 
loop_
_atom_type.symbol 
C  
CA 
N  
O  
S  
# 
loop_
_atom_site.group_PDB 
_atom_site.id 
_atom_site.type_symbol 
_atom_site.label_atom_id 
_atom_site.label_alt_id 
_atom_site.label_comp_id 
_atom_site.label_asym_id 
_atom_site.label_entity_id 
_atom_site.label_seq_id 
_atom_site.pdbx_PDB_ins_code 
_atom_site.Cartn_x 
_atom_site.Cartn_y 
_atom_site.Cartn_z 
_atom_site.occupancy 
_atom_site.B_iso_or_equiv 
_atom_site.pdbx_formal_charge 
_atom_site.auth_seq_id 
_atom_site.auth_comp_id 
_atom_site.auth_asym_id 
_atom_site.auth_atom_id 
_atom_site.pdbx_PDB_model_num 
ATOM   1    N  N   . GLU A 1 3   ? 15.469  15.959  -0.460  1.00 45.61 ? 3    GLU A N   1 
ATOM   2    C  CA  . GLU A 1 3   ? 14.406  15.669  -1.465  1.00 45.56 ? 3    GLU A CA  1 
ATOM   3    C  C   . GLU A 1 3   ? 12.997  15.350  -0.931  1.00 44.89 ? 3    GLU A C   1 
ATOM   4    O  O   . GLU A 1 3   ? 12.029  15.481  -1.674  1.00 45.02 ? 3    GLU A O   1 
ATOM   5    C  CB  . GLU A 1 3   ? 14.863  14.608  -2.475  1.00 45.94 ? 3    GLU A CB  1 
ATOM   6    C  CG  . GLU A 1 3   ? 15.762  13.513  -1.926  1.00 47.82 ? 3    GLU A CG  1 
ATOM   7    C  CD  . GLU A 1 3   ? 16.371  12.681  -3.042  1.00 50.84 ? 3    GLU A CD  1 
ATOM   8    O  OE1 . GLU A 1 3   ? 15.953  12.865  -4.206  1.00 52.26 ? 3    GLU A OE1 1 
ATOM   9    O  OE2 . GLU A 1 3   ? 17.262  11.846  -2.772  1.00 51.93 ? 3    GLU A OE2 1 
ATOM   10   N  N   . PRO A 1 4   ? 12.863  14.938  0.326   1.00 44.19 ? 4    PRO A N   1 
ATOM   11   C  CA  . PRO A 1 4   ? 11.532  14.696  0.896   1.00 43.70 ? 4    PRO A CA  1 
ATOM   12   C  C   . PRO A 1 4   ? 10.909  16.027  1.283   1.00 43.04 ? 4    PRO A C   1 
ATOM   13   O  O   . PRO A 1 4   ? 11.625  17.025  1.303   1.00 42.39 ? 4    PRO A O   1 
ATOM   14   C  CB  . PRO A 1 4   ? 11.819  13.896  2.172   1.00 43.77 ? 4    PRO A CB  1 
ATOM   15   C  CG  . PRO A 1 4   ? 13.301  13.730  2.245   1.00 44.23 ? 4    PRO A CG  1 
ATOM   16   C  CD  . PRO A 1 4   ? 13.935  14.691  1.301   1.00 44.28 ? 4    PRO A CD  1 
ATOM   17   N  N   . ASP A 1 5   ? 9.613   16.045  1.590   1.00 42.30 ? 5    ASP A N   1 
ATOM   18   C  CA  . ASP A 1 5   ? 8.971   17.282  2.027   1.00 41.94 ? 5    ASP A CA  1 
ATOM   19   C  C   . ASP A 1 5   ? 9.330   17.602  3.482   1.00 41.47 ? 5    ASP A C   1 
ATOM   20   O  O   . ASP A 1 5   ? 10.118  16.894  4.104   1.00 41.18 ? 5    ASP A O   1 
ATOM   21   C  CB  . ASP A 1 5   ? 7.448   17.246  1.805   1.00 41.86 ? 5    ASP A CB  1 
ATOM   22   C  CG  . ASP A 1 5   ? 6.725   16.306  2.764   1.00 42.28 ? 5    ASP A CG  1 
ATOM   23   O  OD1 . ASP A 1 5   ? 7.278   15.986  3.839   1.00 42.72 ? 5    ASP A OD1 1 
ATOM   24   O  OD2 . ASP A 1 5   ? 5.583   15.850  2.530   1.00 42.45 ? 5    ASP A OD2 1 
ATOM   25   N  N   . ALA A 1 6   ? 8.745   18.675  4.006   1.00 41.21 ? 6    ALA A N   1 
ATOM   26   C  CA  . ALA A 1 6   ? 8.977   19.129  5.376   1.00 40.66 ? 6    ALA A CA  1 
ATOM   27   C  C   . ALA A 1 6   ? 8.915   17.978  6.359   1.00 40.15 ? 6    ALA A C   1 
ATOM   28   O  O   . ALA A 1 6   ? 9.838   17.761  7.144   1.00 39.99 ? 6    ALA A O   1 
ATOM   29   C  CB  . ALA A 1 6   ? 7.932   20.150  5.764   1.00 40.81 ? 6    ALA A CB  1 
ATOM   30   N  N   . ASN A 1 7   ? 7.797   17.261  6.311   1.00 39.24 ? 7    ASN A N   1 
ATOM   31   C  CA  . ASN A 1 7   ? 7.537   16.162  7.218   1.00 38.28 ? 7    ASN A CA  1 
ATOM   32   C  C   . ASN A 1 7   ? 8.298   14.889  6.882   1.00 36.96 ? 7    ASN A C   1 
ATOM   33   O  O   . ASN A 1 7   ? 8.023   13.845  7.442   1.00 36.80 ? 7    ASN A O   1 
ATOM   34   C  CB  . ASN A 1 7   ? 6.031   15.894  7.296   1.00 38.68 ? 7    ASN A CB  1 
ATOM   35   C  CG  . ASN A 1 7   ? 5.310   16.917  8.150   1.00 39.84 ? 7    ASN A CG  1 
ATOM   36   O  OD1 . ASN A 1 7   ? 4.094   17.103  8.039   1.00 42.26 ? 7    ASN A OD1 1 
ATOM   37   N  ND2 . ASN A 1 7   ? 6.060   17.577  9.027   1.00 39.85 ? 7    ASN A ND2 1 
ATOM   38   N  N   . GLY A 1 8   ? 9.271   14.978  5.982   1.00 35.50 ? 8    GLY A N   1 
ATOM   39   C  CA  . GLY A 1 8   ? 10.054  13.809  5.627   1.00 33.25 ? 8    GLY A CA  1 
ATOM   40   C  C   . GLY A 1 8   ? 9.317   12.827  4.724   1.00 31.86 ? 8    GLY A C   1 
ATOM   41   O  O   . GLY A 1 8   ? 9.761   11.696  4.526   1.00 31.01 ? 8    GLY A O   1 
ATOM   42   N  N   . TYR A 1 9   ? 8.200   13.267  4.158   1.00 30.62 ? 9    TYR A N   1 
ATOM   43   C  CA  . TYR A 1 9   ? 7.392   12.416  3.283   1.00 29.87 ? 9    TYR A CA  1 
ATOM   44   C  C   . TYR A 1 9   ? 7.824   12.524  1.825   1.00 29.51 ? 9    TYR A C   1 
ATOM   45   O  O   . TYR A 1 9   ? 7.894   13.629  1.278   1.00 29.55 ? 9    TYR A O   1 
ATOM   46   C  CB  . TYR A 1 9   ? 5.922   12.820  3.344   1.00 29.62 ? 9    TYR A CB  1 
ATOM   47   C  CG  . TYR A 1 9   ? 5.234   12.626  4.671   1.00 30.03 ? 9    TYR A CG  1 
ATOM   48   C  CD1 . TYR A 1 9   ? 5.913   12.110  5.773   1.00 28.91 ? 9    TYR A CD1 1 
ATOM   49   C  CD2 . TYR A 1 9   ? 3.893   12.953  4.820   1.00 29.89 ? 9    TYR A CD2 1 
ATOM   50   C  CE1 . TYR A 1 9   ? 5.278   11.941  6.977   1.00 28.43 ? 9    TYR A CE1 1 
ATOM   51   C  CE2 . TYR A 1 9   ? 3.246   12.783  6.025   1.00 30.25 ? 9    TYR A CE2 1 
ATOM   52   C  CZ  . TYR A 1 9   ? 3.943   12.278  7.101   1.00 29.71 ? 9    TYR A CZ  1 
ATOM   53   O  OH  . TYR A 1 9   ? 3.303   12.113  8.302   1.00 29.34 ? 9    TYR A OH  1 
ATOM   54   N  N   . TYR A 1 10  ? 8.094   11.380  1.198   1.00 28.53 ? 10   TYR A N   1 
ATOM   55   C  CA  . TYR A 1 10  ? 8.422   11.333  -0.226  1.00 27.77 ? 10   TYR A CA  1 
ATOM   56   C  C   . TYR A 1 10  ? 7.147   11.276  -1.065  1.00 27.12 ? 10   TYR A C   1 
ATOM   57   O  O   . TYR A 1 10  ? 7.099   11.798  -2.165  1.00 26.77 ? 10   TYR A O   1 
ATOM   58   C  CB  . TYR A 1 10  ? 9.285   10.115  -0.547  1.00 27.57 ? 10   TYR A CB  1 
ATOM   59   C  CG  . TYR A 1 10  ? 10.696  10.186  -0.010  1.00 27.88 ? 10   TYR A CG  1 
ATOM   60   C  CD1 . TYR A 1 10  ? 11.121  9.316   0.980   1.00 27.94 ? 10   TYR A CD1 1 
ATOM   61   C  CD2 . TYR A 1 10  ? 11.614  11.110  -0.514  1.00 28.32 ? 10   TYR A CD2 1 
ATOM   62   C  CE1 . TYR A 1 10  ? 12.416  9.359   1.457   1.00 29.71 ? 10   TYR A CE1 1 
ATOM   63   C  CE2 . TYR A 1 10  ? 12.908  11.156  -0.048  1.00 28.84 ? 10   TYR A CE2 1 
ATOM   64   C  CZ  . TYR A 1 10  ? 13.301  10.282  0.940   1.00 29.95 ? 10   TYR A CZ  1 
ATOM   65   O  OH  . TYR A 1 10  ? 14.583  10.325  1.425   1.00 32.94 ? 10   TYR A OH  1 
ATOM   66   N  N   . TYR A 1 11  ? 6.140   10.575  -0.563  1.00 26.51 ? 11   TYR A N   1 
ATOM   67   C  CA  . TYR A 1 11  ? 4.816   10.604  -1.166  1.00 25.54 ? 11   TYR A CA  1 
ATOM   68   C  C   . TYR A 1 11  ? 3.807   10.568  -0.041  1.00 25.90 ? 11   TYR A C   1 
ATOM   69   O  O   . TYR A 1 11  ? 4.084   10.039  1.040   1.00 25.67 ? 11   TYR A O   1 
ATOM   70   C  CB  . TYR A 1 11  ? 4.574   9.504   -2.216  1.00 25.60 ? 11   TYR A CB  1 
ATOM   71   C  CG  . TYR A 1 11  ? 4.487   8.053   -1.733  1.00 23.73 ? 11   TYR A CG  1 
ATOM   72   C  CD1 . TYR A 1 11  ? 3.301   7.531   -1.222  1.00 20.91 ? 11   TYR A CD1 1 
ATOM   73   C  CD2 . TYR A 1 11  ? 5.574   7.197   -1.860  1.00 21.92 ? 11   TYR A CD2 1 
ATOM   74   C  CE1 . TYR A 1 11  ? 3.206   6.195   -0.803  1.00 19.88 ? 11   TYR A CE1 1 
ATOM   75   C  CE2 . TYR A 1 11  ? 5.491   5.858   -1.453  1.00 22.15 ? 11   TYR A CE2 1 
ATOM   76   C  CZ  . TYR A 1 11  ? 4.312   5.366   -0.920  1.00 20.19 ? 11   TYR A CZ  1 
ATOM   77   O  OH  . TYR A 1 11  ? 4.254   4.041   -0.524  1.00 19.95 ? 11   TYR A OH  1 
ATOM   78   N  N   . HIS A 1 12  ? 2.660   11.191  -0.286  1.00 25.62 ? 12   HIS A N   1 
ATOM   79   C  CA  . HIS A 1 12  ? 1.580   11.255  0.676   1.00 25.39 ? 12   HIS A CA  1 
ATOM   80   C  C   . HIS A 1 12  ? 0.279   11.333  -0.112  1.00 25.24 ? 12   HIS A C   1 
ATOM   81   O  O   . HIS A 1 12  ? -0.075  12.381  -0.633  1.00 24.17 ? 12   HIS A O   1 
ATOM   82   C  CB  . HIS A 1 12  ? 1.738   12.472  1.592   1.00 25.24 ? 12   HIS A CB  1 
ATOM   83   C  CG  . HIS A 1 12  ? 0.649   12.600  2.615   1.00 26.38 ? 12   HIS A CG  1 
ATOM   84   N  ND1 . HIS A 1 12  ? 0.518   13.704  3.434   1.00 27.01 ? 12   HIS A ND1 1 
ATOM   85   C  CD2 . HIS A 1 12  ? -0.363  11.764  2.948   1.00 26.07 ? 12   HIS A CD2 1 
ATOM   86   C  CE1 . HIS A 1 12  ? -0.522  13.537  4.231   1.00 26.24 ? 12   HIS A CE1 1 
ATOM   87   N  NE2 . HIS A 1 12  ? -1.073  12.367  3.957   1.00 27.67 ? 12   HIS A NE2 1 
ATOM   88   N  N   . ASP A 1 13  ? -0.426  10.209  -0.201  1.00 25.52 ? 13   ASP A N   1 
ATOM   89   C  CA  . ASP A 1 13  ? -1.656  10.145  -0.976  1.00 25.58 ? 13   ASP A CA  1 
ATOM   90   C  C   . ASP A 1 13  ? -2.907  10.179  -0.099  1.00 25.59 ? 13   ASP A C   1 
ATOM   91   O  O   . ASP A 1 13  ? -3.198  9.215   0.609   1.00 26.04 ? 13   ASP A O   1 
ATOM   92   C  CB  . ASP A 1 13  ? -1.641  8.885   -1.841  1.00 25.62 ? 13   ASP A CB  1 
ATOM   93   C  CG  . ASP A 1 13  ? -0.727  9.019   -3.027  1.00 26.92 ? 13   ASP A CG  1 
ATOM   94   O  OD1 . ASP A 1 13  ? -1.036  9.847   -3.911  1.00 29.20 ? 13   ASP A OD1 1 
ATOM   95   O  OD2 . ASP A 1 13  ? 0.324   8.363   -3.170  1.00 27.14 ? 13   ASP A OD2 1 
ATOM   96   N  N   . THR A 1 14  ? -3.637  11.288  -0.148  1.00 25.47 ? 14   THR A N   1 
ATOM   97   C  CA  . THR A 1 14  ? -4.880  11.451  0.615   1.00 24.99 ? 14   THR A CA  1 
ATOM   98   C  C   . THR A 1 14  ? -6.076  10.933  -0.138  1.00 25.05 ? 14   THR A C   1 
ATOM   99   O  O   . THR A 1 14  ? -7.127  10.712  0.455   1.00 25.30 ? 14   THR A O   1 
ATOM   100  C  CB  . THR A 1 14  ? -5.172  12.927  0.877   1.00 25.28 ? 14   THR A CB  1 
ATOM   101  O  OG1 . THR A 1 14  ? -5.092  13.635  -0.369  1.00 24.00 ? 14   THR A OG1 1 
ATOM   102  C  CG2 . THR A 1 14  ? -4.109  13.564  1.775   1.00 24.08 ? 14   THR A CG2 1 
ATOM   103  N  N   . PHE A 1 15  ? -5.933  10.788  -1.452  1.00 25.20 ? 15   PHE A N   1 
ATOM   104  C  CA  . PHE A 1 15  ? -7.020  10.316  -2.293  1.00 25.02 ? 15   PHE A CA  1 
ATOM   105  C  C   . PHE A 1 15  ? -8.200  11.303  -2.252  1.00 26.06 ? 15   PHE A C   1 
ATOM   106  O  O   . PHE A 1 15  ? -9.379  10.927  -2.340  1.00 25.61 ? 15   PHE A O   1 
ATOM   107  C  CB  . PHE A 1 15  ? -7.432  8.898   -1.887  1.00 24.58 ? 15   PHE A CB  1 
ATOM   108  C  CG  . PHE A 1 15  ? -6.309  7.892   -1.978  1.00 23.30 ? 15   PHE A CG  1 
ATOM   109  C  CD1 . PHE A 1 15  ? -5.886  7.201   -0.856  1.00 21.94 ? 15   PHE A CD1 1 
ATOM   110  C  CD2 . PHE A 1 15  ? -5.672  7.647   -3.191  1.00 22.33 ? 15   PHE A CD2 1 
ATOM   111  C  CE1 . PHE A 1 15  ? -4.840  6.270   -0.940  1.00 22.73 ? 15   PHE A CE1 1 
ATOM   112  C  CE2 . PHE A 1 15  ? -4.624  6.725   -3.278  1.00 22.36 ? 15   PHE A CE2 1 
ATOM   113  C  CZ  . PHE A 1 15  ? -4.213  6.036   -2.156  1.00 19.33 ? 15   PHE A CZ  1 
ATOM   114  N  N   . GLU A 1 16  ? -7.862  12.576  -2.084  1.00 27.00 ? 16   GLU A N   1 
ATOM   115  C  CA  . GLU A 1 16  ? -8.860  13.632  -2.118  1.00 27.82 ? 16   GLU A CA  1 
ATOM   116  C  C   . GLU A 1 16  ? -8.818  14.254  -3.508  1.00 27.97 ? 16   GLU A C   1 
ATOM   117  O  O   . GLU A 1 16  ? -8.103  15.227  -3.750  1.00 28.05 ? 16   GLU A O   1 
ATOM   118  C  CB  . GLU A 1 16  ? -8.589  14.685  -1.042  1.00 27.93 ? 16   GLU A CB  1 
ATOM   119  C  CG  . GLU A 1 16  ? -8.586  14.140  0.385   1.00 29.21 ? 16   GLU A CG  1 
ATOM   120  C  CD  . GLU A 1 16  ? -9.923  13.554  0.801   1.00 30.28 ? 16   GLU A CD  1 
ATOM   121  O  OE1 . GLU A 1 16  ? -10.975 14.108  0.411   1.00 31.68 ? 16   GLU A OE1 1 
ATOM   122  O  OE2 . GLU A 1 16  ? -9.933  12.544  1.526   1.00 30.42 ? 16   GLU A OE2 1 
ATOM   123  N  N   . GLY A 1 17  ? -9.562  13.666  -4.433  1.00 28.33 ? 17   GLY A N   1 
ATOM   124  C  CA  . GLY A 1 17  ? -9.622  14.193  -5.790  1.00 28.39 ? 17   GLY A CA  1 
ATOM   125  C  C   . GLY A 1 17  ? -8.631  13.571  -6.756  1.00 28.12 ? 17   GLY A C   1 
ATOM   126  O  O   . GLY A 1 17  ? -8.731  13.781  -7.960  1.00 27.93 ? 17   GLY A O   1 
ATOM   127  N  N   . SER A 1 18  ? -7.680  12.792  -6.241  1.00 27.93 ? 18   SER A N   1 
ATOM   128  C  CA  . SER A 1 18  ? -6.684  12.166  -7.109  1.00 27.66 ? 18   SER A CA  1 
ATOM   129  C  C   . SER A 1 18  ? -6.233  10.772  -6.665  1.00 27.35 ? 18   SER A C   1 
ATOM   130  O  O   . SER A 1 18  ? -6.099  10.500  -5.470  1.00 27.37 ? 18   SER A O   1 
ATOM   131  C  CB  . SER A 1 18  ? -5.465  13.087  -7.242  1.00 28.09 ? 18   SER A CB  1 
ATOM   132  O  OG  . SER A 1 18  ? -4.442  12.460  -7.992  1.00 27.47 ? 18   SER A OG  1 
ATOM   133  N  N   . VAL A 1 19  ? -5.962  9.897   -7.631  1.00 26.94 ? 19   VAL A N   1 
ATOM   134  C  CA  . VAL A 1 19  ? -5.471  8.559   -7.310  1.00 26.62 ? 19   VAL A CA  1 
ATOM   135  C  C   . VAL A 1 19  ? -3.957  8.507   -7.225  1.00 26.39 ? 19   VAL A C   1 
ATOM   136  O  O   . VAL A 1 19  ? -3.385  7.462   -6.926  1.00 26.30 ? 19   VAL A O   1 
ATOM   137  C  CB  . VAL A 1 19  ? -5.926  7.510   -8.327  1.00 27.00 ? 19   VAL A CB  1 
ATOM   138  C  CG1 . VAL A 1 19  ? -7.454  7.452   -8.381  1.00 26.42 ? 19   VAL A CG1 1 
ATOM   139  C  CG2 . VAL A 1 19  ? -5.313  7.797   -9.702  1.00 26.69 ? 19   VAL A CG2 1 
ATOM   140  N  N   . GLY A 1 20  ? -3.305  9.635   -7.484  1.00 26.25 ? 20   GLY A N   1 
ATOM   141  C  CA  . GLY A 1 20  ? -1.853  9.686   -7.457  1.00 25.47 ? 20   GLY A CA  1 
ATOM   142  C  C   . GLY A 1 20  ? -1.249  8.707   -8.448  1.00 24.98 ? 20   GLY A C   1 
ATOM   143  O  O   . GLY A 1 20  ? -1.712  8.607   -9.578  1.00 24.91 ? 20   GLY A O   1 
ATOM   144  N  N   . GLN A 1 21  ? -0.214  7.986   -8.030  1.00 24.65 ? 21   GLN A N   1 
ATOM   145  C  CA  . GLN A 1 21  ? 0.419   6.994   -8.901  1.00 24.62 ? 21   GLN A CA  1 
ATOM   146  C  C   . GLN A 1 21  ? -0.132  5.597   -8.645  1.00 24.06 ? 21   GLN A C   1 
ATOM   147  O  O   . GLN A 1 21  ? 0.452   4.611   -9.076  1.00 24.55 ? 21   GLN A O   1 
ATOM   148  C  CB  . GLN A 1 21  ? 1.935   6.983   -8.702  1.00 24.77 ? 21   GLN A CB  1 
ATOM   149  C  CG  . GLN A 1 21  ? 2.641   8.233   -9.190  1.00 27.12 ? 21   GLN A CG  1 
ATOM   150  C  CD  . GLN A 1 21  ? 2.203   8.640   -10.582 1.00 30.51 ? 21   GLN A CD  1 
ATOM   151  O  OE1 . GLN A 1 21  ? 1.656   9.727   -10.767 1.00 33.14 ? 21   GLN A OE1 1 
ATOM   152  N  NE2 . GLN A 1 21  ? 2.428   7.770   -11.562 1.00 32.27 ? 21   GLN A NE2 1 
ATOM   153  N  N   . TRP A 1 22  ? -1.265  5.516   -7.964  1.00 23.56 ? 22   TRP A N   1 
ATOM   154  C  CA  . TRP A 1 22  ? -1.837  4.228   -7.603  1.00 23.33 ? 22   TRP A CA  1 
ATOM   155  C  C   . TRP A 1 22  ? -2.609  3.591   -8.751  1.00 23.50 ? 22   TRP A C   1 
ATOM   156  O  O   . TRP A 1 22  ? -3.405  4.252   -9.424  1.00 23.29 ? 22   TRP A O   1 
ATOM   157  C  CB  . TRP A 1 22  ? -2.719  4.368   -6.361  1.00 22.81 ? 22   TRP A CB  1 
ATOM   158  C  CG  . TRP A 1 22  ? -1.924  4.524   -5.122  1.00 22.26 ? 22   TRP A CG  1 
ATOM   159  C  CD1 . TRP A 1 22  ? -1.491  5.689   -4.559  1.00 20.92 ? 22   TRP A CD1 1 
ATOM   160  C  CD2 . TRP A 1 22  ? -1.431  3.470   -4.289  1.00 21.97 ? 22   TRP A CD2 1 
ATOM   161  N  NE1 . TRP A 1 22  ? -0.762  5.422   -3.427  1.00 20.91 ? 22   TRP A NE1 1 
ATOM   162  C  CE2 . TRP A 1 22  ? -0.717  4.066   -3.236  1.00 21.57 ? 22   TRP A CE2 1 
ATOM   163  C  CE3 . TRP A 1 22  ? -1.526  2.076   -4.325  1.00 20.59 ? 22   TRP A CE3 1 
ATOM   164  C  CZ2 . TRP A 1 22  ? -0.093  3.318   -2.238  1.00 21.19 ? 22   TRP A CZ2 1 
ATOM   165  C  CZ3 . TRP A 1 22  ? -0.927  1.344   -3.327  1.00 21.36 ? 22   TRP A CZ3 1 
ATOM   166  C  CH2 . TRP A 1 22  ? -0.215  1.964   -2.301  1.00 20.74 ? 22   TRP A CH2 1 
ATOM   167  N  N   . THR A 1 23  ? -2.348  2.310   -8.992  1.00 23.64 ? 23   THR A N   1 
ATOM   168  C  CA  . THR A 1 23  ? -3.068  1.577   -10.021 1.00 24.00 ? 23   THR A CA  1 
ATOM   169  C  C   . THR A 1 23  ? -3.498  0.230   -9.483  1.00 23.88 ? 23   THR A C   1 
ATOM   170  O  O   . THR A 1 23  ? -3.121  -0.164  -8.382  1.00 23.74 ? 23   THR A O   1 
ATOM   171  C  CB  . THR A 1 23  ? -2.211  1.374   -11.277 1.00 24.12 ? 23   THR A CB  1 
ATOM   172  O  OG1 . THR A 1 23  ? -1.137  0.476   -10.975 1.00 26.61 ? 23   THR A OG1 1 
ATOM   173  C  CG2 . THR A 1 23  ? -1.486  2.670   -11.680 1.00 24.51 ? 23   THR A CG2 1 
ATOM   174  N  N   . ALA A 1 24  ? -4.268  -0.497  -10.278 1.00 23.80 ? 24   ALA A N   1 
ATOM   175  C  CA  . ALA A 1 24  ? -4.729  -1.803  -9.854  1.00 23.80 ? 24   ALA A CA  1 
ATOM   176  C  C   . ALA A 1 24  ? -3.754  -2.919  -10.224 1.00 23.82 ? 24   ALA A C   1 
ATOM   177  O  O   . ALA A 1 24  ? -3.023  -2.825  -11.208 1.00 24.22 ? 24   ALA A O   1 
ATOM   178  C  CB  . ALA A 1 24  ? -6.104  -2.077  -10.443 1.00 23.74 ? 24   ALA A CB  1 
ATOM   179  N  N   . ALA A 1 25  ? -3.751  -3.973  -9.416  1.00 23.79 ? 25   ALA A N   1 
ATOM   180  C  CA  . ALA A 1 25  ? -2.994  -5.183  -9.719  1.00 24.28 ? 25   ALA A CA  1 
ATOM   181  C  C   . ALA A 1 25  ? -4.021  -6.261  -10.053 1.00 24.25 ? 25   ALA A C   1 
ATOM   182  O  O   . ALA A 1 25  ? -5.033  -6.378  -9.362  1.00 23.91 ? 25   ALA A O   1 
ATOM   183  C  CB  . ALA A 1 25  ? -2.140  -5.603  -8.534  1.00 24.42 ? 25   ALA A CB  1 
ATOM   184  N  N   . GLY A 1 26  ? -3.790  -7.020  -11.122 1.00 24.58 ? 26   GLY A N   1 
ATOM   185  C  CA  . GLY A 1 26  ? -4.748  -8.032  -11.530 1.00 24.91 ? 26   GLY A CA  1 
ATOM   186  C  C   . GLY A 1 26  ? -5.921  -7.390  -12.259 1.00 25.24 ? 26   GLY A C   1 
ATOM   187  O  O   . GLY A 1 26  ? -5.874  -6.202  -12.574 1.00 25.26 ? 26   GLY A O   1 
ATOM   188  N  N   . PRO A 1 27  ? -6.999  -8.143  -12.473 1.00 25.64 ? 27   PRO A N   1 
ATOM   189  C  CA  . PRO A 1 27  ? -8.135  -7.651  -13.261 1.00 25.76 ? 27   PRO A CA  1 
ATOM   190  C  C   . PRO A 1 27  ? -8.932  -6.644  -12.471 1.00 26.47 ? 27   PRO A C   1 
ATOM   191  O  O   . PRO A 1 27  ? -9.973  -6.171  -12.937 1.00 26.85 ? 27   PRO A O   1 
ATOM   192  C  CB  . PRO A 1 27  ? -8.998  -8.902  -13.491 1.00 26.17 ? 27   PRO A CB  1 
ATOM   193  C  CG  . PRO A 1 27  ? -8.304  -10.046 -12.826 1.00 25.71 ? 27   PRO A CG  1 
ATOM   194  C  CD  . PRO A 1 27  ? -7.235  -9.489  -11.915 1.00 25.21 ? 27   PRO A CD  1 
ATOM   195  N  N   . ALA A 1 28  ? -8.442  -6.307  -11.286 1.00 26.43 ? 28   ALA A N   1 
ATOM   196  C  CA  . ALA A 1 28  ? -9.148  -5.387  -10.413 1.00 26.67 ? 28   ALA A CA  1 
ATOM   197  C  C   . ALA A 1 28  ? -9.181  -3.951  -10.912 1.00 26.63 ? 28   ALA A C   1 
ATOM   198  O  O   . ALA A 1 28  ? -8.534  -3.572  -11.890 1.00 26.49 ? 28   ALA A O   1 
ATOM   199  C  CB  . ALA A 1 28  ? -8.556  -5.420  -9.014  1.00 26.87 ? 28   ALA A CB  1 
ATOM   200  N  N   . GLU A 1 29  ? -9.952  -3.147  -10.204 1.00 26.35 ? 29   GLU A N   1 
ATOM   201  C  CA  . GLU A 1 29  ? -10.013 -1.739  -10.512 1.00 26.27 ? 29   GLU A CA  1 
ATOM   202  C  C   . GLU A 1 29  ? -9.882  -0.936  -9.231  1.00 25.10 ? 29   GLU A C   1 
ATOM   203  O  O   . GLU A 1 29  ? -10.407 -1.336  -8.192  1.00 24.73 ? 29   GLU A O   1 
ATOM   204  C  CB  . GLU A 1 29  ? -11.319 -1.376  -11.219 1.00 26.32 ? 29   GLU A CB  1 
ATOM   205  C  CG  . GLU A 1 29  ? -11.364 0.094   -11.564 1.00 29.98 ? 29   GLU A CG  1 
ATOM   206  C  CD  . GLU A 1 29  ? -12.749 0.612   -11.909 1.00 33.10 ? 29   GLU A CD  1 
ATOM   207  O  OE1 . GLU A 1 29  ? -13.702 -0.192  -11.933 1.00 32.76 ? 29   GLU A OE1 1 
ATOM   208  O  OE2 . GLU A 1 29  ? -12.884 1.831   -12.153 1.00 34.32 ? 29   GLU A OE2 1 
ATOM   209  N  N   . VAL A 1 30  ? -9.165  0.180   -9.320  1.00 24.54 ? 30   VAL A N   1 
ATOM   210  C  CA  . VAL A 1 30  ? -9.041  1.126   -8.227  1.00 24.49 ? 30   VAL A CA  1 
ATOM   211  C  C   . VAL A 1 30  ? -9.638  2.446   -8.678  1.00 24.59 ? 30   VAL A C   1 
ATOM   212  O  O   . VAL A 1 30  ? -9.446  2.870   -9.824  1.00 24.43 ? 30   VAL A O   1 
ATOM   213  C  CB  . VAL A 1 30  ? -7.573  1.375   -7.803  1.00 24.70 ? 30   VAL A CB  1 
ATOM   214  C  CG1 . VAL A 1 30  ? -6.893  0.072   -7.467  1.00 24.44 ? 30   VAL A CG1 1 
ATOM   215  C  CG2 . VAL A 1 30  ? -6.805  2.142   -8.897  1.00 24.13 ? 30   VAL A CG2 1 
ATOM   216  N  N   . LEU A 1 31  ? -10.363 3.089   -7.771  1.00 24.62 ? 31   LEU A N   1 
ATOM   217  C  CA  . LEU A 1 31  ? -11.028 4.356   -8.068  1.00 24.84 ? 31   LEU A CA  1 
ATOM   218  C  C   . LEU A 1 31  ? -11.324 5.088   -6.783  1.00 24.63 ? 31   LEU A C   1 
ATOM   219  O  O   . LEU A 1 31  ? -11.459 4.470   -5.735  1.00 24.63 ? 31   LEU A O   1 
ATOM   220  C  CB  . LEU A 1 31  ? -12.336 4.140   -8.830  1.00 24.56 ? 31   LEU A CB  1 
ATOM   221  C  CG  . LEU A 1 31  ? -13.511 3.530   -8.060  1.00 25.31 ? 31   LEU A CG  1 
ATOM   222  C  CD1 . LEU A 1 31  ? -14.867 3.870   -8.714  1.00 24.43 ? 31   LEU A CD1 1 
ATOM   223  C  CD2 . LEU A 1 31  ? -13.345 2.022   -7.934  1.00 23.32 ? 31   LEU A CD2 1 
ATOM   224  N  N   . LEU A 1 32  ? -11.421 6.410   -6.873  1.00 24.97 ? 32   LEU A N   1 
ATOM   225  C  CA  . LEU A 1 32  ? -11.717 7.230   -5.713  1.00 25.08 ? 32   LEU A CA  1 
ATOM   226  C  C   . LEU A 1 32  ? -13.126 6.921   -5.238  1.00 25.64 ? 32   LEU A C   1 
ATOM   227  O  O   . LEU A 1 32  ? -14.002 6.701   -6.047  1.00 25.93 ? 32   LEU A O   1 
ATOM   228  C  CB  . LEU A 1 32  ? -11.601 8.701   -6.076  1.00 24.73 ? 32   LEU A CB  1 
ATOM   229  C  CG  . LEU A 1 32  ? -10.218 9.205   -6.484  1.00 25.12 ? 32   LEU A CG  1 
ATOM   230  C  CD1 . LEU A 1 32  ? -10.285 10.673  -6.927  1.00 23.36 ? 32   LEU A CD1 1 
ATOM   231  C  CD2 . LEU A 1 32  ? -9.214  9.030   -5.349  1.00 24.27 ? 32   LEU A CD2 1 
ATOM   232  N  N   . SER A 1 33  ? -13.344 6.892   -3.931  1.00 26.42 ? 33   SER A N   1 
ATOM   233  C  CA  . SER A 1 33  ? -14.673 6.632   -3.399  1.00 27.11 ? 33   SER A CA  1 
ATOM   234  C  C   . SER A 1 33  ? -14.975 7.406   -2.126  1.00 27.82 ? 33   SER A C   1 
ATOM   235  O  O   . SER A 1 33  ? -14.150 7.492   -1.215  1.00 27.13 ? 33   SER A O   1 
ATOM   236  C  CB  . SER A 1 33  ? -14.889 5.141   -3.167  1.00 27.02 ? 33   SER A CB  1 
ATOM   237  O  OG  . SER A 1 33  ? -16.054 4.907   -2.391  1.00 28.28 ? 33   SER A OG  1 
ATOM   238  N  N   . GLY A 1 34  ? -16.181 7.960   -2.069  1.00 29.00 ? 34   GLY A N   1 
ATOM   239  C  CA  . GLY A 1 34  ? -16.617 8.703   -0.907  1.00 30.49 ? 34   GLY A CA  1 
ATOM   240  C  C   . GLY A 1 34  ? -17.414 7.830   0.036   1.00 31.72 ? 34   GLY A C   1 
ATOM   241  O  O   . GLY A 1 34  ? -17.986 8.316   1.007   1.00 32.16 ? 34   GLY A O   1 
ATOM   242  N  N   . ARG A 1 35  ? -17.472 6.530   -0.224  1.00 33.01 ? 35   ARG A N   1 
ATOM   243  C  CA  . ARG A 1 35  ? -18.242 5.691   0.686   1.00 34.05 ? 35   ARG A CA  1 
ATOM   244  C  C   . ARG A 1 35  ? -17.678 5.711   2.108   1.00 34.19 ? 35   ARG A C   1 
ATOM   245  O  O   . ARG A 1 35  ? -18.434 5.753   3.080   1.00 34.40 ? 35   ARG A O   1 
ATOM   246  C  CB  . ARG A 1 35  ? -18.433 4.265   0.181   1.00 34.53 ? 35   ARG A CB  1 
ATOM   247  C  CG  . ARG A 1 35  ? -19.702 3.687   0.770   1.00 37.31 ? 35   ARG A CG  1 
ATOM   248  C  CD  . ARG A 1 35  ? -19.858 2.191   0.728   1.00 42.43 ? 35   ARG A CD  1 
ATOM   249  N  NE  . ARG A 1 35  ? -20.661 1.777   1.875   1.00 45.75 ? 35   ARG A NE  1 
ATOM   250  C  CZ  . ARG A 1 35  ? -21.277 0.609   1.993   1.00 47.58 ? 35   ARG A CZ  1 
ATOM   251  N  NH1 . ARG A 1 35  ? -21.191 -0.300  1.031   1.00 49.38 ? 35   ARG A NH1 1 
ATOM   252  N  NH2 . ARG A 1 35  ? -21.977 0.347   3.086   1.00 49.08 ? 35   ARG A NH2 1 
ATOM   253  N  N   . THR A 1 36  ? -16.355 5.686   2.234   1.00 34.07 ? 36   THR A N   1 
ATOM   254  C  CA  . THR A 1 36  ? -15.725 5.772   3.547   1.00 33.50 ? 36   THR A CA  1 
ATOM   255  C  C   . THR A 1 36  ? -14.375 6.484   3.427   1.00 33.32 ? 36   THR A C   1 
ATOM   256  O  O   . THR A 1 36  ? -13.786 6.550   2.356   1.00 33.25 ? 36   THR A O   1 
ATOM   257  C  CB  . THR A 1 36  ? -15.581 4.373   4.186   1.00 33.36 ? 36   THR A CB  1 
ATOM   258  O  OG1 . THR A 1 36  ? -14.950 4.482   5.471   1.00 32.82 ? 36   THR A OG1 1 
ATOM   259  C  CG2 . THR A 1 36  ? -14.616 3.531   3.396   1.00 33.47 ? 36   THR A CG2 1 
ATOM   260  N  N   . ALA A 1 37  ? -13.898 7.037   4.525   1.00 32.92 ? 37   ALA A N   1 
ATOM   261  C  CA  . ALA A 1 37  ? -12.644 7.763   4.496   1.00 32.98 ? 37   ALA A CA  1 
ATOM   262  C  C   . ALA A 1 37  ? -12.027 7.720   5.873   1.00 32.91 ? 37   ALA A C   1 
ATOM   263  O  O   . ALA A 1 37  ? -12.720 7.556   6.873   1.00 32.90 ? 37   ALA A O   1 
ATOM   264  C  CB  . ALA A 1 37  ? -12.870 9.206   4.060   1.00 32.54 ? 37   ALA A CB  1 
ATOM   265  N  N   . TYR A 1 38  ? -10.716 7.855   5.925   1.00 33.07 ? 38   TYR A N   1 
ATOM   266  C  CA  . TYR A 1 38  ? -10.039 7.831   7.196   1.00 33.52 ? 38   TYR A CA  1 
ATOM   267  C  C   . TYR A 1 38  ? -9.777  9.276   7.532   1.00 33.28 ? 38   TYR A C   1 
ATOM   268  O  O   . TYR A 1 38  ? -9.998  9.726   8.645   1.00 32.86 ? 38   TYR A O   1 
ATOM   269  C  CB  . TYR A 1 38  ? -8.745  7.042   7.076   1.00 33.77 ? 38   TYR A CB  1 
ATOM   270  C  CG  . TYR A 1 38  ? -7.877  7.156   8.293   1.00 34.97 ? 38   TYR A CG  1 
ATOM   271  C  CD1 . TYR A 1 38  ? -8.254  6.571   9.492   1.00 35.79 ? 38   TYR A CD1 1 
ATOM   272  C  CD2 . TYR A 1 38  ? -6.691  7.860   8.247   1.00 35.97 ? 38   TYR A CD2 1 
ATOM   273  C  CE1 . TYR A 1 38  ? -7.463  6.679   10.611  1.00 37.03 ? 38   TYR A CE1 1 
ATOM   274  C  CE2 . TYR A 1 38  ? -5.893  7.971   9.354   1.00 37.44 ? 38   TYR A CE2 1 
ATOM   275  C  CZ  . TYR A 1 38  ? -6.281  7.383   10.533  1.00 37.58 ? 38   TYR A CZ  1 
ATOM   276  O  OH  . TYR A 1 38  ? -5.477  7.502   11.637  1.00 37.75 ? 38   TYR A OH  1 
ATOM   277  N  N   . LYS A 1 39  ? -9.298  9.991   6.526   1.00 33.49 ? 39   LYS A N   1 
ATOM   278  C  CA  . LYS A 1 39  ? -9.123  11.419  6.594   1.00 33.70 ? 39   LYS A CA  1 
ATOM   279  C  C   . LYS A 1 39  ? -9.744  11.978  5.319   1.00 33.60 ? 39   LYS A C   1 
ATOM   280  O  O   . LYS A 1 39  ? -9.777  11.306  4.281   1.00 33.45 ? 39   LYS A O   1 
ATOM   281  C  CB  . LYS A 1 39  ? -7.649  11.803  6.722   1.00 33.87 ? 39   LYS A CB  1 
ATOM   282  C  CG  . LYS A 1 39  ? -7.058  11.530  8.109   1.00 34.68 ? 39   LYS A CG  1 
ATOM   283  C  CD  . LYS A 1 39  ? -5.753  12.313  8.344   1.00 35.87 ? 39   LYS A CD  1 
ATOM   284  C  CE  . LYS A 1 39  ? -5.178  12.001  9.729   1.00 36.58 ? 39   LYS A CE  1 
ATOM   285  N  NZ  . LYS A 1 39  ? -3.809  12.571  9.933   1.00 34.69 ? 39   LYS A NZ  1 
ATOM   286  N  N   . GLY A 1 40  ? -10.262 13.197  5.404   1.00 33.57 ? 40   GLY A N   1 
ATOM   287  C  CA  . GLY A 1 40  ? -10.900 13.818  4.256   1.00 33.14 ? 40   GLY A CA  1 
ATOM   288  C  C   . GLY A 1 40  ? -12.246 13.205  3.932   1.00 32.68 ? 40   GLY A C   1 
ATOM   289  O  O   . GLY A 1 40  ? -12.913 12.643  4.793   1.00 32.34 ? 40   GLY A O   1 
ATOM   290  N  N   . SER A 1 41  ? -12.647 13.300  2.674   1.00 32.54 ? 41   SER A N   1 
ATOM   291  C  CA  . SER A 1 41  ? -13.939 12.772  2.272   1.00 32.20 ? 41   SER A CA  1 
ATOM   292  C  C   . SER A 1 41  ? -13.802 11.478  1.488   1.00 31.44 ? 41   SER A C   1 
ATOM   293  O  O   . SER A 1 41  ? -14.790 10.798  1.231   1.00 31.34 ? 41   SER A O   1 
ATOM   294  C  CB  . SER A 1 41  ? -14.649 13.810  1.409   1.00 32.65 ? 41   SER A CB  1 
ATOM   295  O  OG  . SER A 1 41  ? -13.790 14.207  0.350   1.00 34.52 ? 41   SER A OG  1 
ATOM   296  N  N   . GLU A 1 42  ? -12.577 11.127  1.105   1.00 30.35 ? 42   GLU A N   1 
ATOM   297  C  CA  . GLU A 1 42  ? -12.407 9.954   0.262   1.00 29.44 ? 42   GLU A CA  1 
ATOM   298  C  C   . GLU A 1 42  ? -11.206 9.076   0.549   1.00 28.40 ? 42   GLU A C   1 
ATOM   299  O  O   . GLU A 1 42  ? -10.199 9.507   1.128   1.00 28.21 ? 42   GLU A O   1 
ATOM   300  C  CB  . GLU A 1 42  ? -12.312 10.377  -1.202  1.00 29.47 ? 42   GLU A CB  1 
ATOM   301  C  CG  . GLU A 1 42  ? -13.535 11.055  -1.761  1.00 31.18 ? 42   GLU A CG  1 
ATOM   302  C  CD  . GLU A 1 42  ? -13.277 11.593  -3.141  1.00 32.25 ? 42   GLU A CD  1 
ATOM   303  O  OE1 . GLU A 1 42  ? -12.167 12.115  -3.385  1.00 32.88 ? 42   GLU A OE1 1 
ATOM   304  O  OE2 . GLU A 1 42  ? -14.182 11.473  -3.981  1.00 35.65 ? 42   GLU A OE2 1 
ATOM   305  N  N   . SER A 1 43  ? -11.332 7.839   0.091   1.00 26.94 ? 43   SER A N   1 
ATOM   306  C  CA  . SER A 1 43  ? -10.266 6.867   0.155   1.00 26.31 ? 43   SER A CA  1 
ATOM   307  C  C   . SER A 1 43  ? -10.209 6.230   -1.228  1.00 25.63 ? 43   SER A C   1 
ATOM   308  O  O   . SER A 1 43  ? -11.013 6.574   -2.112  1.00 24.87 ? 43   SER A O   1 
ATOM   309  C  CB  . SER A 1 43  ? -10.586 5.812   1.205   1.00 26.13 ? 43   SER A CB  1 
ATOM   310  O  OG  . SER A 1 43  ? -11.788 5.142   0.866   1.00 27.00 ? 43   SER A OG  1 
ATOM   311  N  N   . LEU A 1 44  ? -9.265  5.314   -1.417  1.00 24.50 ? 44   LEU A N   1 
ATOM   312  C  CA  . LEU A 1 44  ? -9.149  4.602   -2.674  1.00 23.86 ? 44   LEU A CA  1 
ATOM   313  C  C   . LEU A 1 44  ? -9.833  3.257   -2.534  1.00 24.12 ? 44   LEU A C   1 
ATOM   314  O  O   . LEU A 1 44  ? -9.542  2.484   -1.621  1.00 23.96 ? 44   LEU A O   1 
ATOM   315  C  CB  . LEU A 1 44  ? -7.687  4.409   -3.079  1.00 23.70 ? 44   LEU A CB  1 
ATOM   316  C  CG  . LEU A 1 44  ? -7.490  3.733   -4.440  1.00 22.69 ? 44   LEU A CG  1 
ATOM   317  C  CD1 . LEU A 1 44  ? -7.732  4.735   -5.589  1.00 20.52 ? 44   LEU A CD1 1 
ATOM   318  C  CD2 . LEU A 1 44  ? -6.112  3.123   -4.535  1.00 20.87 ? 44   LEU A CD2 1 
ATOM   319  N  N   . LEU A 1 45  ? -10.755 2.982   -3.443  1.00 24.24 ? 45   LEU A N   1 
ATOM   320  C  CA  . LEU A 1 45  ? -11.499 1.732   -3.415  1.00 24.20 ? 45   LEU A CA  1 
ATOM   321  C  C   . LEU A 1 45  ? -10.867 0.722   -4.368  1.00 24.14 ? 45   LEU A C   1 
ATOM   322  O  O   . LEU A 1 45  ? -10.517 1.046   -5.503  1.00 24.34 ? 45   LEU A O   1 
ATOM   323  C  CB  . LEU A 1 45  ? -12.950 1.988   -3.809  1.00 24.31 ? 45   LEU A CB  1 
ATOM   324  C  CG  . LEU A 1 45  ? -13.818 0.788   -4.202  1.00 24.14 ? 45   LEU A CG  1 
ATOM   325  C  CD1 . LEU A 1 45  ? -13.836 -0.271  -3.112  1.00 25.14 ? 45   LEU A CD1 1 
ATOM   326  C  CD2 . LEU A 1 45  ? -15.219 1.264   -4.499  1.00 23.37 ? 45   LEU A CD2 1 
ATOM   327  N  N   . VAL A 1 46  ? -10.731 -0.504  -3.896  1.00 23.61 ? 46   VAL A N   1 
ATOM   328  C  CA  . VAL A 1 46  ? -10.144 -1.559  -4.676  1.00 23.58 ? 46   VAL A CA  1 
ATOM   329  C  C   . VAL A 1 46  ? -11.223 -2.617  -4.862  1.00 24.30 ? 46   VAL A C   1 
ATOM   330  O  O   . VAL A 1 46  ? -11.678 -3.222  -3.887  1.00 24.21 ? 46   VAL A O   1 
ATOM   331  C  CB  . VAL A 1 46  ? -8.919  -2.152  -3.940  1.00 23.22 ? 46   VAL A CB  1 
ATOM   332  C  CG1 . VAL A 1 46  ? -8.252  -3.226  -4.769  1.00 22.34 ? 46   VAL A CG1 1 
ATOM   333  C  CG2 . VAL A 1 46  ? -7.924  -1.045  -3.584  1.00 22.35 ? 46   VAL A CG2 1 
ATOM   334  N  N   . ARG A 1 47  ? -11.647 -2.834  -6.107  1.00 24.82 ? 47   ARG A N   1 
ATOM   335  C  CA  . ARG A 1 47  ? -12.731 -3.784  -6.363  1.00 25.13 ? 47   ARG A CA  1 
ATOM   336  C  C   . ARG A 1 47  ? -12.512 -4.660  -7.585  1.00 25.07 ? 47   ARG A C   1 
ATOM   337  O  O   . ARG A 1 47  ? -11.493 -4.549  -8.266  1.00 25.01 ? 47   ARG A O   1 
ATOM   338  C  CB  . ARG A 1 47  ? -14.066 -3.043  -6.499  1.00 25.62 ? 47   ARG A CB  1 
ATOM   339  C  CG  . ARG A 1 47  ? -14.160 -2.132  -7.710  1.00 26.40 ? 47   ARG A CG  1 
ATOM   340  C  CD  . ARG A 1 47  ? -15.580 -1.744  -8.085  1.00 28.82 ? 47   ARG A CD  1 
ATOM   341  N  NE  . ARG A 1 47  ? -15.597 -0.962  -9.314  1.00 31.85 ? 47   ARG A NE  1 
ATOM   342  C  CZ  . ARG A 1 47  ? -16.435 0.042   -9.557  1.00 33.47 ? 47   ARG A CZ  1 
ATOM   343  N  NH1 . ARG A 1 47  ? -17.354 0.386   -8.664  1.00 33.07 ? 47   ARG A NH1 1 
ATOM   344  N  NH2 . ARG A 1 47  ? -16.363 0.701   -10.704 1.00 34.74 ? 47   ARG A NH2 1 
ATOM   345  N  N   . ASN A 1 48  ? -13.501 -5.509  -7.866  1.00 25.14 ? 48   ASN A N   1 
ATOM   346  C  CA  . ASN A 1 48  ? -13.441 -6.475  -8.965  1.00 24.84 ? 48   ASN A CA  1 
ATOM   347  C  C   . ASN A 1 48  ? -12.263 -7.410  -8.819  1.00 24.42 ? 48   ASN A C   1 
ATOM   348  O  O   . ASN A 1 48  ? -11.676 -7.856  -9.802  1.00 24.39 ? 48   ASN A O   1 
ATOM   349  C  CB  . ASN A 1 48  ? -13.405 -5.773  -10.331 1.00 25.28 ? 48   ASN A CB  1 
ATOM   350  C  CG  . ASN A 1 48  ? -14.685 -4.998  -10.632 1.00 27.12 ? 48   ASN A CG  1 
ATOM   351  O  OD1 . ASN A 1 48  ? -15.762 -5.324  -10.129 1.00 27.98 ? 48   ASN A OD1 1 
ATOM   352  N  ND2 . ASN A 1 48  ? -14.569 -3.967  -11.463 1.00 30.40 ? 48   ASN A ND2 1 
ATOM   353  N  N   . ARG A 1 49  ? -11.917 -7.720  -7.578  1.00 24.14 ? 49   ARG A N   1 
ATOM   354  C  CA  . ARG A 1 49  ? -10.857 -8.684  -7.331  1.00 23.71 ? 49   ARG A CA  1 
ATOM   355  C  C   . ARG A 1 49  ? -11.442 -10.073 -7.559  1.00 23.54 ? 49   ARG A C   1 
ATOM   356  O  O   . ARG A 1 49  ? -12.599 -10.312 -7.217  1.00 23.30 ? 49   ARG A O   1 
ATOM   357  C  CB  . ARG A 1 49  ? -10.318 -8.530  -5.906  1.00 23.23 ? 49   ARG A CB  1 
ATOM   358  C  CG  . ARG A 1 49  ? -9.822  -7.119  -5.595  1.00 23.18 ? 49   ARG A CG  1 
ATOM   359  C  CD  . ARG A 1 49  ? -9.408  -6.881  -4.135  1.00 21.70 ? 49   ARG A CD  1 
ATOM   360  N  NE  . ARG A 1 49  ? -8.409  -7.836  -3.662  1.00 20.88 ? 49   ARG A NE  1 
ATOM   361  C  CZ  . ARG A 1 49  ? -8.476  -8.495  -2.502  1.00 22.53 ? 49   ARG A CZ  1 
ATOM   362  N  NH1 . ARG A 1 49  ? -9.500  -8.308  -1.667  1.00 20.90 ? 49   ARG A NH1 1 
ATOM   363  N  NH2 . ARG A 1 49  ? -7.509  -9.346  -2.165  1.00 20.91 ? 49   ARG A NH2 1 
ATOM   364  N  N   . THR A 1 50  ? -10.657 -10.976 -8.154  1.00 23.72 ? 50   THR A N   1 
ATOM   365  C  CA  . THR A 1 50  ? -11.091 -12.349 -8.407  1.00 23.72 ? 50   THR A CA  1 
ATOM   366  C  C   . THR A 1 50  ? -10.096 -13.309 -7.771  1.00 23.65 ? 50   THR A C   1 
ATOM   367  O  O   . THR A 1 50  ? -10.313 -14.530 -7.721  1.00 24.04 ? 50   THR A O   1 
ATOM   368  C  CB  . THR A 1 50  ? -11.239 -12.640 -9.921  1.00 24.31 ? 50   THR A CB  1 
ATOM   369  O  OG1 . THR A 1 50  ? -10.039 -12.271 -10.621 1.00 24.77 ? 50   THR A OG1 1 
ATOM   370  C  CG2 . THR A 1 50  ? -12.340 -11.753 -10.549 1.00 24.53 ? 50   THR A CG2 1 
ATOM   371  N  N   . ALA A 1 51  ? -8.993  -12.750 -7.291  1.00 23.01 ? 51   ALA A N   1 
ATOM   372  C  CA  . ALA A 1 51  ? -7.988  -13.540 -6.586  1.00 22.48 ? 51   ALA A CA  1 
ATOM   373  C  C   . ALA A 1 51  ? -7.389  -12.708 -5.470  1.00 21.94 ? 51   ALA A C   1 
ATOM   374  O  O   . ALA A 1 51  ? -7.360  -11.483 -5.553  1.00 22.42 ? 51   ALA A O   1 
ATOM   375  C  CB  . ALA A 1 51  ? -6.913  -14.050 -7.538  1.00 22.24 ? 51   ALA A CB  1 
ATOM   376  N  N   . ALA A 1 52  ? -6.915  -13.381 -4.431  1.00 21.62 ? 52   ALA A N   1 
ATOM   377  C  CA  . ALA A 1 52  ? -6.386  -12.726 -3.241  1.00 21.38 ? 52   ALA A CA  1 
ATOM   378  C  C   . ALA A 1 52  ? -5.196  -11.852 -3.570  1.00 20.94 ? 52   ALA A C   1 
ATOM   379  O  O   . ALA A 1 52  ? -5.042  -10.760 -3.023  1.00 20.55 ? 52   ALA A O   1 
ATOM   380  C  CB  . ALA A 1 52  ? -6.018  -13.764 -2.172  1.00 21.03 ? 52   ALA A CB  1 
ATOM   381  N  N   . TRP A 1 53  ? -4.374  -12.321 -4.500  1.00 20.70 ? 53   TRP A N   1 
ATOM   382  C  CA  . TRP A 1 53  ? -3.179  -11.584 -4.889  1.00 20.28 ? 53   TRP A CA  1 
ATOM   383  C  C   . TRP A 1 53  ? -3.522  -10.249 -5.558  1.00 20.61 ? 53   TRP A C   1 
ATOM   384  O  O   . TRP A 1 53  ? -2.679  -9.356  -5.650  1.00 20.64 ? 53   TRP A O   1 
ATOM   385  C  CB  . TRP A 1 53  ? -2.254  -12.470 -5.755  1.00 20.66 ? 53   TRP A CB  1 
ATOM   386  C  CG  . TRP A 1 53  ? -2.857  -12.974 -7.044  1.00 19.00 ? 53   TRP A CG  1 
ATOM   387  C  CD1 . TRP A 1 53  ? -3.442  -14.185 -7.265  1.00 19.06 ? 53   TRP A CD1 1 
ATOM   388  C  CD2 . TRP A 1 53  ? -2.907  -12.276 -8.294  1.00 19.23 ? 53   TRP A CD2 1 
ATOM   389  N  NE1 . TRP A 1 53  ? -3.850  -14.290 -8.574  1.00 19.76 ? 53   TRP A NE1 1 
ATOM   390  C  CE2 . TRP A 1 53  ? -3.552  -13.118 -9.224  1.00 19.36 ? 53   TRP A CE2 1 
ATOM   391  C  CE3 . TRP A 1 53  ? -2.477  -11.016 -8.722  1.00 20.06 ? 53   TRP A CE3 1 
ATOM   392  C  CZ2 . TRP A 1 53  ? -3.763  -12.748 -10.548 1.00 18.10 ? 53   TRP A CZ2 1 
ATOM   393  C  CZ3 . TRP A 1 53  ? -2.702  -10.643 -10.036 1.00 19.39 ? 53   TRP A CZ3 1 
ATOM   394  C  CH2 . TRP A 1 53  ? -3.334  -11.510 -10.934 1.00 18.00 ? 53   TRP A CH2 1 
ATOM   395  N  N   . ASN A 1 54  ? -4.766  -10.091 -5.998  1.00 20.59 ? 54   ASN A N   1 
ATOM   396  C  CA  . ASN A 1 54  ? -5.177  -8.831  -6.617  1.00 21.23 ? 54   ASN A CA  1 
ATOM   397  C  C   . ASN A 1 54  ? -5.246  -7.709  -5.589  1.00 20.77 ? 54   ASN A C   1 
ATOM   398  O  O   . ASN A 1 54  ? -5.572  -7.948  -4.437  1.00 20.12 ? 54   ASN A O   1 
ATOM   399  C  CB  . ASN A 1 54  ? -6.551  -8.956  -7.284  1.00 21.33 ? 54   ASN A CB  1 
ATOM   400  C  CG  . ASN A 1 54  ? -6.608  -10.071 -8.310  1.00 23.92 ? 54   ASN A CG  1 
ATOM   401  O  OD1 . ASN A 1 54  ? -7.631  -10.251 -8.966  1.00 26.12 ? 54   ASN A OD1 1 
ATOM   402  N  ND2 . ASN A 1 54  ? -5.516  -10.818 -8.457  1.00 22.35 ? 54   ASN A ND2 1 
ATOM   403  N  N   . GLY A 1 55  ? -4.966  -6.481  -6.010  1.00 20.74 ? 55   GLY A N   1 
ATOM   404  C  CA  . GLY A 1 55  ? -4.988  -5.377  -5.073  1.00 21.05 ? 55   GLY A CA  1 
ATOM   405  C  C   . GLY A 1 55  ? -4.638  -4.043  -5.686  1.00 20.69 ? 55   GLY A C   1 
ATOM   406  O  O   . GLY A 1 55  ? -5.027  -3.753  -6.803  1.00 20.98 ? 55   GLY A O   1 
ATOM   407  N  N   . ALA A 1 56  ? -3.908  -3.230  -4.937  1.00 20.79 ? 56   ALA A N   1 
ATOM   408  C  CA  . ALA A 1 56  ? -3.510  -1.906  -5.392  1.00 20.91 ? 56   ALA A CA  1 
ATOM   409  C  C   . ALA A 1 56  ? -2.003  -1.767  -5.270  1.00 21.40 ? 56   ALA A C   1 
ATOM   410  O  O   . ALA A 1 56  ? -1.404  -2.268  -4.314  1.00 21.71 ? 56   ALA A O   1 
ATOM   411  C  CB  . ALA A 1 56  ? -4.212  -0.838  -4.574  1.00 20.65 ? 56   ALA A CB  1 
ATOM   412  N  N   . GLN A 1 57  ? -1.386  -1.099  -6.237  1.00 21.33 ? 57   GLN A N   1 
ATOM   413  C  CA  . GLN A 1 57  ? 0.061   -0.965  -6.236  1.00 21.44 ? 57   GLN A CA  1 
ATOM   414  C  C   . GLN A 1 57  ? 0.496   0.418   -6.713  1.00 21.47 ? 57   GLN A C   1 
ATOM   415  O  O   . GLN A 1 57  ? -0.263  1.136   -7.371  1.00 21.27 ? 57   GLN A O   1 
ATOM   416  C  CB  . GLN A 1 57  ? 0.716   -2.058  -7.099  1.00 21.30 ? 57   GLN A CB  1 
ATOM   417  C  CG  . GLN A 1 57  ? 0.367   -1.965  -8.570  1.00 21.35 ? 57   GLN A CG  1 
ATOM   418  C  CD  . GLN A 1 57  ? 0.882   -3.134  -9.408  1.00 21.14 ? 57   GLN A CD  1 
ATOM   419  O  OE1 . GLN A 1 57  ? 1.921   -3.728  -9.105  1.00 21.34 ? 57   GLN A OE1 1 
ATOM   420  N  NE2 . GLN A 1 57  ? 0.161   -3.449  -10.477 1.00 20.15 ? 57   GLN A NE2 1 
ATOM   421  N  N   . ARG A 1 58  ? 1.729   0.774   -6.375  1.00 21.25 ? 58   ARG A N   1 
ATOM   422  C  CA  . ARG A 1 58  ? 2.293   2.066   -6.728  1.00 21.45 ? 58   ARG A CA  1 
ATOM   423  C  C   . ARG A 1 58  ? 3.801   1.939   -6.929  1.00 21.20 ? 58   ARG A C   1 
ATOM   424  O  O   . ARG A 1 58  ? 4.519   1.525   -6.023  1.00 20.56 ? 58   ARG A O   1 
ATOM   425  C  CB  . ARG A 1 58  ? 1.986   3.096   -5.636  1.00 21.61 ? 58   ARG A CB  1 
ATOM   426  C  CG  . ARG A 1 58  ? 2.590   4.489   -5.908  1.00 22.48 ? 58   ARG A CG  1 
ATOM   427  C  CD  . ARG A 1 58  ? 3.005   5.252   -4.635  1.00 25.37 ? 58   ARG A CD  1 
ATOM   428  N  NE  . ARG A 1 58  ? 3.139   6.692   -4.866  1.00 26.91 ? 58   ARG A NE  1 
ATOM   429  C  CZ  . ARG A 1 58  ? 4.255   7.283   -5.266  1.00 28.43 ? 58   ARG A CZ  1 
ATOM   430  N  NH1 . ARG A 1 58  ? 5.356   6.567   -5.476  1.00 28.89 ? 58   ARG A NH1 1 
ATOM   431  N  NH2 . ARG A 1 58  ? 4.276   8.596   -5.449  1.00 28.76 ? 58   ARG A NH2 1 
ATOM   432  N  N   . ALA A 1 59  ? 4.265   2.298   -8.122  1.00 21.39 ? 59   ALA A N   1 
ATOM   433  C  CA  . ALA A 1 59  ? 5.680   2.221   -8.470  1.00 22.30 ? 59   ALA A CA  1 
ATOM   434  C  C   . ALA A 1 59  ? 6.512   3.089   -7.546  1.00 22.39 ? 59   ALA A C   1 
ATOM   435  O  O   . ALA A 1 59  ? 6.054   4.127   -7.085  1.00 22.18 ? 59   ALA A O   1 
ATOM   436  C  CB  . ALA A 1 59  ? 5.901   2.645   -9.938  1.00 22.08 ? 59   ALA A CB  1 
ATOM   437  N  N   . LEU A 1 60  ? 7.722   2.640   -7.244  1.00 23.31 ? 60   LEU A N   1 
ATOM   438  C  CA  . LEU A 1 60  ? 8.632   3.441   -6.432  1.00 24.33 ? 60   LEU A CA  1 
ATOM   439  C  C   . LEU A 1 60  ? 9.793   3.886   -7.308  1.00 25.09 ? 60   LEU A C   1 
ATOM   440  O  O   . LEU A 1 60  ? 10.421  3.055   -7.970  1.00 25.28 ? 60   LEU A O   1 
ATOM   441  C  CB  . LEU A 1 60  ? 9.159   2.643   -5.238  1.00 23.82 ? 60   LEU A CB  1 
ATOM   442  C  CG  . LEU A 1 60  ? 8.159   2.198   -4.160  1.00 24.57 ? 60   LEU A CG  1 
ATOM   443  C  CD1 . LEU A 1 60  ? 8.870   1.471   -3.023  1.00 23.90 ? 60   LEU A CD1 1 
ATOM   444  C  CD2 . LEU A 1 60  ? 7.373   3.367   -3.614  1.00 23.94 ? 60   LEU A CD2 1 
ATOM   445  N  N   . ASN A 1 61  ? 10.077  5.184   -7.326  1.00 26.00 ? 61   ASN A N   1 
ATOM   446  C  CA  . ASN A 1 61  ? 11.216  5.685   -8.092  1.00 27.02 ? 61   ASN A CA  1 
ATOM   447  C  C   . ASN A 1 61  ? 12.532  5.284   -7.443  1.00 27.35 ? 61   ASN A C   1 
ATOM   448  O  O   . ASN A 1 61  ? 12.772  5.572   -6.277  1.00 26.70 ? 61   ASN A O   1 
ATOM   449  C  CB  . ASN A 1 61  ? 11.162  7.204   -8.208  1.00 27.75 ? 61   ASN A CB  1 
ATOM   450  C  CG  . ASN A 1 61  ? 12.213  7.754   -9.152  1.00 29.43 ? 61   ASN A CG  1 
ATOM   451  O  OD1 . ASN A 1 61  ? 13.346  7.245   -9.229  1.00 29.19 ? 61   ASN A OD1 1 
ATOM   452  N  ND2 . ASN A 1 61  ? 11.840  8.790   -9.894  1.00 30.74 ? 61   ASN A ND2 1 
ATOM   453  N  N   . PRO A 1 62  ? 13.390  4.636   -8.214  1.00 28.28 ? 62   PRO A N   1 
ATOM   454  C  CA  . PRO A 1 62  ? 14.687  4.156   -7.709  1.00 29.15 ? 62   PRO A CA  1 
ATOM   455  C  C   . PRO A 1 62  ? 15.600  5.310   -7.279  1.00 30.01 ? 62   PRO A C   1 
ATOM   456  O  O   . PRO A 1 62  ? 16.517  5.082   -6.492  1.00 30.04 ? 62   PRO A O   1 
ATOM   457  C  CB  . PRO A 1 62  ? 15.303  3.397   -8.895  1.00 28.94 ? 62   PRO A CB  1 
ATOM   458  C  CG  . PRO A 1 62  ? 14.372  3.576   -10.063 1.00 29.47 ? 62   PRO A CG  1 
ATOM   459  C  CD  . PRO A 1 62  ? 13.169  4.345   -9.641  1.00 28.41 ? 62   PRO A CD  1 
ATOM   460  N  N   . ARG A 1 63  ? 15.356  6.521   -7.783  1.00 30.89 ? 63   ARG A N   1 
ATOM   461  C  CA  . ARG A 1 63  ? 16.131  7.692   -7.357  1.00 32.00 ? 63   ARG A CA  1 
ATOM   462  C  C   . ARG A 1 63  ? 15.757  8.087   -5.932  1.00 31.04 ? 63   ARG A C   1 
ATOM   463  O  O   . ARG A 1 63  ? 16.601  8.506   -5.136  1.00 31.28 ? 63   ARG A O   1 
ATOM   464  C  CB  . ARG A 1 63  ? 15.893  8.886   -8.287  1.00 32.55 ? 63   ARG A CB  1 
ATOM   465  C  CG  . ARG A 1 63  ? 16.486  8.724   -9.693  1.00 37.37 ? 63   ARG A CG  1 
ATOM   466  C  CD  . ARG A 1 63  ? 15.989  9.772   -10.700 1.00 44.88 ? 63   ARG A CD  1 
ATOM   467  N  NE  . ARG A 1 63  ? 16.399  9.461   -12.074 1.00 49.69 ? 63   ARG A NE  1 
ATOM   468  C  CZ  . ARG A 1 63  ? 16.228  10.281  -13.107 1.00 52.35 ? 63   ARG A CZ  1 
ATOM   469  N  NH1 . ARG A 1 63  ? 16.632  9.915   -14.320 1.00 52.99 ? 63   ARG A NH1 1 
ATOM   470  N  NH2 . ARG A 1 63  ? 15.655  11.470  -12.929 1.00 53.53 ? 63   ARG A NH2 1 
ATOM   471  N  N   . THR A 1 64  ? 14.479  7.966   -5.618  1.00 29.63 ? 64   THR A N   1 
ATOM   472  C  CA  . THR A 1 64  ? 13.995  8.330   -4.302  1.00 28.28 ? 64   THR A CA  1 
ATOM   473  C  C   . THR A 1 64  ? 14.177  7.202   -3.309  1.00 27.35 ? 64   THR A C   1 
ATOM   474  O  O   . THR A 1 64  ? 14.713  7.403   -2.223  1.00 27.40 ? 64   THR A O   1 
ATOM   475  C  CB  . THR A 1 64  ? 12.523  8.676   -4.391  1.00 28.48 ? 64   THR A CB  1 
ATOM   476  O  OG1 . THR A 1 64  ? 12.343  9.711   -5.362  1.00 28.38 ? 64   THR A OG1 1 
ATOM   477  C  CG2 . THR A 1 64  ? 12.052  9.297   -3.092  1.00 28.45 ? 64   THR A CG2 1 
ATOM   478  N  N   . PHE A 1 65  ? 13.699  6.016   -3.672  1.00 26.08 ? 65   PHE A N   1 
ATOM   479  C  CA  . PHE A 1 65  ? 13.798  4.854   -2.795  1.00 25.14 ? 65   PHE A CA  1 
ATOM   480  C  C   . PHE A 1 65  ? 14.982  3.987   -3.244  1.00 24.42 ? 65   PHE A C   1 
ATOM   481  O  O   . PHE A 1 65  ? 14.847  3.092   -4.088  1.00 23.83 ? 65   PHE A O   1 
ATOM   482  C  CB  . PHE A 1 65  ? 12.465  4.078   -2.746  1.00 24.60 ? 65   PHE A CB  1 
ATOM   483  C  CG  . PHE A 1 65  ? 11.297  4.892   -2.213  1.00 24.22 ? 65   PHE A CG  1 
ATOM   484  C  CD1 . PHE A 1 65  ? 10.479  5.617   -3.076  1.00 22.69 ? 65   PHE A CD1 1 
ATOM   485  C  CD2 . PHE A 1 65  ? 11.009  4.918   -0.853  1.00 22.69 ? 65   PHE A CD2 1 
ATOM   486  C  CE1 . PHE A 1 65  ? 9.418   6.352   -2.598  1.00 21.19 ? 65   PHE A CE1 1 
ATOM   487  C  CE2 . PHE A 1 65  ? 9.950   5.655   -0.363  1.00 22.12 ? 65   PHE A CE2 1 
ATOM   488  C  CZ  . PHE A 1 65  ? 9.152   6.384   -1.231  1.00 20.52 ? 65   PHE A CZ  1 
ATOM   489  N  N   . VAL A 1 66  ? 16.148  4.283   -2.679  1.00 24.07 ? 66   VAL A N   1 
ATOM   490  C  CA  . VAL A 1 66  ? 17.382  3.603   -3.049  1.00 24.02 ? 66   VAL A CA  1 
ATOM   491  C  C   . VAL A 1 66  ? 17.466  2.197   -2.456  1.00 23.56 ? 66   VAL A C   1 
ATOM   492  O  O   . VAL A 1 66  ? 17.434  2.019   -1.242  1.00 23.89 ? 66   VAL A O   1 
ATOM   493  C  CB  . VAL A 1 66  ? 18.626  4.432   -2.655  1.00 24.40 ? 66   VAL A CB  1 
ATOM   494  C  CG1 . VAL A 1 66  ? 19.891  3.849   -3.283  1.00 24.70 ? 66   VAL A CG1 1 
ATOM   495  C  CG2 . VAL A 1 66  ? 18.456  5.901   -3.082  1.00 24.31 ? 66   VAL A CG2 1 
ATOM   496  N  N   . PRO A 1 67  ? 17.533  1.194   -3.321  1.00 23.20 ? 67   PRO A N   1 
ATOM   497  C  CA  . PRO A 1 67  ? 17.679  -0.198  -2.882  1.00 23.37 ? 67   PRO A CA  1 
ATOM   498  C  C   . PRO A 1 67  ? 18.850  -0.344  -1.910  1.00 23.71 ? 67   PRO A C   1 
ATOM   499  O  O   . PRO A 1 67  ? 19.882  0.291   -2.112  1.00 23.12 ? 67   PRO A O   1 
ATOM   500  C  CB  . PRO A 1 67  ? 17.980  -0.941  -4.184  1.00 23.43 ? 67   PRO A CB  1 
ATOM   501  C  CG  . PRO A 1 67  ? 17.296  -0.123  -5.226  1.00 23.49 ? 67   PRO A CG  1 
ATOM   502  C  CD  . PRO A 1 67  ? 17.431  1.317   -4.785  1.00 22.83 ? 67   PRO A CD  1 
ATOM   503  N  N   . GLY A 1 68  ? 18.684  -1.152  -0.867  1.00 24.36 ? 68   GLY A N   1 
ATOM   504  C  CA  . GLY A 1 68  ? 19.726  -1.328  0.128   1.00 25.41 ? 68   GLY A CA  1 
ATOM   505  C  C   . GLY A 1 68  ? 19.550  -0.411  1.330   1.00 26.22 ? 68   GLY A C   1 
ATOM   506  O  O   . GLY A 1 68  ? 20.221  -0.568  2.363   1.00 26.13 ? 68   GLY A O   1 
ATOM   507  N  N   . ASN A 1 69  ? 18.634  0.542   1.194   1.00 26.52 ? 69   ASN A N   1 
ATOM   508  C  CA  . ASN A 1 69  ? 18.342  1.469   2.272   1.00 26.79 ? 69   ASN A CA  1 
ATOM   509  C  C   . ASN A 1 69  ? 17.007  1.226   2.934   1.00 26.21 ? 69   ASN A C   1 
ATOM   510  O  O   . ASN A 1 69  ? 16.154  0.513   2.409   1.00 25.93 ? 69   ASN A O   1 
ATOM   511  C  CB  . ASN A 1 69  ? 18.456  2.908   1.778   1.00 27.01 ? 69   ASN A CB  1 
ATOM   512  C  CG  . ASN A 1 69  ? 19.888  3.272   1.452   1.00 28.62 ? 69   ASN A CG  1 
ATOM   513  O  OD1 . ASN A 1 69  ? 20.181  3.842   0.412   1.00 31.12 ? 69   ASN A OD1 1 
ATOM   514  N  ND2 . ASN A 1 69  ? 20.796  2.904   2.340   1.00 30.47 ? 69   ASN A ND2 1 
ATOM   515  N  N   . THR A 1 70  ? 16.841  1.850   4.088   1.00 25.41 ? 70   THR A N   1 
ATOM   516  C  CA  . THR A 1 70  ? 15.666  1.679   4.904   1.00 24.97 ? 70   THR A CA  1 
ATOM   517  C  C   . THR A 1 70  ? 14.729  2.861   4.703   1.00 23.59 ? 70   THR A C   1 
ATOM   518  O  O   . THR A 1 70  ? 15.185  3.980   4.520   1.00 23.78 ? 70   THR A O   1 
ATOM   519  C  CB  . THR A 1 70  ? 16.119  1.595   6.363   1.00 25.25 ? 70   THR A CB  1 
ATOM   520  O  OG1 . THR A 1 70  ? 17.250  0.717   6.435   1.00 27.71 ? 70   THR A OG1 1 
ATOM   521  C  CG2 . THR A 1 70  ? 15.101  0.890   7.196   1.00 25.61 ? 70   THR A CG2 1 
ATOM   522  N  N   . TYR A 1 71  ? 13.428  2.596   4.721   1.00 22.11 ? 71   TYR A N   1 
ATOM   523  C  CA  . TYR A 1 71  ? 12.397  3.620   4.542   1.00 20.82 ? 71   TYR A CA  1 
ATOM   524  C  C   . TYR A 1 71  ? 11.169  3.306   5.387   1.00 20.26 ? 71   TYR A C   1 
ATOM   525  O  O   . TYR A 1 71  ? 11.006  2.174   5.880   1.00 19.81 ? 71   TYR A O   1 
ATOM   526  C  CB  . TYR A 1 71  ? 11.986  3.731   3.069   1.00 20.55 ? 71   TYR A CB  1 
ATOM   527  C  CG  . TYR A 1 71  ? 13.114  4.219   2.204   1.00 20.86 ? 71   TYR A CG  1 
ATOM   528  C  CD1 . TYR A 1 71  ? 14.006  3.329   1.635   1.00 20.10 ? 71   TYR A CD1 1 
ATOM   529  C  CD2 . TYR A 1 71  ? 13.327  5.583   2.015   1.00 21.46 ? 71   TYR A CD2 1 
ATOM   530  C  CE1 . TYR A 1 71  ? 15.067  3.769   0.862   1.00 21.54 ? 71   TYR A CE1 1 
ATOM   531  C  CE2 . TYR A 1 71  ? 14.392  6.041   1.249   1.00 22.86 ? 71   TYR A CE2 1 
ATOM   532  C  CZ  . TYR A 1 71  ? 15.259  5.124   0.677   1.00 22.87 ? 71   TYR A CZ  1 
ATOM   533  O  OH  . TYR A 1 71  ? 16.319  5.559   -0.080  1.00 22.52 ? 71   TYR A OH  1 
ATOM   534  N  N   . CYS A 1 72  ? 10.318  4.314   5.552   1.00 19.19 ? 72   CYS A N   1 
ATOM   535  C  CA  . CYS A 1 72  ? 9.069   4.159   6.266   1.00 18.81 ? 72   CYS A CA  1 
ATOM   536  C  C   . CYS A 1 72  ? 7.912   4.110   5.278   1.00 18.80 ? 72   CYS A C   1 
ATOM   537  O  O   . CYS A 1 72  ? 7.830   4.924   4.368   1.00 18.22 ? 72   CYS A O   1 
ATOM   538  C  CB  . CYS A 1 72  ? 8.865   5.322   7.227   1.00 19.21 ? 72   CYS A CB  1 
ATOM   539  S  SG  . CYS A 1 72  ? 7.217   5.381   7.958   1.00 16.46 ? 72   CYS A SG  1 
ATOM   540  N  N   . PHE A 1 73  ? 7.023   3.146   5.466   1.00 18.71 ? 73   PHE A N   1 
ATOM   541  C  CA  . PHE A 1 73  ? 5.863   3.003   4.608   1.00 19.04 ? 73   PHE A CA  1 
ATOM   542  C  C   . PHE A 1 73  ? 4.670   2.855   5.503   1.00 19.37 ? 73   PHE A C   1 
ATOM   543  O  O   . PHE A 1 73  ? 4.750   2.207   6.550   1.00 19.60 ? 73   PHE A O   1 
ATOM   544  C  CB  . PHE A 1 73  ? 5.969   1.770   3.724   1.00 19.09 ? 73   PHE A CB  1 
ATOM   545  C  CG  . PHE A 1 73  ? 6.976   1.904   2.642   1.00 18.98 ? 73   PHE A CG  1 
ATOM   546  C  CD1 . PHE A 1 73  ? 8.213   1.276   2.752   1.00 18.16 ? 73   PHE A CD1 1 
ATOM   547  C  CD2 . PHE A 1 73  ? 6.703   2.662   1.517   1.00 17.97 ? 73   PHE A CD2 1 
ATOM   548  C  CE1 . PHE A 1 73  ? 9.165   1.408   1.762   1.00 18.02 ? 73   PHE A CE1 1 
ATOM   549  C  CE2 . PHE A 1 73  ? 7.651   2.789   0.510   1.00 19.76 ? 73   PHE A CE2 1 
ATOM   550  C  CZ  . PHE A 1 73  ? 8.883   2.164   0.637   1.00 18.62 ? 73   PHE A CZ  1 
ATOM   551  N  N   . SER A 1 74  ? 3.562   3.442   5.088   1.00 19.45 ? 74   SER A N   1 
ATOM   552  C  CA  . SER A 1 74  ? 2.378   3.443   5.914   1.00 19.85 ? 74   SER A CA  1 
ATOM   553  C  C   . SER A 1 74  ? 1.144   3.602   5.044   1.00 20.60 ? 74   SER A C   1 
ATOM   554  O  O   . SER A 1 74  ? 1.159   4.311   4.043   1.00 20.83 ? 74   SER A O   1 
ATOM   555  C  CB  . SER A 1 74  ? 2.478   4.614   6.900   1.00 19.95 ? 74   SER A CB  1 
ATOM   556  O  OG  . SER A 1 74  ? 1.327   4.765   7.695   1.00 18.29 ? 74   SER A OG  1 
ATOM   557  N  N   . VAL A 1 75  ? 0.076   2.924   5.423   1.00 21.25 ? 75   VAL A N   1 
ATOM   558  C  CA  . VAL A 1 75  ? -1.198  3.083   4.754   1.00 22.41 ? 75   VAL A CA  1 
ATOM   559  C  C   . VAL A 1 75  ? -2.244  2.559   5.715   1.00 22.94 ? 75   VAL A C   1 
ATOM   560  O  O   . VAL A 1 75  ? -1.945  1.727   6.569   1.00 22.79 ? 75   VAL A O   1 
ATOM   561  C  CB  . VAL A 1 75  ? -1.260  2.354   3.394   1.00 22.26 ? 75   VAL A CB  1 
ATOM   562  C  CG1 . VAL A 1 75  ? -1.272  0.861   3.583   1.00 22.85 ? 75   VAL A CG1 1 
ATOM   563  C  CG2 . VAL A 1 75  ? -2.500  2.787   2.619   1.00 23.32 ? 75   VAL A CG2 1 
ATOM   564  N  N   . VAL A 1 76  ? -3.451  3.096   5.628   1.00 23.79 ? 76   VAL A N   1 
ATOM   565  C  CA  . VAL A 1 76  ? -4.518  2.614   6.474   1.00 24.71 ? 76   VAL A CA  1 
ATOM   566  C  C   . VAL A 1 76  ? -5.517  1.934   5.564   1.00 25.45 ? 76   VAL A C   1 
ATOM   567  O  O   . VAL A 1 76  ? -5.737  2.362   4.424   1.00 26.17 ? 76   VAL A O   1 
ATOM   568  C  CB  . VAL A 1 76  ? -5.159  3.730   7.315   1.00 25.18 ? 76   VAL A CB  1 
ATOM   569  C  CG1 . VAL A 1 76  ? -4.123  4.340   8.252   1.00 24.66 ? 76   VAL A CG1 1 
ATOM   570  C  CG2 . VAL A 1 76  ? -5.761  4.802   6.419   1.00 24.78 ? 76   VAL A CG2 1 
ATOM   571  N  N   . ALA A 1 77  ? -6.104  0.861   6.067   1.00 25.63 ? 77   ALA A N   1 
ATOM   572  C  CA  . ALA A 1 77  ? -6.992  0.044   5.271   1.00 26.18 ? 77   ALA A CA  1 
ATOM   573  C  C   . ALA A 1 77  ? -8.185  -0.411  6.079   1.00 26.27 ? 77   ALA A C   1 
ATOM   574  O  O   . ALA A 1 77  ? -8.133  -0.482  7.311   1.00 26.09 ? 77   ALA A O   1 
ATOM   575  C  CB  . ALA A 1 77  ? -6.240  -1.180  4.725   1.00 25.70 ? 77   ALA A CB  1 
ATOM   576  N  N   . SER A 1 78  ? -9.264  -0.691  5.358   1.00 26.67 ? 78   SER A N   1 
ATOM   577  C  CA  . SER A 1 78  ? -10.485 -1.214  5.942   1.00 27.32 ? 78   SER A CA  1 
ATOM   578  C  C   . SER A 1 78  ? -11.307 -1.851  4.837   1.00 28.17 ? 78   SER A C   1 
ATOM   579  O  O   . SER A 1 78  ? -10.963 -1.734  3.656   1.00 27.67 ? 78   SER A O   1 
ATOM   580  C  CB  . SER A 1 78  ? -11.289 -0.097  6.615   1.00 27.05 ? 78   SER A CB  1 
ATOM   581  O  OG  . SER A 1 78  ? -11.884 0.765   5.661   1.00 26.65 ? 78   SER A OG  1 
ATOM   582  N  N   . PHE A 1 79  ? -12.372 -2.549  5.234   1.00 29.02 ? 79   PHE A N   1 
ATOM   583  C  CA  . PHE A 1 79  ? -13.343 -3.090  4.303   1.00 29.71 ? 79   PHE A CA  1 
ATOM   584  C  C   . PHE A 1 79  ? -14.711 -2.944  4.960   1.00 30.29 ? 79   PHE A C   1 
ATOM   585  O  O   . PHE A 1 79  ? -14.806 -2.629  6.144   1.00 30.63 ? 79   PHE A O   1 
ATOM   586  C  CB  . PHE A 1 79  ? -13.044 -4.541  3.929   1.00 29.89 ? 79   PHE A CB  1 
ATOM   587  C  CG  . PHE A 1 79  ? -13.354 -5.532  5.020   1.00 30.65 ? 79   PHE A CG  1 
ATOM   588  C  CD1 . PHE A 1 79  ? -14.593 -6.148  5.083   1.00 30.15 ? 79   PHE A CD1 1 
ATOM   589  C  CD2 . PHE A 1 79  ? -12.399 -5.854  5.974   1.00 30.29 ? 79   PHE A CD2 1 
ATOM   590  C  CE1 . PHE A 1 79  ? -14.878 -7.056  6.084   1.00 30.01 ? 79   PHE A CE1 1 
ATOM   591  C  CE2 . PHE A 1 79  ? -12.677 -6.768  6.973   1.00 30.75 ? 79   PHE A CE2 1 
ATOM   592  C  CZ  . PHE A 1 79  ? -13.921 -7.369  7.028   1.00 29.90 ? 79   PHE A CZ  1 
ATOM   593  N  N   . ILE A 1 80  ? -15.772 -3.153  4.194   1.00 30.80 ? 80   ILE A N   1 
ATOM   594  C  CA  . ILE A 1 80  ? -17.111 -2.965  4.725   1.00 31.28 ? 80   ILE A CA  1 
ATOM   595  C  C   . ILE A 1 80  ? -17.905 -4.256  4.757   1.00 31.74 ? 80   ILE A C   1 
ATOM   596  O  O   . ILE A 1 80  ? -18.673 -4.486  5.682   1.00 31.76 ? 80   ILE A O   1 
ATOM   597  C  CB  . ILE A 1 80  ? -17.860 -1.906  3.922   1.00 31.46 ? 80   ILE A CB  1 
ATOM   598  C  CG1 . ILE A 1 80  ? -17.214 -0.547  4.151   1.00 30.96 ? 80   ILE A CG1 1 
ATOM   599  C  CG2 . ILE A 1 80  ? -19.357 -1.885  4.315   1.00 31.09 ? 80   ILE A CG2 1 
ATOM   600  C  CD1 . ILE A 1 80  ? -17.967 0.586   3.535   1.00 31.75 ? 80   ILE A CD1 1 
ATOM   601  N  N   . GLU A 1 81  ? -17.707 -5.102  3.754   1.00 32.12 ? 81   GLU A N   1 
ATOM   602  C  CA  . GLU A 1 81  ? -18.439 -6.352  3.694   1.00 33.05 ? 81   GLU A CA  1 
ATOM   603  C  C   . GLU A 1 81  ? -17.735 -7.395  2.853   1.00 32.73 ? 81   GLU A C   1 
ATOM   604  O  O   . GLU A 1 81  ? -16.770 -7.109  2.155   1.00 32.89 ? 81   GLU A O   1 
ATOM   605  C  CB  . GLU A 1 81  ? -19.833 -6.109  3.113   1.00 33.77 ? 81   GLU A CB  1 
ATOM   606  C  CG  . GLU A 1 81  ? -19.827 -5.724  1.649   1.00 36.28 ? 81   GLU A CG  1 
ATOM   607  C  CD  . GLU A 1 81  ? -20.999 -4.831  1.296   1.00 41.08 ? 81   GLU A CD  1 
ATOM   608  O  OE1 . GLU A 1 81  ? -22.064 -5.365  0.911   1.00 42.59 ? 81   GLU A OE1 1 
ATOM   609  O  OE2 . GLU A 1 81  ? -20.860 -3.593  1.417   1.00 43.26 ? 81   GLU A OE2 1 
ATOM   610  N  N   . GLY A 1 82  ? -18.250 -8.612  2.907   1.00 32.41 ? 82   GLY A N   1 
ATOM   611  C  CA  . GLY A 1 82  ? -17.692 -9.692  2.127   1.00 31.88 ? 82   GLY A CA  1 
ATOM   612  C  C   . GLY A 1 82  ? -17.097 -10.774 2.993   1.00 31.25 ? 82   GLY A C   1 
ATOM   613  O  O   . GLY A 1 82  ? -16.989 -11.907 2.558   1.00 31.57 ? 82   GLY A O   1 
ATOM   614  N  N   . ALA A 1 83  ? -16.716 -10.424 4.219   1.00 30.76 ? 83   ALA A N   1 
ATOM   615  C  CA  . ALA A 1 83  ? -16.105 -11.380 5.136   1.00 30.42 ? 83   ALA A CA  1 
ATOM   616  C  C   . ALA A 1 83  ? -16.228 -10.902 6.578   1.00 30.18 ? 83   ALA A C   1 
ATOM   617  O  O   . ALA A 1 83  ? -16.492 -9.724  6.827   1.00 30.17 ? 83   ALA A O   1 
ATOM   618  C  CB  . ALA A 1 83  ? -14.635 -11.591 4.770   1.00 30.32 ? 83   ALA A CB  1 
ATOM   619  N  N   . SER A 1 84  ? -16.028 -11.811 7.530   1.00 29.95 ? 84   SER A N   1 
ATOM   620  C  CA  . SER A 1 84  ? -16.090 -11.447 8.950   1.00 29.91 ? 84   SER A CA  1 
ATOM   621  C  C   . SER A 1 84  ? -14.766 -10.818 9.410   1.00 29.30 ? 84   SER A C   1 
ATOM   622  O  O   . SER A 1 84  ? -14.711 -10.092 10.399  1.00 29.30 ? 84   SER A O   1 
ATOM   623  C  CB  . SER A 1 84  ? -16.438 -12.657 9.811   1.00 29.96 ? 84   SER A CB  1 
ATOM   624  O  OG  . SER A 1 84  ? -15.388 -13.610 9.772   1.00 30.79 ? 84   SER A OG  1 
ATOM   625  N  N   . SER A 1 85  ? -13.694 -11.121 8.694   1.00 28.64 ? 85   SER A N   1 
ATOM   626  C  CA  . SER A 1 85  ? -12.409 -10.485 8.960   1.00 28.08 ? 85   SER A CA  1 
ATOM   627  C  C   . SER A 1 85  ? -11.489 -10.719 7.786   1.00 26.78 ? 85   SER A C   1 
ATOM   628  O  O   . SER A 1 85  ? -11.756 -11.557 6.924   1.00 26.70 ? 85   SER A O   1 
ATOM   629  C  CB  . SER A 1 85  ? -11.758 -11.030 10.227  1.00 27.85 ? 85   SER A CB  1 
ATOM   630  O  OG  . SER A 1 85  ? -11.116 -12.247 9.939   1.00 30.05 ? 85   SER A OG  1 
ATOM   631  N  N   . THR A 1 86  ? -10.397 -9.977  7.747   1.00 25.44 ? 86   THR A N   1 
ATOM   632  C  CA  . THR A 1 86  ? -9.450  -10.153 6.674   1.00 24.30 ? 86   THR A CA  1 
ATOM   633  C  C   . THR A 1 86  ? -8.056  -9.848  7.169   1.00 23.74 ? 86   THR A C   1 
ATOM   634  O  O   . THR A 1 86  ? -7.886  -9.286  8.261   1.00 23.01 ? 86   THR A O   1 
ATOM   635  C  CB  . THR A 1 86  ? -9.812  -9.233  5.502   1.00 24.29 ? 86   THR A CB  1 
ATOM   636  O  OG1 . THR A 1 86  ? -9.079  -9.635  4.345   1.00 25.72 ? 86   THR A OG1 1 
ATOM   637  C  CG2 . THR A 1 86  ? -9.327  -7.804  5.747   1.00 23.59 ? 86   THR A CG2 1 
ATOM   638  N  N   . THR A 1 87  ? -7.063  -10.232 6.371   1.00 23.03 ? 87   THR A N   1 
ATOM   639  C  CA  . THR A 1 87  ? -5.685  -9.908  6.683   1.00 23.10 ? 87   THR A CA  1 
ATOM   640  C  C   . THR A 1 87  ? -5.059  -9.106  5.543   1.00 22.69 ? 87   THR A C   1 
ATOM   641  O  O   . THR A 1 87  ? -4.794  -9.642  4.467   1.00 22.38 ? 87   THR A O   1 
ATOM   642  C  CB  . THR A 1 87  ? -4.878  -11.174 6.956   1.00 23.43 ? 87   THR A CB  1 
ATOM   643  O  OG1 . THR A 1 87  ? -5.399  -11.825 8.112   1.00 24.80 ? 87   THR A OG1 1 
ATOM   644  C  CG2 . THR A 1 87  ? -3.449  -10.819 7.373   1.00 23.20 ? 87   THR A CG2 1 
ATOM   645  N  N   . PHE A 1 88  ? -4.819  -7.823  5.794   1.00 22.31 ? 88   PHE A N   1 
ATOM   646  C  CA  . PHE A 1 88  ? -4.219  -6.947  4.805   1.00 21.87 ? 88   PHE A CA  1 
ATOM   647  C  C   . PHE A 1 88  ? -2.715  -7.162  4.783   1.00 22.23 ? 88   PHE A C   1 
ATOM   648  O  O   . PHE A 1 88  ? -2.083  -7.342  5.836   1.00 21.76 ? 88   PHE A O   1 
ATOM   649  C  CB  . PHE A 1 88  ? -4.496  -5.488  5.154   1.00 22.27 ? 88   PHE A CB  1 
ATOM   650  C  CG  . PHE A 1 88  ? -5.921  -5.046  4.909   1.00 21.65 ? 88   PHE A CG  1 
ATOM   651  C  CD1 . PHE A 1 88  ? -6.706  -4.623  5.960   1.00 22.02 ? 88   PHE A CD1 1 
ATOM   652  C  CD2 . PHE A 1 88  ? -6.451  -5.020  3.639   1.00 22.97 ? 88   PHE A CD2 1 
ATOM   653  C  CE1 . PHE A 1 88  ? -7.989  -4.212  5.765   1.00 21.86 ? 88   PHE A CE1 1 
ATOM   654  C  CE2 . PHE A 1 88  ? -7.753  -4.599  3.424   1.00 24.10 ? 88   PHE A CE2 1 
ATOM   655  C  CZ  . PHE A 1 88  ? -8.521  -4.201  4.493   1.00 23.96 ? 88   PHE A CZ  1 
ATOM   656  N  N   . CYS A 1 89  ? -2.138  -7.160  3.587   1.00 21.90 ? 89   CYS A N   1 
ATOM   657  C  CA  . CYS A 1 89  ? -0.699  -7.251  3.459   1.00 21.65 ? 89   CYS A CA  1 
ATOM   658  C  C   . CYS A 1 89  ? -0.189  -6.089  2.638   1.00 21.30 ? 89   CYS A C   1 
ATOM   659  O  O   . CYS A 1 89  ? -0.700  -5.822  1.549   1.00 21.60 ? 89   CYS A O   1 
ATOM   660  C  CB  . CYS A 1 89  ? -0.290  -8.553  2.792   1.00 21.59 ? 89   CYS A CB  1 
ATOM   661  S  SG  . CYS A 1 89  ? -0.985  -10.039 3.555   1.00 24.91 ? 89   CYS A SG  1 
ATOM   662  N  N   . MET A 1 90  ? 0.779   -5.359  3.177   1.00 20.57 ? 90   MET A N   1 
ATOM   663  C  CA  . MET A 1 90  ? 1.471   -4.359  2.387   1.00 20.26 ? 90   MET A CA  1 
ATOM   664  C  C   . MET A 1 90  ? 2.818   -5.003  2.069   1.00 20.08 ? 90   MET A C   1 
ATOM   665  O  O   . MET A 1 90  ? 3.504   -5.518  2.959   1.00 19.18 ? 90   MET A O   1 
ATOM   666  C  CB  . MET A 1 90  ? 1.658   -3.052  3.151   1.00 20.60 ? 90   MET A CB  1 
ATOM   667  C  CG  . MET A 1 90  ? 2.357   -1.972  2.329   1.00 20.48 ? 90   MET A CG  1 
ATOM   668  S  SD  . MET A 1 90  ? 2.156   -0.347  3.052   1.00 22.20 ? 90   MET A SD  1 
ATOM   669  C  CE  . MET A 1 90  ? 2.934   -0.635  4.742   1.00 18.03 ? 90   MET A CE  1 
ATOM   670  N  N   . LYS A 1 91  ? 3.180   -5.028  0.795   1.00 19.50 ? 91   LYS A N   1 
ATOM   671  C  CA  . LYS A 1 91  ? 4.402   -5.720  0.414   1.00 19.01 ? 91   LYS A CA  1 
ATOM   672  C  C   . LYS A 1 91  ? 5.205   -4.952  -0.611  1.00 18.94 ? 91   LYS A C   1 
ATOM   673  O  O   . LYS A 1 91  ? 4.695   -4.064  -1.286  1.00 17.79 ? 91   LYS A O   1 
ATOM   674  C  CB  . LYS A 1 91  ? 4.086   -7.086  -0.201  1.00 18.91 ? 91   LYS A CB  1 
ATOM   675  C  CG  . LYS A 1 91  ? 3.285   -8.038  0.654   1.00 19.73 ? 91   LYS A CG  1 
ATOM   676  C  CD  . LYS A 1 91  ? 3.556   -9.479  0.211   1.00 23.19 ? 91   LYS A CD  1 
ATOM   677  C  CE  . LYS A 1 91  ? 2.629   -10.472 0.930   1.00 23.65 ? 91   LYS A CE  1 
ATOM   678  N  NZ  . LYS A 1 91  ? 2.997   -11.873 0.624   1.00 28.55 ? 91   LYS A NZ  1 
ATOM   679  N  N   . LEU A 1 92  ? 6.475   -5.319  -0.720  1.00 18.59 ? 92   LEU A N   1 
ATOM   680  C  CA  . LEU A 1 92  ? 7.296   -4.781  -1.771  1.00 18.64 ? 92   LEU A CA  1 
ATOM   681  C  C   . LEU A 1 92  ? 7.300   -5.808  -2.888  1.00 18.73 ? 92   LEU A C   1 
ATOM   682  O  O   . LEU A 1 92  ? 7.692   -6.954  -2.687  1.00 18.70 ? 92   LEU A O   1 
ATOM   683  C  CB  . LEU A 1 92  ? 8.723   -4.532  -1.282  1.00 18.91 ? 92   LEU A CB  1 
ATOM   684  C  CG  . LEU A 1 92  ? 9.666   -3.995  -2.365  1.00 19.55 ? 92   LEU A CG  1 
ATOM   685  C  CD1 . LEU A 1 92  ? 9.283   -2.595  -2.753  1.00 19.27 ? 92   LEU A CD1 1 
ATOM   686  C  CD2 . LEU A 1 92  ? 11.125  -4.051  -1.914  1.00 18.62 ? 92   LEU A CD2 1 
ATOM   687  N  N   . GLN A 1 93  ? 6.805   -5.416  -4.052  1.00 18.78 ? 93   GLN A N   1 
ATOM   688  C  CA  . GLN A 1 93  ? 6.930   -6.255  -5.221  1.00 19.24 ? 93   GLN A CA  1 
ATOM   689  C  C   . GLN A 1 93  ? 8.142   -5.688  -5.930  1.00 19.36 ? 93   GLN A C   1 
ATOM   690  O  O   . GLN A 1 93  ? 8.265   -4.465  -6.104  1.00 19.70 ? 93   GLN A O   1 
ATOM   691  C  CB  . GLN A 1 93  ? 5.707   -6.135  -6.127  1.00 19.63 ? 93   GLN A CB  1 
ATOM   692  C  CG  . GLN A 1 93  ? 5.811   -6.922  -7.428  1.00 19.86 ? 93   GLN A CG  1 
ATOM   693  C  CD  . GLN A 1 93  ? 4.851   -6.401  -8.490  1.00 21.83 ? 93   GLN A CD  1 
ATOM   694  O  OE1 . GLN A 1 93  ? 3.665   -6.733  -8.475  1.00 21.23 ? 93   GLN A OE1 1 
ATOM   695  N  NE2 . GLN A 1 93  ? 5.355   -5.565  -9.393  1.00 20.78 ? 93   GLN A NE2 1 
ATOM   696  N  N   . TYR A 1 94  ? 9.055   -6.553  -6.334  1.00 18.70 ? 94   TYR A N   1 
ATOM   697  C  CA  . TYR A 1 94  ? 10.231  -6.044  -7.005  1.00 18.79 ? 94   TYR A CA  1 
ATOM   698  C  C   . TYR A 1 94  ? 10.844  -7.096  -7.901  1.00 18.41 ? 94   TYR A C   1 
ATOM   699  O  O   . TYR A 1 94  ? 10.402  -8.237  -7.921  1.00 18.09 ? 94   TYR A O   1 
ATOM   700  C  CB  . TYR A 1 94  ? 11.258  -5.542  -5.978  1.00 18.46 ? 94   TYR A CB  1 
ATOM   701  C  CG  . TYR A 1 94  ? 11.889  -6.633  -5.144  1.00 18.75 ? 94   TYR A CG  1 
ATOM   702  C  CD1 . TYR A 1 94  ? 13.128  -7.165  -5.490  1.00 19.55 ? 94   TYR A CD1 1 
ATOM   703  C  CD2 . TYR A 1 94  ? 11.254  -7.130  -4.002  1.00 17.98 ? 94   TYR A CD2 1 
ATOM   704  C  CE1 . TYR A 1 94  ? 13.724  -8.160  -4.730  1.00 18.35 ? 94   TYR A CE1 1 
ATOM   705  C  CE2 . TYR A 1 94  ? 11.839  -8.121  -3.242  1.00 18.40 ? 94   TYR A CE2 1 
ATOM   706  C  CZ  . TYR A 1 94  ? 13.076  -8.635  -3.614  1.00 18.12 ? 94   TYR A CZ  1 
ATOM   707  O  OH  . TYR A 1 94  ? 13.667  -9.624  -2.879  1.00 18.29 ? 94   TYR A OH  1 
ATOM   708  N  N   . VAL A 1 95  ? 11.855  -6.696  -8.660  1.00 18.42 ? 95   VAL A N   1 
ATOM   709  C  CA  . VAL A 1 95  ? 12.604  -7.651  -9.458  1.00 18.91 ? 95   VAL A CA  1 
ATOM   710  C  C   . VAL A 1 95  ? 13.976  -7.860  -8.833  1.00 18.87 ? 95   VAL A C   1 
ATOM   711  O  O   . VAL A 1 95  ? 14.673  -6.898  -8.536  1.00 19.53 ? 95   VAL A O   1 
ATOM   712  C  CB  . VAL A 1 95  ? 12.816  -7.141  -10.876 1.00 18.98 ? 95   VAL A CB  1 
ATOM   713  C  CG1 . VAL A 1 95  ? 13.644  -8.135  -11.679 1.00 18.66 ? 95   VAL A CG1 1 
ATOM   714  C  CG2 . VAL A 1 95  ? 11.477  -6.880  -11.552 1.00 19.52 ? 95   VAL A CG2 1 
ATOM   715  N  N   . ASP A 1 96  ? 14.382  -9.106  -8.666  1.00 18.95 ? 96   ASP A N   1 
ATOM   716  C  CA  . ASP A 1 96  ? 15.693  -9.372  -8.070  1.00 19.16 ? 96   ASP A CA  1 
ATOM   717  C  C   . ASP A 1 96  ? 16.848  -9.400  -9.071  1.00 18.83 ? 96   ASP A C   1 
ATOM   718  O  O   . ASP A 1 96  ? 16.679  -9.178  -10.281 1.00 18.72 ? 96   ASP A O   1 
ATOM   719  C  CB  . ASP A 1 96  ? 15.674  -10.672 -7.266  1.00 18.68 ? 96   ASP A CB  1 
ATOM   720  C  CG  . ASP A 1 96  ? 15.616  -11.884 -8.143  1.00 19.52 ? 96   ASP A CG  1 
ATOM   721  O  OD1 . ASP A 1 96  ? 15.968  -11.772 -9.336  1.00 20.94 ? 96   ASP A OD1 1 
ATOM   722  O  OD2 . ASP A 1 96  ? 15.221  -12.992 -7.740  1.00 20.65 ? 96   ASP A OD2 1 
ATOM   723  N  N   . GLY A 1 97  ? 18.028  -9.675  -8.535  1.00 19.00 ? 97   GLY A N   1 
ATOM   724  C  CA  . GLY A 1 97  ? 19.254  -9.711  -9.309  1.00 19.41 ? 97   GLY A CA  1 
ATOM   725  C  C   . GLY A 1 97  ? 19.226  -10.707 -10.453 1.00 19.61 ? 97   GLY A C   1 
ATOM   726  O  O   . GLY A 1 97  ? 19.929  -10.535 -11.437 1.00 20.00 ? 97   GLY A O   1 
ATOM   727  N  N   . SER A 1 98  ? 18.413  -11.748 -10.336 1.00 19.93 ? 98   SER A N   1 
ATOM   728  C  CA  . SER A 1 98  ? 18.314  -12.710 -11.424 1.00 19.92 ? 98   SER A CA  1 
ATOM   729  C  C   . SER A 1 98  ? 17.253  -12.392 -12.480 1.00 19.91 ? 98   SER A C   1 
ATOM   730  O  O   . SER A 1 98  ? 17.125  -13.121 -13.449 1.00 19.81 ? 98   SER A O   1 
ATOM   731  C  CB  . SER A 1 98  ? 18.175  -14.160 -10.897 1.00 20.65 ? 98   SER A CB  1 
ATOM   732  O  OG  . SER A 1 98  ? 16.890  -14.434 -10.361 1.00 20.93 ? 98   SER A OG  1 
ATOM   733  N  N   . GLY A 1 99  ? 16.515  -11.294 -12.314 1.00 19.58 ? 99   GLY A N   1 
ATOM   734  C  CA  . GLY A 1 99  ? 15.483  -10.944 -13.275 1.00 19.35 ? 99   GLY A CA  1 
ATOM   735  C  C   . GLY A 1 99  ? 14.145  -11.596 -12.965 1.00 19.59 ? 99   GLY A C   1 
ATOM   736  O  O   . GLY A 1 99  ? 13.228  -11.591 -13.799 1.00 19.55 ? 99   GLY A O   1 
ATOM   737  N  N   . THR A 1 100 ? 14.028  -12.145 -11.760 1.00 19.77 ? 100  THR A N   1 
ATOM   738  C  CA  . THR A 1 100 ? 12.793  -12.787 -11.323 1.00 19.94 ? 100  THR A CA  1 
ATOM   739  C  C   . THR A 1 100 ? 12.051  -11.936 -10.308 1.00 19.79 ? 100  THR A C   1 
ATOM   740  O  O   . THR A 1 100 ? 12.642  -11.451 -9.340  1.00 19.58 ? 100  THR A O   1 
ATOM   741  C  CB  . THR A 1 100 ? 13.093  -14.142 -10.696 1.00 19.93 ? 100  THR A CB  1 
ATOM   742  O  OG1 . THR A 1 100 ? 13.830  -14.937 -11.626 1.00 20.71 ? 100  THR A OG1 1 
ATOM   743  C  CG2 . THR A 1 100 ? 11.806  -14.925 -10.493 1.00 19.79 ? 100  THR A CG2 1 
ATOM   744  N  N   . GLN A 1 101 ? 10.753  -11.762 -10.533 1.00 19.74 ? 101  GLN A N   1 
ATOM   745  C  CA  . GLN A 1 101 ? 9.913   -10.977 -9.640  1.00 19.38 ? 101  GLN A CA  1 
ATOM   746  C  C   . GLN A 1 101 ? 9.699   -11.656 -8.296  1.00 19.63 ? 101  GLN A C   1 
ATOM   747  O  O   . GLN A 1 101 ? 9.437   -12.866 -8.216  1.00 19.93 ? 101  GLN A O   1 
ATOM   748  C  CB  . GLN A 1 101 ? 8.565   -10.665 -10.306 1.00 19.31 ? 101  GLN A CB  1 
ATOM   749  C  CG  . GLN A 1 101 ? 7.662   -9.738  -9.504  1.00 17.93 ? 101  GLN A CG  1 
ATOM   750  C  CD  . GLN A 1 101 ? 6.347   -9.419  -10.230 1.00 18.65 ? 101  GLN A CD  1 
ATOM   751  O  OE1 . GLN A 1 101 ? 6.122   -8.271  -10.705 1.00 15.42 ? 101  GLN A OE1 1 
ATOM   752  N  NE2 . GLN A 1 101 ? 5.469   -10.421 -10.311 1.00 14.15 ? 101  GLN A NE2 1 
ATOM   753  N  N   . ARG A 1 102 ? 9.817   -10.864 -7.237  1.00 19.73 ? 102  ARG A N   1 
ATOM   754  C  CA  . ARG A 1 102 ? 9.632   -11.357 -5.876  1.00 19.79 ? 102  ARG A CA  1 
ATOM   755  C  C   . ARG A 1 102 ? 8.724   -10.424 -5.087  1.00 19.37 ? 102  ARG A C   1 
ATOM   756  O  O   . ARG A 1 102 ? 8.490   -9.291  -5.494  1.00 19.00 ? 102  ARG A O   1 
ATOM   757  C  CB  . ARG A 1 102 ? 10.973  -11.436 -5.139  1.00 19.29 ? 102  ARG A CB  1 
ATOM   758  C  CG  . ARG A 1 102 ? 12.051  -12.212 -5.835  1.00 20.67 ? 102  ARG A CG  1 
ATOM   759  C  CD  . ARG A 1 102 ? 11.913  -13.740 -5.810  1.00 23.00 ? 102  ARG A CD  1 
ATOM   760  N  NE  . ARG A 1 102 ? 13.055  -14.345 -6.519  1.00 24.71 ? 102  ARG A NE  1 
ATOM   761  C  CZ  . ARG A 1 102 ? 13.107  -15.598 -6.955  1.00 26.02 ? 102  ARG A CZ  1 
ATOM   762  N  NH1 . ARG A 1 102 ? 12.082  -16.432 -6.758  1.00 26.22 ? 102  ARG A NH1 1 
ATOM   763  N  NH2 . ARG A 1 102 ? 14.197  -16.023 -7.583  1.00 25.49 ? 102  ARG A NH2 1 
ATOM   764  N  N   . TYR A 1 103 ? 8.232   -10.924 -3.956  1.00 19.60 ? 103  TYR A N   1 
ATOM   765  C  CA  . TYR A 1 103 ? 7.466   -10.122 -3.002  1.00 20.15 ? 103  TYR A CA  1 
ATOM   766  C  C   . TYR A 1 103 ? 8.129   -10.186 -1.628  1.00 20.48 ? 103  TYR A C   1 
ATOM   767  O  O   . TYR A 1 103 ? 8.586   -11.246 -1.186  1.00 20.26 ? 103  TYR A O   1 
ATOM   768  C  CB  . TYR A 1 103 ? 6.020   -10.603 -2.894  1.00 20.34 ? 103  TYR A CB  1 
ATOM   769  C  CG  . TYR A 1 103 ? 5.146   -10.200 -4.075  1.00 19.69 ? 103  TYR A CG  1 
ATOM   770  C  CD1 . TYR A 1 103 ? 5.082   -10.986 -5.220  1.00 19.12 ? 103  TYR A CD1 1 
ATOM   771  C  CD2 . TYR A 1 103 ? 4.387   -9.048  -4.029  1.00 18.69 ? 103  TYR A CD2 1 
ATOM   772  C  CE1 . TYR A 1 103 ? 4.280   -10.620 -6.306  1.00 19.85 ? 103  TYR A CE1 1 
ATOM   773  C  CE2 . TYR A 1 103 ? 3.575   -8.674  -5.104  1.00 20.31 ? 103  TYR A CE2 1 
ATOM   774  C  CZ  . TYR A 1 103 ? 3.534   -9.459  -6.237  1.00 19.79 ? 103  TYR A CZ  1 
ATOM   775  O  OH  . TYR A 1 103 ? 2.749   -9.077  -7.296  1.00 19.31 ? 103  TYR A OH  1 
ATOM   776  N  N   . ASP A 1 104 ? 8.212   -9.044  -0.960  1.00 20.42 ? 104  ASP A N   1 
ATOM   777  C  CA  . ASP A 1 104 ? 8.733   -9.030  0.391   1.00 20.46 ? 104  ASP A CA  1 
ATOM   778  C  C   . ASP A 1 104 ? 7.755   -8.268  1.261   1.00 20.52 ? 104  ASP A C   1 
ATOM   779  O  O   . ASP A 1 104 ? 7.438   -7.118  0.984   1.00 21.01 ? 104  ASP A O   1 
ATOM   780  C  CB  . ASP A 1 104 ? 10.117  -8.379  0.458   1.00 20.58 ? 104  ASP A CB  1 
ATOM   781  C  CG  . ASP A 1 104 ? 10.772  -8.567  1.818   1.00 21.79 ? 104  ASP A CG  1 
ATOM   782  O  OD1 . ASP A 1 104 ? 10.630  -9.664  2.392   1.00 21.60 ? 104  ASP A OD1 1 
ATOM   783  O  OD2 . ASP A 1 104 ? 11.424  -7.681  2.403   1.00 23.88 ? 104  ASP A OD2 1 
ATOM   784  N  N   . THR A 1 105 ? 7.299   -8.907  2.324   1.00 20.36 ? 105  THR A N   1 
ATOM   785  C  CA  . THR A 1 105 ? 6.338   -8.301  3.231   1.00 20.22 ? 105  THR A CA  1 
ATOM   786  C  C   . THR A 1 105 ? 6.845   -7.104  4.030   1.00 20.10 ? 105  THR A C   1 
ATOM   787  O  O   . THR A 1 105 ? 7.865   -7.174  4.704   1.00 20.05 ? 105  THR A O   1 
ATOM   788  C  CB  . THR A 1 105 ? 5.812   -9.363  4.199   1.00 20.25 ? 105  THR A CB  1 
ATOM   789  O  OG1 . THR A 1 105 ? 5.292   -10.462 3.443   1.00 19.98 ? 105  THR A OG1 1 
ATOM   790  C  CG2 . THR A 1 105 ? 4.592   -8.838  4.944   1.00 19.67 ? 105  THR A CG2 1 
ATOM   791  N  N   . ILE A 1 106 ? 6.111   -6.001  3.967   1.00 19.86 ? 106  ILE A N   1 
ATOM   792  C  CA  . ILE A 1 106 ? 6.481   -4.827  4.739   1.00 19.86 ? 106  ILE A CA  1 
ATOM   793  C  C   . ILE A 1 106 ? 5.742   -4.825  6.083   1.00 19.91 ? 106  ILE A C   1 
ATOM   794  O  O   . ILE A 1 106 ? 6.330   -4.595  7.146   1.00 19.04 ? 106  ILE A O   1 
ATOM   795  C  CB  . ILE A 1 106 ? 6.174   -3.569  3.939   1.00 19.98 ? 106  ILE A CB  1 
ATOM   796  C  CG1 . ILE A 1 106 ? 6.854   -3.647  2.574   1.00 18.85 ? 106  ILE A CG1 1 
ATOM   797  C  CG2 . ILE A 1 106 ? 6.608   -2.345  4.698   1.00 20.02 ? 106  ILE A CG2 1 
ATOM   798  C  CD1 . ILE A 1 106 ? 6.545   -2.451  1.664   1.00 17.93 ? 106  ILE A CD1 1 
ATOM   799  N  N   . ASP A 1 107 ? 4.447   -5.084  6.021   1.00 20.45 ? 107  ASP A N   1 
ATOM   800  C  CA  . ASP A 1 107 ? 3.630   -5.198  7.225   1.00 21.64 ? 107  ASP A CA  1 
ATOM   801  C  C   . ASP A 1 107 ? 2.357   -5.951  6.895   1.00 21.79 ? 107  ASP A C   1 
ATOM   802  O  O   . ASP A 1 107 ? 1.989   -6.069  5.736   1.00 22.07 ? 107  ASP A O   1 
ATOM   803  C  CB  . ASP A 1 107 ? 3.270   -3.818  7.785   1.00 21.21 ? 107  ASP A CB  1 
ATOM   804  C  CG  . ASP A 1 107 ? 2.708   -3.890  9.207   1.00 21.81 ? 107  ASP A CG  1 
ATOM   805  O  OD1 . ASP A 1 107 ? 3.201   -4.722  10.001  1.00 18.97 ? 107  ASP A OD1 1 
ATOM   806  O  OD2 . ASP A 1 107 ? 1.781   -3.148  9.615   1.00 22.04 ? 107  ASP A OD2 1 
ATOM   807  N  N   . MET A 1 108 ? 1.702   -6.485  7.910   1.00 22.42 ? 108  MET A N   1 
ATOM   808  C  CA  . MET A 1 108 ? 0.388   -7.083  7.711   1.00 23.65 ? 108  MET A CA  1 
ATOM   809  C  C   . MET A 1 108 ? -0.452  -6.950  8.975   1.00 23.05 ? 108  MET A C   1 
ATOM   810  O  O   . MET A 1 108 ? 0.074   -6.957  10.083  1.00 22.92 ? 108  MET A O   1 
ATOM   811  C  CB  . MET A 1 108 ? 0.459   -8.528  7.185   1.00 24.40 ? 108  MET A CB  1 
ATOM   812  C  CG  . MET A 1 108 ? 1.295   -9.480  7.992   1.00 27.64 ? 108  MET A CG  1 
ATOM   813  S  SD  . MET A 1 108 ? 1.719   -10.981 7.022   1.00 33.59 ? 108  MET A SD  1 
ATOM   814  C  CE  . MET A 1 108 ? 0.168   -11.728 6.792   1.00 31.63 ? 108  MET A CE  1 
ATOM   815  N  N   . LYS A 1 109 ? -1.754  -6.793  8.791   1.00 22.94 ? 109  LYS A N   1 
ATOM   816  C  CA  . LYS A 1 109 ? -2.675  -6.560  9.898   1.00 23.66 ? 109  LYS A CA  1 
ATOM   817  C  C   . LYS A 1 109 ? -4.025  -7.242  9.672   1.00 24.27 ? 109  LYS A C   1 
ATOM   818  O  O   . LYS A 1 109 ? -4.589  -7.211  8.578   1.00 24.23 ? 109  LYS A O   1 
ATOM   819  C  CB  . LYS A 1 109 ? -2.908  -5.066  10.084  1.00 23.10 ? 109  LYS A CB  1 
ATOM   820  C  CG  . LYS A 1 109 ? -1.717  -4.267  10.574  1.00 23.49 ? 109  LYS A CG  1 
ATOM   821  C  CD  . LYS A 1 109 ? -1.455  -4.473  12.064  1.00 22.20 ? 109  LYS A CD  1 
ATOM   822  C  CE  . LYS A 1 109 ? -0.402  -3.488  12.558  1.00 21.15 ? 109  LYS A CE  1 
ATOM   823  N  NZ  . LYS A 1 109 ? 0.962   -3.841  12.084  1.00 19.55 ? 109  LYS A NZ  1 
ATOM   824  N  N   . THR A 1 110 ? -4.548  -7.844  10.725  1.00 25.02 ? 110  THR A N   1 
ATOM   825  C  CA  . THR A 1 110 ? -5.834  -8.508  10.651  1.00 25.77 ? 110  THR A CA  1 
ATOM   826  C  C   . THR A 1 110 ? -6.867  -7.600  11.332  1.00 25.77 ? 110  THR A C   1 
ATOM   827  O  O   . THR A 1 110 ? -6.594  -7.017  12.380  1.00 26.02 ? 110  THR A O   1 
ATOM   828  C  CB  . THR A 1 110 ? -5.731  -9.881  11.326  1.00 26.25 ? 110  THR A CB  1 
ATOM   829  O  OG1 . THR A 1 110 ? -6.869  -10.686 10.992  1.00 28.90 ? 110  THR A OG1 1 
ATOM   830  C  CG2 . THR A 1 110 ? -5.835  -9.731  12.824  1.00 27.29 ? 110  THR A CG2 1 
ATOM   831  N  N   . VAL A 1 111 ? -8.030  -7.432  10.703  1.00 25.06 ? 111  VAL A N   1 
ATOM   832  C  CA  . VAL A 1 111 ? -9.082  -6.600  11.260  1.00 24.42 ? 111  VAL A CA  1 
ATOM   833  C  C   . VAL A 1 111 ? -10.461 -7.024  10.785  1.00 24.99 ? 111  VAL A C   1 
ATOM   834  O  O   . VAL A 1 111 ? -10.599 -7.682  9.754   1.00 24.79 ? 111  VAL A O   1 
ATOM   835  C  CB  . VAL A 1 111 ? -8.902  -5.124  10.892  1.00 24.23 ? 111  VAL A CB  1 
ATOM   836  C  CG1 . VAL A 1 111 ? -9.113  -4.914  9.401   1.00 21.78 ? 111  VAL A CG1 1 
ATOM   837  C  CG2 . VAL A 1 111 ? -9.854  -4.275  11.694  1.00 23.14 ? 111  VAL A CG2 1 
ATOM   838  N  N   . GLY A 1 112 ? -11.476 -6.640  11.553  1.00 25.62 ? 112  GLY A N   1 
ATOM   839  C  CA  . GLY A 1 112 ? -12.858 -6.905  11.209  1.00 26.61 ? 112  GLY A CA  1 
ATOM   840  C  C   . GLY A 1 112 ? -13.426 -5.822  10.313  1.00 27.20 ? 112  GLY A C   1 
ATOM   841  O  O   . GLY A 1 112 ? -12.730 -4.884  9.934   1.00 27.32 ? 112  GLY A O   1 
ATOM   842  N  N   . PRO A 1 113 ? -14.705 -5.946  9.977   1.00 28.09 ? 113  PRO A N   1 
ATOM   843  C  CA  . PRO A 1 113 ? -15.377 -4.988  9.092   1.00 28.17 ? 113  PRO A CA  1 
ATOM   844  C  C   . PRO A 1 113 ? -15.513 -3.594  9.691   1.00 28.34 ? 113  PRO A C   1 
ATOM   845  O  O   . PRO A 1 113 ? -15.510 -3.435  10.902  1.00 28.66 ? 113  PRO A O   1 
ATOM   846  C  CB  . PRO A 1 113 ? -16.773 -5.600  8.908   1.00 28.46 ? 113  PRO A CB  1 
ATOM   847  C  CG  . PRO A 1 113 ? -16.657 -7.026  9.373   1.00 28.13 ? 113  PRO A CG  1 
ATOM   848  C  CD  . PRO A 1 113 ? -15.600 -7.031  10.419  1.00 27.93 ? 113  PRO A CD  1 
ATOM   849  N  N   . ASN A 1 114 ? -15.628 -2.589  8.834   1.00 28.80 ? 114  ASN A N   1 
ATOM   850  C  CA  . ASN A 1 114 ? -15.841 -1.212  9.285   1.00 29.23 ? 114  ASN A CA  1 
ATOM   851  C  C   . ASN A 1 114 ? -14.857 -0.668  10.307  1.00 28.79 ? 114  ASN A C   1 
ATOM   852  O  O   . ASN A 1 114 ? -15.242 0.084   11.195  1.00 28.81 ? 114  ASN A O   1 
ATOM   853  C  CB  . ASN A 1 114 ? -17.270 -1.046  9.820   1.00 29.46 ? 114  ASN A CB  1 
ATOM   854  C  CG  . ASN A 1 114 ? -18.313 -1.328  8.756   1.00 31.40 ? 114  ASN A CG  1 
ATOM   855  O  OD1 . ASN A 1 114 ? -18.419 -0.590  7.779   1.00 33.09 ? 114  ASN A OD1 1 
ATOM   856  N  ND2 . ASN A 1 114 ? -19.064 -2.422  8.920   1.00 31.98 ? 114  ASN A ND2 1 
ATOM   857  N  N   . GLN A 1 115 ? -13.589 -1.041  10.187  1.00 28.33 ? 115  GLN A N   1 
ATOM   858  C  CA  . GLN A 1 115 ? -12.579 -0.525  11.105  1.00 28.02 ? 115  GLN A CA  1 
ATOM   859  C  C   . GLN A 1 115 ? -11.248 -0.281  10.409  1.00 27.05 ? 115  GLN A C   1 
ATOM   860  O  O   . GLN A 1 115 ? -10.693 -1.168  9.757   1.00 26.73 ? 115  GLN A O   1 
ATOM   861  C  CB  . GLN A 1 115 ? -12.377 -1.461  12.291  1.00 28.16 ? 115  GLN A CB  1 
ATOM   862  C  CG  . GLN A 1 115 ? -11.403 -0.919  13.342  1.00 31.43 ? 115  GLN A CG  1 
ATOM   863  C  CD  . GLN A 1 115 ? -11.220 -1.888  14.511  1.00 36.69 ? 115  GLN A CD  1 
ATOM   864  O  OE1 . GLN A 1 115 ? -12.102 -2.728  14.794  1.00 38.72 ? 115  GLN A OE1 1 
ATOM   865  N  NE2 . GLN A 1 115 ? -10.080 -1.786  15.189  1.00 38.12 ? 115  GLN A NE2 1 
ATOM   866  N  N   . TRP A 1 116 ? -10.735 0.931   10.535  1.00 26.11 ? 116  TRP A N   1 
ATOM   867  C  CA  . TRP A 1 116 ? -9.447  1.213   9.942   1.00 25.45 ? 116  TRP A CA  1 
ATOM   868  C  C   . TRP A 1 116 ? -8.353  0.499   10.727  1.00 24.90 ? 116  TRP A C   1 
ATOM   869  O  O   . TRP A 1 116 ? -8.430  0.366   11.950  1.00 24.75 ? 116  TRP A O   1 
ATOM   870  C  CB  . TRP A 1 116 ? -9.204  2.717   9.852   1.00 25.42 ? 116  TRP A CB  1 
ATOM   871  C  CG  . TRP A 1 116 ? -10.160 3.371   8.878   1.00 26.08 ? 116  TRP A CG  1 
ATOM   872  C  CD1 . TRP A 1 116 ? -11.308 4.051   9.183   1.00 26.19 ? 116  TRP A CD1 1 
ATOM   873  C  CD2 . TRP A 1 116 ? -10.066 3.372   7.445   1.00 25.41 ? 116  TRP A CD2 1 
ATOM   874  N  NE1 . TRP A 1 116 ? -11.918 4.488   8.031   1.00 27.75 ? 116  TRP A NE1 1 
ATOM   875  C  CE2 . TRP A 1 116 ? -11.184 4.075   6.949   1.00 26.57 ? 116  TRP A CE2 1 
ATOM   876  C  CE3 . TRP A 1 116 ? -9.143  2.853   6.528   1.00 24.33 ? 116  TRP A CE3 1 
ATOM   877  C  CZ2 . TRP A 1 116 ? -11.398 4.280   5.584   1.00 26.10 ? 116  TRP A CZ2 1 
ATOM   878  C  CZ3 . TRP A 1 116 ? -9.361  3.043   5.174   1.00 25.24 ? 116  TRP A CZ3 1 
ATOM   879  C  CH2 . TRP A 1 116 ? -10.475 3.763   4.714   1.00 26.45 ? 116  TRP A CH2 1 
ATOM   880  N  N   . VAL A 1 117 ? -7.361  -0.003  10.000  1.00 23.89 ? 117  VAL A N   1 
ATOM   881  C  CA  . VAL A 1 117 ? -6.217  -0.631  10.615  1.00 22.62 ? 117  VAL A CA  1 
ATOM   882  C  C   . VAL A 1 117 ? -4.953  -0.073  9.965   1.00 22.43 ? 117  VAL A C   1 
ATOM   883  O  O   . VAL A 1 117 ? -4.916  0.182   8.759   1.00 21.21 ? 117  VAL A O   1 
ATOM   884  C  CB  . VAL A 1 117 ? -6.287  -2.157  10.545  1.00 22.89 ? 117  VAL A CB  1 
ATOM   885  C  CG1 . VAL A 1 117 ? -5.914  -2.666  9.153   1.00 21.47 ? 117  VAL A CG1 1 
ATOM   886  C  CG2 . VAL A 1 117 ? -5.404  -2.758  11.611  1.00 22.50 ? 117  VAL A CG2 1 
ATOM   887  N  N   . HIS A 1 118 ? -3.920  0.110   10.779  1.00 21.82 ? 118  HIS A N   1 
ATOM   888  C  CA  . HIS A 1 118 ? -2.708  0.776   10.340  1.00 21.61 ? 118  HIS A CA  1 
ATOM   889  C  C   . HIS A 1 118 ? -1.571  -0.144  9.874   1.00 21.22 ? 118  HIS A C   1 
ATOM   890  O  O   . HIS A 1 118 ? -0.892  -0.747  10.696  1.00 21.69 ? 118  HIS A O   1 
ATOM   891  C  CB  . HIS A 1 118 ? -2.221  1.682   11.471  1.00 21.42 ? 118  HIS A CB  1 
ATOM   892  C  CG  . HIS A 1 118 ? -1.127  2.625   11.070  1.00 21.56 ? 118  HIS A CG  1 
ATOM   893  N  ND1 . HIS A 1 118 ? -0.347  3.291   11.992  1.00 19.93 ? 118  HIS A ND1 1 
ATOM   894  C  CD2 . HIS A 1 118 ? -0.686  3.022   9.852   1.00 22.93 ? 118  HIS A CD2 1 
ATOM   895  C  CE1 . HIS A 1 118 ? 0.532   4.050   11.360  1.00 20.41 ? 118  HIS A CE1 1 
ATOM   896  N  NE2 . HIS A 1 118 ? 0.346   3.908   10.061  1.00 21.31 ? 118  HIS A NE2 1 
ATOM   897  N  N   . LEU A 1 119 ? -1.361  -0.238  8.560   1.00 20.78 ? 119  LEU A N   1 
ATOM   898  C  CA  . LEU A 1 119 ? -0.230  -0.986  8.006   1.00 20.45 ? 119  LEU A CA  1 
ATOM   899  C  C   . LEU A 1 119 ? 0.957   -0.046  8.107   1.00 20.53 ? 119  LEU A C   1 
ATOM   900  O  O   . LEU A 1 119 ? 0.926   1.093   7.616   1.00 19.51 ? 119  LEU A O   1 
ATOM   901  C  CB  . LEU A 1 119 ? -0.474  -1.411  6.559   1.00 20.60 ? 119  LEU A CB  1 
ATOM   902  C  CG  . LEU A 1 119 ? -1.712  -2.308  6.407   1.00 22.42 ? 119  LEU A CG  1 
ATOM   903  C  CD1 . LEU A 1 119 ? -2.280  -2.292  4.985   1.00 23.67 ? 119  LEU A CD1 1 
ATOM   904  C  CD2 . LEU A 1 119 ? -1.392  -3.740  6.840   1.00 24.37 ? 119  LEU A CD2 1 
ATOM   905  N  N   . TYR A 1 120 ? 2.017   -0.521  8.743   1.00 19.91 ? 120  TYR A N   1 
ATOM   906  C  CA  . TYR A 1 120 ? 3.049   0.398   9.121   1.00 19.54 ? 120  TYR A CA  1 
ATOM   907  C  C   . TYR A 1 120 ? 4.388   -0.272  9.410   1.00 19.41 ? 120  TYR A C   1 
ATOM   908  O  O   . TYR A 1 120 ? 4.454   -1.281  10.108  1.00 19.17 ? 120  TYR A O   1 
ATOM   909  C  CB  . TYR A 1 120 ? 2.528   1.112   10.373  1.00 19.64 ? 120  TYR A CB  1 
ATOM   910  C  CG  . TYR A 1 120 ? 3.444   2.161   10.951  1.00 19.56 ? 120  TYR A CG  1 
ATOM   911  C  CD1 . TYR A 1 120 ? 3.609   2.289   12.326  1.00 19.35 ? 120  TYR A CD1 1 
ATOM   912  C  CD2 . TYR A 1 120 ? 4.125   3.009   10.133  1.00 18.35 ? 120  TYR A CD2 1 
ATOM   913  C  CE1 . TYR A 1 120 ? 4.463   3.254   12.864  1.00 18.95 ? 120  TYR A CE1 1 
ATOM   914  C  CE2 . TYR A 1 120 ? 4.972   3.983   10.648  1.00 19.14 ? 120  TYR A CE2 1 
ATOM   915  C  CZ  . TYR A 1 120 ? 5.136   4.100   12.016  1.00 18.93 ? 120  TYR A CZ  1 
ATOM   916  O  OH  . TYR A 1 120 ? 5.978   5.060   12.533  1.00 21.17 ? 120  TYR A OH  1 
ATOM   917  N  N   . ASN A 1 121 ? 5.449   0.299   8.856   1.00 19.13 ? 121  ASN A N   1 
ATOM   918  C  CA  . ASN A 1 121 ? 6.820   -0.136  9.125   1.00 18.96 ? 121  ASN A CA  1 
ATOM   919  C  C   . ASN A 1 121 ? 7.735   1.036   8.865   1.00 18.96 ? 121  ASN A C   1 
ATOM   920  O  O   . ASN A 1 121 ? 7.972   1.388   7.721   1.00 19.40 ? 121  ASN A O   1 
ATOM   921  C  CB  . ASN A 1 121 ? 7.240   -1.349  8.292   1.00 18.60 ? 121  ASN A CB  1 
ATOM   922  C  CG  . ASN A 1 121 ? 8.615   -1.919  8.716   1.00 18.68 ? 121  ASN A CG  1 
ATOM   923  O  OD1 . ASN A 1 121 ? 9.364   -1.282  9.465   1.00 20.19 ? 121  ASN A OD1 1 
ATOM   924  N  ND2 . ASN A 1 121 ? 8.944   -3.111  8.231   1.00 16.74 ? 121  ASN A ND2 1 
ATOM   925  N  N   . PRO A 1 122 ? 8.233   1.642   9.943   1.00 19.54 ? 122  PRO A N   1 
ATOM   926  C  CA  . PRO A 1 122 ? 9.128   2.804   9.866   1.00 19.82 ? 122  PRO A CA  1 
ATOM   927  C  C   . PRO A 1 122 ? 10.568  2.440   9.533   1.00 20.24 ? 122  PRO A C   1 
ATOM   928  O  O   . PRO A 1 122 ? 11.404  3.347   9.319   1.00 20.31 ? 122  PRO A O   1 
ATOM   929  C  CB  . PRO A 1 122 ? 9.106   3.367   11.289  1.00 20.32 ? 122  PRO A CB  1 
ATOM   930  C  CG  . PRO A 1 122 ? 8.138   2.492   12.087  1.00 20.20 ? 122  PRO A CG  1 
ATOM   931  C  CD  . PRO A 1 122 ? 7.951   1.227   11.328  1.00 18.97 ? 122  PRO A CD  1 
ATOM   932  N  N   . GLN A 1 123 ? 10.864  1.145   9.501   1.00 20.45 ? 123  GLN A N   1 
ATOM   933  C  CA  . GLN A 1 123 ? 12.228  0.705   9.256   1.00 20.97 ? 123  GLN A CA  1 
ATOM   934  C  C   . GLN A 1 123 ? 12.287  -0.506  8.325   1.00 21.27 ? 123  GLN A C   1 
ATOM   935  O  O   . GLN A 1 123 ? 12.822  -1.546  8.673   1.00 21.59 ? 123  GLN A O   1 
ATOM   936  C  CB  . GLN A 1 123 ? 12.921  0.411   10.593  1.00 21.23 ? 123  GLN A CB  1 
ATOM   937  C  CG  . GLN A 1 123 ? 13.125  1.662   11.467  1.00 21.58 ? 123  GLN A CG  1 
ATOM   938  C  CD  . GLN A 1 123 ? 14.211  2.599   10.943  1.00 21.85 ? 123  GLN A CD  1 
ATOM   939  O  OE1 . GLN A 1 123 ? 14.401  3.693   11.476  1.00 24.11 ? 123  GLN A OE1 1 
ATOM   940  N  NE2 . GLN A 1 123 ? 14.928  2.167   9.916   1.00 20.23 ? 123  GLN A NE2 1 
ATOM   941  N  N   . TYR A 1 124 ? 11.731  -0.359  7.126   1.00 21.68 ? 124  TYR A N   1 
ATOM   942  C  CA  . TYR A 1 124 ? 11.759  -1.426  6.150   1.00 21.39 ? 124  TYR A CA  1 
ATOM   943  C  C   . TYR A 1 124 ? 12.964  -1.257  5.233   1.00 21.76 ? 124  TYR A C   1 
ATOM   944  O  O   . TYR A 1 124 ? 13.163  -0.194  4.639   1.00 20.92 ? 124  TYR A O   1 
ATOM   945  C  CB  . TYR A 1 124 ? 10.486  -1.427  5.297   1.00 21.79 ? 124  TYR A CB  1 
ATOM   946  C  CG  . TYR A 1 124 ? 10.575  -2.453  4.218   1.00 21.21 ? 124  TYR A CG  1 
ATOM   947  C  CD1 . TYR A 1 124 ? 10.483  -3.801  4.527   1.00 21.33 ? 124  TYR A CD1 1 
ATOM   948  C  CD2 . TYR A 1 124 ? 10.834  -2.094  2.908   1.00 21.05 ? 124  TYR A CD2 1 
ATOM   949  C  CE1 . TYR A 1 124 ? 10.597  -4.757  3.566   1.00 20.60 ? 124  TYR A CE1 1 
ATOM   950  C  CE2 . TYR A 1 124 ? 10.958  -3.052  1.927   1.00 20.94 ? 124  TYR A CE2 1 
ATOM   951  C  CZ  . TYR A 1 124 ? 10.839  -4.383  2.265   1.00 20.19 ? 124  TYR A CZ  1 
ATOM   952  O  OH  . TYR A 1 124 ? 10.987  -5.352  1.310   1.00 18.40 ? 124  TYR A OH  1 
ATOM   953  N  N   . ARG A 1 125 ? 13.764  -2.314  5.123   1.00 22.09 ? 125  ARG A N   1 
ATOM   954  C  CA  . ARG A 1 125 ? 14.941  -2.307  4.265   1.00 22.66 ? 125  ARG A CA  1 
ATOM   955  C  C   . ARG A 1 125 ? 14.587  -2.871  2.886   1.00 22.40 ? 125  ARG A C   1 
ATOM   956  O  O   . ARG A 1 125 ? 14.069  -3.988  2.766   1.00 21.48 ? 125  ARG A O   1 
ATOM   957  C  CB  . ARG A 1 125 ? 16.060  -3.139  4.906   1.00 23.34 ? 125  ARG A CB  1 
ATOM   958  C  CG  . ARG A 1 125 ? 17.456  -2.828  4.365   1.00 25.93 ? 125  ARG A CG  1 
ATOM   959  C  CD  . ARG A 1 125 ? 18.589  -3.494  5.138   1.00 31.58 ? 125  ARG A CD  1 
ATOM   960  N  NE  . ARG A 1 125 ? 18.933  -2.795  6.376   1.00 35.47 ? 125  ARG A NE  1 
ATOM   961  C  CZ  . ARG A 1 125 ? 19.413  -1.552  6.435   1.00 37.85 ? 125  ARG A CZ  1 
ATOM   962  N  NH1 . ARG A 1 125 ? 19.591  -0.844  5.319   1.00 37.47 ? 125  ARG A NH1 1 
ATOM   963  N  NH2 . ARG A 1 125 ? 19.712  -1.015  7.616   1.00 38.70 ? 125  ARG A NH2 1 
ATOM   964  N  N   . ILE A 1 126 ? 14.837  -2.078  1.850   1.00 22.06 ? 126  ILE A N   1 
ATOM   965  C  CA  . ILE A 1 126 ? 14.623  -2.528  0.484   1.00 22.41 ? 126  ILE A CA  1 
ATOM   966  C  C   . ILE A 1 126 ? 15.836  -3.351  0.051   1.00 22.71 ? 126  ILE A C   1 
ATOM   967  O  O   . ILE A 1 126 ? 16.975  -2.878  0.134   1.00 23.02 ? 126  ILE A O   1 
ATOM   968  C  CB  . ILE A 1 126 ? 14.474  -1.329  -0.433  1.00 22.23 ? 126  ILE A CB  1 
ATOM   969  C  CG1 . ILE A 1 126 ? 13.246  -0.492  -0.030  1.00 22.45 ? 126  ILE A CG1 1 
ATOM   970  C  CG2 . ILE A 1 126 ? 14.379  -1.784  -1.887  1.00 22.50 ? 126  ILE A CG2 1 
ATOM   971  C  CD1 . ILE A 1 126 ? 13.108  0.785   -0.823  1.00 21.63 ? 126  ILE A CD1 1 
ATOM   972  N  N   . PRO A 1 127 ? 15.609  -4.569  -0.426  1.00 22.72 ? 127  PRO A N   1 
ATOM   973  C  CA  . PRO A 1 127 ? 16.721  -5.423  -0.839  1.00 22.51 ? 127  PRO A CA  1 
ATOM   974  C  C   . PRO A 1 127 ? 17.619  -4.673  -1.807  1.00 22.27 ? 127  PRO A C   1 
ATOM   975  O  O   . PRO A 1 127 ? 17.139  -3.902  -2.630  1.00 22.13 ? 127  PRO A O   1 
ATOM   976  C  CB  . PRO A 1 127 ? 16.022  -6.588  -1.532  1.00 22.55 ? 127  PRO A CB  1 
ATOM   977  C  CG  . PRO A 1 127 ? 14.693  -6.662  -0.840  1.00 23.06 ? 127  PRO A CG  1 
ATOM   978  C  CD  . PRO A 1 127 ? 14.305  -5.224  -0.617  1.00 22.63 ? 127  PRO A CD  1 
ATOM   979  N  N   . SER A 1 128 ? 18.920  -4.906  -1.693  1.00 22.42 ? 128  SER A N   1 
ATOM   980  C  CA  . SER A 1 128 ? 19.905  -4.250  -2.537  1.00 22.68 ? 128  SER A CA  1 
ATOM   981  C  C   . SER A 1 128 ? 19.783  -4.595  -4.009  1.00 22.02 ? 128  SER A C   1 
ATOM   982  O  O   . SER A 1 128 ? 20.155  -3.796  -4.849  1.00 22.25 ? 128  SER A O   1 
ATOM   983  C  CB  . SER A 1 128 ? 21.324  -4.575  -2.047  1.00 23.22 ? 128  SER A CB  1 
ATOM   984  O  OG  . SER A 1 128 ? 21.698  -3.715  -0.986  1.00 24.58 ? 128  SER A OG  1 
ATOM   985  N  N   . ASP A 1 129 ? 19.264  -5.773  -4.339  1.00 21.99 ? 129  ASP A N   1 
ATOM   986  C  CA  . ASP A 1 129 ? 19.187  -6.148  -5.754  1.00 21.80 ? 129  ASP A CA  1 
ATOM   987  C  C   . ASP A 1 129 ? 17.867  -5.765  -6.401  1.00 21.70 ? 129  ASP A C   1 
ATOM   988  O  O   . ASP A 1 129 ? 17.605  -6.100  -7.563  1.00 21.76 ? 129  ASP A O   1 
ATOM   989  C  CB  . ASP A 1 129 ? 19.497  -7.636  -5.963  1.00 21.63 ? 129  ASP A CB  1 
ATOM   990  C  CG  . ASP A 1 129 ? 18.480  -8.552  -5.314  1.00 22.46 ? 129  ASP A CG  1 
ATOM   991  O  OD1 . ASP A 1 129 ? 17.654  -8.080  -4.511  1.00 24.22 ? 129  ASP A OD1 1 
ATOM   992  O  OD2 . ASP A 1 129 ? 18.431  -9.774  -5.541  1.00 23.55 ? 129  ASP A OD2 1 
ATOM   993  N  N   . ALA A 1 130 ? 17.051  -5.018  -5.668  1.00 21.01 ? 130  ALA A N   1 
ATOM   994  C  CA  . ALA A 1 130 ? 15.709  -4.680  -6.153  1.00 20.53 ? 130  ALA A CA  1 
ATOM   995  C  C   . ALA A 1 130 ? 15.632  -3.682  -7.310  1.00 20.21 ? 130  ALA A C   1 
ATOM   996  O  O   . ALA A 1 130 ? 16.197  -2.602  -7.232  1.00 21.15 ? 130  ALA A O   1 
ATOM   997  C  CB  . ALA A 1 130 ? 14.844  -4.192  -4.984  1.00 19.66 ? 130  ALA A CB  1 
ATOM   998  N  N   . THR A 1 131 ? 14.953  -4.058  -8.391  1.00 20.12 ? 131  THR A N   1 
ATOM   999  C  CA  . THR A 1 131 ? 14.566  -3.095  -9.435  1.00 20.26 ? 131  THR A CA  1 
ATOM   1000 C  C   . THR A 1 131 ? 13.060  -3.223  -9.738  1.00 20.46 ? 131  THR A C   1 
ATOM   1001 O  O   . THR A 1 131 ? 12.406  -4.174  -9.310  1.00 20.32 ? 131  THR A O   1 
ATOM   1002 C  CB  . THR A 1 131 ? 15.375  -3.228  -10.742 1.00 20.05 ? 131  THR A CB  1 
ATOM   1003 O  OG1 . THR A 1 131 ? 15.205  -4.541  -11.291 1.00 18.25 ? 131  THR A OG1 1 
ATOM   1004 C  CG2 . THR A 1 131 ? 16.892  -3.088  -10.481 1.00 20.73 ? 131  THR A CG2 1 
ATOM   1005 N  N   . ASP A 1 132 ? 12.525  -2.267  -10.482 1.00 21.23 ? 132  ASP A N   1 
ATOM   1006 C  CA  . ASP A 1 132 ? 11.108  -2.258  -10.827 1.00 22.40 ? 132  ASP A CA  1 
ATOM   1007 C  C   . ASP A 1 132 ? 10.247  -2.503  -9.599  1.00 21.62 ? 132  ASP A C   1 
ATOM   1008 O  O   . ASP A 1 132 ? 9.426   -3.430  -9.561  1.00 21.46 ? 132  ASP A O   1 
ATOM   1009 C  CB  . ASP A 1 132 ? 10.790  -3.301  -11.893 1.00 23.46 ? 132  ASP A CB  1 
ATOM   1010 C  CG  . ASP A 1 132 ? 9.975   -2.714  -13.026 1.00 28.73 ? 132  ASP A CG  1 
ATOM   1011 O  OD1 . ASP A 1 132 ? 8.763   -2.446  -12.855 1.00 31.50 ? 132  ASP A OD1 1 
ATOM   1012 O  OD2 . ASP A 1 132 ? 10.485  -2.408  -14.116 1.00 36.08 ? 132  ASP A OD2 1 
ATOM   1013 N  N   . MET A 1 133 ? 10.470  -1.678  -8.589  1.00 20.74 ? 133  MET A N   1 
ATOM   1014 C  CA  . MET A 1 133 ? 9.811   -1.803  -7.315  1.00 20.22 ? 133  MET A CA  1 
ATOM   1015 C  C   . MET A 1 133 ? 8.397   -1.245  -7.347  1.00 20.09 ? 133  MET A C   1 
ATOM   1016 O  O   . MET A 1 133 ? 8.136   -0.218  -7.969  1.00 19.16 ? 133  MET A O   1 
ATOM   1017 C  CB  . MET A 1 133 ? 10.600  -1.029  -6.268  1.00 20.04 ? 133  MET A CB  1 
ATOM   1018 C  CG  . MET A 1 133 ? 11.917  -1.667  -5.883  1.00 20.78 ? 133  MET A CG  1 
ATOM   1019 S  SD  . MET A 1 133 ? 12.855  -0.582  -4.821  1.00 19.55 ? 133  MET A SD  1 
ATOM   1020 C  CE  . MET A 1 133 ? 13.142  0.805   -5.901  1.00 18.48 ? 133  MET A CE  1 
ATOM   1021 N  N   . TYR A 1 134 ? 7.488   -1.940  -6.666  1.00 20.24 ? 134  TYR A N   1 
ATOM   1022 C  CA  . TYR A 1 134 ? 6.145   -1.422  -6.438  1.00 19.99 ? 134  TYR A CA  1 
ATOM   1023 C  C   . TYR A 1 134 ? 5.758   -1.714  -4.993  1.00 20.29 ? 134  TYR A C   1 
ATOM   1024 O  O   . TYR A 1 134 ? 6.061   -2.788  -4.471  1.00 20.49 ? 134  TYR A O   1 
ATOM   1025 C  CB  . TYR A 1 134 ? 5.109   -2.049  -7.385  1.00 19.94 ? 134  TYR A CB  1 
ATOM   1026 C  CG  . TYR A 1 134 ? 5.202   -1.649  -8.846  1.00 19.69 ? 134  TYR A CG  1 
ATOM   1027 C  CD1 . TYR A 1 134 ? 6.124   -2.253  -9.683  1.00 19.40 ? 134  TYR A CD1 1 
ATOM   1028 C  CD2 . TYR A 1 134 ? 4.330   -0.713  -9.398  1.00 20.92 ? 134  TYR A CD2 1 
ATOM   1029 C  CE1 . TYR A 1 134 ? 6.213   -1.925  -11.002 1.00 21.62 ? 134  TYR A CE1 1 
ATOM   1030 C  CE2 . TYR A 1 134 ? 4.404   -0.373  -10.750 1.00 21.53 ? 134  TYR A CE2 1 
ATOM   1031 C  CZ  . TYR A 1 134 ? 5.357   -0.991  -11.541 1.00 21.61 ? 134  TYR A CZ  1 
ATOM   1032 O  OH  . TYR A 1 134 ? 5.486   -0.705  -12.874 1.00 22.56 ? 134  TYR A OH  1 
ATOM   1033 N  N   . VAL A 1 135 ? 5.124   -0.754  -4.325  1.00 20.02 ? 135  VAL A N   1 
ATOM   1034 C  CA  . VAL A 1 135 ? 4.554   -1.048  -3.023  1.00 20.24 ? 135  VAL A CA  1 
ATOM   1035 C  C   . VAL A 1 135 ? 3.207   -1.651  -3.395  1.00 19.94 ? 135  VAL A C   1 
ATOM   1036 O  O   . VAL A 1 135 ? 2.541   -1.170  -4.315  1.00 20.16 ? 135  VAL A O   1 
ATOM   1037 C  CB  . VAL A 1 135 ? 4.458   0.206   -2.103  1.00 20.04 ? 135  VAL A CB  1 
ATOM   1038 C  CG1 . VAL A 1 135 ? 3.866   1.362   -2.850  1.00 21.03 ? 135  VAL A CG1 1 
ATOM   1039 C  CG2 . VAL A 1 135 ? 3.656   -0.082  -0.847  1.00 18.67 ? 135  VAL A CG2 1 
ATOM   1040 N  N   . TYR A 1 136 ? 2.809   -2.696  -2.688  1.00 19.71 ? 136  TYR A N   1 
ATOM   1041 C  CA  . TYR A 1 136 ? 1.703   -3.544  -3.126  1.00 19.76 ? 136  TYR A CA  1 
ATOM   1042 C  C   . TYR A 1 136 ? 0.801   -3.883  -1.955  1.00 20.06 ? 136  TYR A C   1 
ATOM   1043 O  O   . TYR A 1 136 ? 1.256   -4.445  -0.953  1.00 20.52 ? 136  TYR A O   1 
ATOM   1044 C  CB  . TYR A 1 136 ? 2.330   -4.828  -3.691  1.00 19.71 ? 136  TYR A CB  1 
ATOM   1045 C  CG  . TYR A 1 136 ? 1.497   -5.736  -4.577  1.00 20.08 ? 136  TYR A CG  1 
ATOM   1046 C  CD1 . TYR A 1 136 ? 1.508   -5.587  -5.950  1.00 20.12 ? 136  TYR A CD1 1 
ATOM   1047 C  CD2 . TYR A 1 136 ? 0.763   -6.797  -4.039  1.00 21.92 ? 136  TYR A CD2 1 
ATOM   1048 C  CE1 . TYR A 1 136 ? 0.784   -6.437  -6.779  1.00 19.38 ? 136  TYR A CE1 1 
ATOM   1049 C  CE2 . TYR A 1 136 ? 0.033   -7.658  -4.862  1.00 22.28 ? 136  TYR A CE2 1 
ATOM   1050 C  CZ  . TYR A 1 136 ? 0.048   -7.464  -6.240  1.00 20.78 ? 136  TYR A CZ  1 
ATOM   1051 O  OH  . TYR A 1 136 ? -0.672  -8.302  -7.077  1.00 19.90 ? 136  TYR A OH  1 
ATOM   1052 N  N   . VAL A 1 137 ? -0.477  -3.547  -2.085  1.00 19.77 ? 137  VAL A N   1 
ATOM   1053 C  CA  . VAL A 1 137 ? -1.451  -3.797  -1.031  1.00 20.11 ? 137  VAL A CA  1 
ATOM   1054 C  C   . VAL A 1 137 ? -2.514  -4.810  -1.476  1.00 20.67 ? 137  VAL A C   1 
ATOM   1055 O  O   . VAL A 1 137 ? -3.122  -4.663  -2.531  1.00 21.01 ? 137  VAL A O   1 
ATOM   1056 C  CB  . VAL A 1 137 ? -2.165  -2.505  -0.607  1.00 20.03 ? 137  VAL A CB  1 
ATOM   1057 C  CG1 . VAL A 1 137 ? -3.032  -2.755  0.623   1.00 19.46 ? 137  VAL A CG1 1 
ATOM   1058 C  CG2 . VAL A 1 137 ? -1.159  -1.372  -0.352  1.00 18.72 ? 137  VAL A CG2 1 
ATOM   1059 N  N   . GLU A 1 138 ? -2.735  -5.827  -0.661  1.00 21.38 ? 138  GLU A N   1 
ATOM   1060 C  CA  . GLU A 1 138 ? -3.672  -6.894  -0.984  1.00 23.01 ? 138  GLU A CA  1 
ATOM   1061 C  C   . GLU A 1 138 ? -4.197  -7.498  0.321   1.00 23.36 ? 138  GLU A C   1 
ATOM   1062 O  O   . GLU A 1 138 ? -3.842  -7.039  1.408   1.00 22.64 ? 138  GLU A O   1 
ATOM   1063 C  CB  . GLU A 1 138 ? -2.925  -7.987  -1.760  1.00 23.40 ? 138  GLU A CB  1 
ATOM   1064 C  CG  . GLU A 1 138 ? -1.792  -8.604  -0.949  1.00 24.77 ? 138  GLU A CG  1 
ATOM   1065 C  CD  . GLU A 1 138 ? -0.910  -9.541  -1.757  1.00 27.03 ? 138  GLU A CD  1 
ATOM   1066 O  OE1 . GLU A 1 138 ? -1.242  -9.847  -2.915  1.00 29.28 ? 138  GLU A OE1 1 
ATOM   1067 O  OE2 . GLU A 1 138 ? 0.124   -9.978  -1.234  1.00 27.43 ? 138  GLU A OE2 1 
ATOM   1068 N  N   . THR A 1 139 ? -5.050  -8.511  0.218   1.00 24.21 ? 139  THR A N   1 
ATOM   1069 C  CA  . THR A 1 139 ? -5.457  -9.250  1.414   1.00 25.21 ? 139  THR A CA  1 
ATOM   1070 C  C   . THR A 1 139 ? -4.846  -10.616 1.259   1.00 25.82 ? 139  THR A C   1 
ATOM   1071 O  O   . THR A 1 139 ? -4.441  -10.995 0.161   1.00 25.95 ? 139  THR A O   1 
ATOM   1072 C  CB  . THR A 1 139 ? -6.975  -9.388  1.554   1.00 25.35 ? 139  THR A CB  1 
ATOM   1073 O  OG1 . THR A 1 139 ? -7.484  -10.166 0.469   1.00 24.89 ? 139  THR A OG1 1 
ATOM   1074 C  CG2 . THR A 1 139 ? -7.662  -8.041  1.421   1.00 25.41 ? 139  THR A CG2 1 
ATOM   1075 N  N   . ALA A 1 140 ? -4.798  -11.367 2.345   1.00 26.58 ? 140  ALA A N   1 
ATOM   1076 C  CA  . ALA A 1 140 ? -4.136  -12.664 2.320   1.00 27.61 ? 140  ALA A CA  1 
ATOM   1077 C  C   . ALA A 1 140 ? -4.936  -13.788 1.671   1.00 28.30 ? 140  ALA A C   1 
ATOM   1078 O  O   . ALA A 1 140 ? -4.368  -14.616 0.957   1.00 28.31 ? 140  ALA A O   1 
ATOM   1079 C  CB  . ALA A 1 140 ? -3.743  -13.074 3.725   1.00 27.55 ? 140  ALA A CB  1 
ATOM   1080 N  N   . ASP A 1 141 ? -6.245  -13.825 1.904   1.00 29.01 ? 141  ASP A N   1 
ATOM   1081 C  CA  . ASP A 1 141 ? -7.011  -14.993 1.472   1.00 30.20 ? 141  ASP A CA  1 
ATOM   1082 C  C   . ASP A 1 141 ? -8.483  -14.751 1.144   1.00 29.58 ? 141  ASP A C   1 
ATOM   1083 O  O   . ASP A 1 141 ? -9.343  -15.507 1.590   1.00 29.09 ? 141  ASP A O   1 
ATOM   1084 C  CB  . ASP A 1 141 ? -6.919  -16.078 2.560   1.00 30.97 ? 141  ASP A CB  1 
ATOM   1085 C  CG  . ASP A 1 141 ? -7.085  -17.497 2.006   1.00 34.94 ? 141  ASP A CG  1 
ATOM   1086 O  OD1 . ASP A 1 141 ? -7.274  -17.671 0.775   1.00 37.65 ? 141  ASP A OD1 1 
ATOM   1087 O  OD2 . ASP A 1 141 ? -7.031  -18.516 2.737   1.00 39.35 ? 141  ASP A OD2 1 
ATOM   1088 N  N   . ASP A 1 142 ? -8.772  -13.717 0.359   1.00 29.00 ? 142  ASP A N   1 
ATOM   1089 C  CA  . ASP A 1 142 ? -10.151 -13.428 -0.025  1.00 28.58 ? 142  ASP A CA  1 
ATOM   1090 C  C   . ASP A 1 142 ? -10.190 -12.407 -1.156  1.00 28.42 ? 142  ASP A C   1 
ATOM   1091 O  O   . ASP A 1 142 ? -9.150  -11.906 -1.575  1.00 28.22 ? 142  ASP A O   1 
ATOM   1092 C  CB  . ASP A 1 142 ? -10.936 -12.904 1.179   1.00 28.34 ? 142  ASP A CB  1 
ATOM   1093 C  CG  . ASP A 1 142 ? -10.359 -11.616 1.732   1.00 28.03 ? 142  ASP A CG  1 
ATOM   1094 O  OD1 . ASP A 1 142 ? -10.151 -11.520 2.969   1.00 27.52 ? 142  ASP A OD1 1 
ATOM   1095 O  OD2 . ASP A 1 142 ? -10.090 -10.640 1.006   1.00 26.74 ? 142  ASP A OD2 1 
ATOM   1096 N  N   . THR A 1 143 ? -11.385 -12.075 -1.636  1.00 28.12 ? 143  THR A N   1 
ATOM   1097 C  CA  . THR A 1 143 ? -11.491 -11.134 -2.748  1.00 27.72 ? 143  THR A CA  1 
ATOM   1098 C  C   . THR A 1 143 ? -12.480 -10.009 -2.496  1.00 27.29 ? 143  THR A C   1 
ATOM   1099 O  O   . THR A 1 143 ? -13.115 -9.494  -3.428  1.00 27.32 ? 143  THR A O   1 
ATOM   1100 C  CB  . THR A 1 143 ? -11.855 -11.870 -4.060  1.00 28.12 ? 143  THR A CB  1 
ATOM   1101 O  OG1 . THR A 1 143 ? -13.196 -12.366 -3.982  1.00 28.00 ? 143  THR A OG1 1 
ATOM   1102 C  CG2 . THR A 1 143 ? -10.993 -13.146 -4.242  1.00 27.92 ? 143  THR A CG2 1 
ATOM   1103 N  N   . ILE A 1 144 ? -12.603 -9.595  -1.245  1.00 26.52 ? 144  ILE A N   1 
ATOM   1104 C  CA  . ILE A 1 144 ? -13.533 -8.518  -0.935  1.00 25.77 ? 144  ILE A CA  1 
ATOM   1105 C  C   . ILE A 1 144 ? -13.071 -7.168  -1.487  1.00 25.01 ? 144  ILE A C   1 
ATOM   1106 O  O   . ILE A 1 144 ? -11.893 -6.979  -1.804  1.00 23.96 ? 144  ILE A O   1 
ATOM   1107 C  CB  . ILE A 1 144 ? -13.695 -8.392  0.570   1.00 26.06 ? 144  ILE A CB  1 
ATOM   1108 C  CG1 . ILE A 1 144 ? -12.368 -7.949  1.190   1.00 25.97 ? 144  ILE A CG1 1 
ATOM   1109 C  CG2 . ILE A 1 144 ? -14.225 -9.703  1.161   1.00 26.48 ? 144  ILE A CG2 1 
ATOM   1110 C  CD1 . ILE A 1 144 ? -12.273 -8.169  2.685   1.00 27.24 ? 144  ILE A CD1 1 
ATOM   1111 N  N   . ASN A 1 145 ? -14.019 -6.244  -1.623  1.00 23.81 ? 145  ASN A N   1 
ATOM   1112 C  CA  . ASN A 1 145 ? -13.668 -4.880  -1.941  1.00 23.43 ? 145  ASN A CA  1 
ATOM   1113 C  C   . ASN A 1 145 ? -12.995 -4.322  -0.692  1.00 23.13 ? 145  ASN A C   1 
ATOM   1114 O  O   . ASN A 1 145 ? -13.385 -4.658  0.428   1.00 22.46 ? 145  ASN A O   1 
ATOM   1115 C  CB  . ASN A 1 145 ? -14.920 -4.039  -2.209  1.00 23.44 ? 145  ASN A CB  1 
ATOM   1116 C  CG  . ASN A 1 145 ? -15.569 -4.335  -3.562  1.00 24.38 ? 145  ASN A CG  1 
ATOM   1117 O  OD1 . ASN A 1 145 ? -15.128 -5.207  -4.318  1.00 24.63 ? 145  ASN A OD1 1 
ATOM   1118 N  ND2 . ASN A 1 145 ? -16.641 -3.607  -3.859  1.00 24.53 ? 145  ASN A ND2 1 
ATOM   1119 N  N   . PHE A 1 146 ? -11.995 -3.464  -0.857  1.00 22.69 ? 146  PHE A N   1 
ATOM   1120 C  CA  . PHE A 1 146 ? -11.440 -2.807  0.318   1.00 22.07 ? 146  PHE A CA  1 
ATOM   1121 C  C   . PHE A 1 146 ? -11.011 -1.394  -0.024  1.00 21.85 ? 146  PHE A C   1 
ATOM   1122 O  O   . PHE A 1 146 ? -10.938 -1.040  -1.194  1.00 21.57 ? 146  PHE A O   1 
ATOM   1123 C  CB  . PHE A 1 146 ? -10.306 -3.627  0.954   1.00 21.77 ? 146  PHE A CB  1 
ATOM   1124 C  CG  . PHE A 1 146 ? -9.062  -3.758  0.093   1.00 21.86 ? 146  PHE A CG  1 
ATOM   1125 C  CD1 . PHE A 1 146 ? -8.066  -2.793  0.137   1.00 21.76 ? 146  PHE A CD1 1 
ATOM   1126 C  CD2 . PHE A 1 146 ? -8.881  -4.863  -0.710  1.00 21.39 ? 146  PHE A CD2 1 
ATOM   1127 C  CE1 . PHE A 1 146 ? -6.914  -2.916  -0.633  1.00 24.62 ? 146  PHE A CE1 1 
ATOM   1128 C  CE2 . PHE A 1 146 ? -7.736  -5.005  -1.485  1.00 25.45 ? 146  PHE A CE2 1 
ATOM   1129 C  CZ  . PHE A 1 146 ? -6.738  -4.025  -1.452  1.00 24.49 ? 146  PHE A CZ  1 
ATOM   1130 N  N   . TYR A 1 147 ? -10.733 -0.603  1.004   1.00 21.58 ? 147  TYR A N   1 
ATOM   1131 C  CA  . TYR A 1 147 ? -10.358 0.793   0.843   1.00 21.77 ? 147  TYR A CA  1 
ATOM   1132 C  C   . TYR A 1 147 ? -9.017  1.082   1.510   1.00 21.16 ? 147  TYR A C   1 
ATOM   1133 O  O   . TYR A 1 147 ? -8.663  0.463   2.516   1.00 20.84 ? 147  TYR A O   1 
ATOM   1134 C  CB  . TYR A 1 147 ? -11.441 1.718   1.452   1.00 22.29 ? 147  TYR A CB  1 
ATOM   1135 C  CG  . TYR A 1 147 ? -12.847 1.384   0.982   1.00 23.31 ? 147  TYR A CG  1 
ATOM   1136 C  CD1 . TYR A 1 147 ? -13.460 0.206   1.366   1.00 24.34 ? 147  TYR A CD1 1 
ATOM   1137 C  CD2 . TYR A 1 147 ? -13.544 2.235   0.131   1.00 25.07 ? 147  TYR A CD2 1 
ATOM   1138 C  CE1 . TYR A 1 147 ? -14.725 -0.128  0.930   1.00 26.24 ? 147  TYR A CE1 1 
ATOM   1139 C  CE2 . TYR A 1 147 ? -14.831 1.914   -0.310  1.00 26.92 ? 147  TYR A CE2 1 
ATOM   1140 C  CZ  . TYR A 1 147 ? -15.412 0.726   0.097   1.00 27.51 ? 147  TYR A CZ  1 
ATOM   1141 O  OH  . TYR A 1 147 ? -16.676 0.366   -0.327  1.00 29.77 ? 147  TYR A OH  1 
ATOM   1142 N  N   . ILE A 1 148 ? -8.265  2.010   0.933   1.00 20.42 ? 148  ILE A N   1 
ATOM   1143 C  CA  . ILE A 1 148 ? -7.035  2.474   1.546   1.00 20.40 ? 148  ILE A CA  1 
ATOM   1144 C  C   . ILE A 1 148 ? -7.003  3.991   1.520   1.00 20.42 ? 148  ILE A C   1 
ATOM   1145 O  O   . ILE A 1 148 ? -7.644  4.635   0.681   1.00 20.52 ? 148  ILE A O   1 
ATOM   1146 C  CB  . ILE A 1 148 ? -5.764  1.887   0.888   1.00 20.06 ? 148  ILE A CB  1 
ATOM   1147 C  CG1 . ILE A 1 148 ? -5.506  2.526   -0.469  1.00 20.97 ? 148  ILE A CG1 1 
ATOM   1148 C  CG2 . ILE A 1 148 ? -5.837  0.364   0.806   1.00 19.90 ? 148  ILE A CG2 1 
ATOM   1149 C  CD1 . ILE A 1 148 ? -4.267  1.998   -1.186  1.00 20.65 ? 148  ILE A CD1 1 
ATOM   1150 N  N   . ASP A 1 149 ? -6.231  4.558   2.429   1.00 19.81 ? 149  ASP A N   1 
ATOM   1151 C  CA  . ASP A 1 149 ? -6.193  5.991   2.573   1.00 20.08 ? 149  ASP A CA  1 
ATOM   1152 C  C   . ASP A 1 149 ? -4.861  6.324   3.206   1.00 19.65 ? 149  ASP A C   1 
ATOM   1153 O  O   . ASP A 1 149 ? -4.193  5.451   3.753   1.00 19.28 ? 149  ASP A O   1 
ATOM   1154 C  CB  . ASP A 1 149 ? -7.357  6.432   3.488   1.00 20.08 ? 149  ASP A CB  1 
ATOM   1155 C  CG  . ASP A 1 149 ? -7.721  7.906   3.335   1.00 21.27 ? 149  ASP A CG  1 
ATOM   1156 O  OD1 . ASP A 1 149 ? -6.984  8.668   2.660   1.00 20.79 ? 149  ASP A OD1 1 
ATOM   1157 O  OD2 . ASP A 1 149 ? -8.743  8.397   3.878   1.00 22.81 ? 149  ASP A OD2 1 
ATOM   1158 N  N   . GLU A 1 150 ? -4.456  7.579   3.084   1.00 19.75 ? 150  GLU A N   1 
ATOM   1159 C  CA  . GLU A 1 150 ? -3.233  8.042   3.714   1.00 20.32 ? 150  GLU A CA  1 
ATOM   1160 C  C   . GLU A 1 150 ? -2.013  7.153   3.451   1.00 19.60 ? 150  GLU A C   1 
ATOM   1161 O  O   . GLU A 1 150 ? -1.277  6.810   4.382   1.00 19.69 ? 150  GLU A O   1 
ATOM   1162 C  CB  . GLU A 1 150 ? -3.469  8.199   5.228   1.00 20.82 ? 150  GLU A CB  1 
ATOM   1163 C  CG  . GLU A 1 150 ? -4.246  9.455   5.582   1.00 23.86 ? 150  GLU A CG  1 
ATOM   1164 C  CD  . GLU A 1 150 ? -3.476  10.717  5.237   1.00 27.94 ? 150  GLU A CD  1 
ATOM   1165 O  OE1 . GLU A 1 150 ? -4.037  11.572  4.525   1.00 31.20 ? 150  GLU A OE1 1 
ATOM   1166 O  OE2 . GLU A 1 150 ? -2.309  10.852  5.662   1.00 29.24 ? 150  GLU A OE2 1 
ATOM   1167 N  N   . ALA A 1 151 ? -1.795  6.778   2.194   1.00 19.42 ? 151  ALA A N   1 
ATOM   1168 C  CA  . ALA A 1 151 ? -0.602  6.009   1.845   1.00 19.34 ? 151  ALA A CA  1 
ATOM   1169 C  C   . ALA A 1 151 ? 0.606   6.938   1.852   1.00 19.44 ? 151  ALA A C   1 
ATOM   1170 O  O   . ALA A 1 151 ? 0.624   7.959   1.167   1.00 19.25 ? 151  ALA A O   1 
ATOM   1171 C  CB  . ALA A 1 151 ? -0.754  5.312   0.502   1.00 19.20 ? 151  ALA A CB  1 
ATOM   1172 N  N   . ILE A 1 152 ? 1.617   6.579   2.637   1.00 19.47 ? 152  ILE A N   1 
ATOM   1173 C  CA  . ILE A 1 152 ? 2.794   7.410   2.775   1.00 19.17 ? 152  ILE A CA  1 
ATOM   1174 C  C   . ILE A 1 152 ? 4.060   6.590   2.592   1.00 19.70 ? 152  ILE A C   1 
ATOM   1175 O  O   . ILE A 1 152 ? 4.109   5.406   2.943   1.00 19.25 ? 152  ILE A O   1 
ATOM   1176 C  CB  . ILE A 1 152 ? 2.778   8.103   4.173   1.00 18.97 ? 152  ILE A CB  1 
ATOM   1177 C  CG1 . ILE A 1 152 ? 1.693   9.194   4.227   1.00 17.77 ? 152  ILE A CG1 1 
ATOM   1178 C  CG2 . ILE A 1 152 ? 4.126   8.706   4.513   1.00 18.93 ? 152  ILE A CG2 1 
ATOM   1179 C  CD1 . ILE A 1 152 ? 1.270   9.565   5.655   1.00 15.27 ? 152  ILE A CD1 1 
ATOM   1180 N  N   . GLY A 1 153 ? 5.070   7.236   2.016   1.00 19.74 ? 153  GLY A N   1 
ATOM   1181 C  CA  . GLY A 1 153 ? 6.400   6.678   1.871   1.00 19.90 ? 153  GLY A CA  1 
ATOM   1182 C  C   . GLY A 1 153 ? 7.301   7.786   2.386   1.00 20.45 ? 153  GLY A C   1 
ATOM   1183 O  O   . GLY A 1 153 ? 7.211   8.923   1.910   1.00 20.29 ? 153  GLY A O   1 
ATOM   1184 N  N   . ALA A 1 154 ? 8.161   7.470   3.354   1.00 20.44 ? 154  ALA A N   1 
ATOM   1185 C  CA  . ALA A 1 154 ? 8.966   8.500   4.000   1.00 20.41 ? 154  ALA A CA  1 
ATOM   1186 C  C   . ALA A 1 154 ? 10.351  8.027   4.435   1.00 20.50 ? 154  ALA A C   1 
ATOM   1187 O  O   . ALA A 1 154 ? 10.682  6.839   4.340   1.00 19.74 ? 154  ALA A O   1 
ATOM   1188 C  CB  . ALA A 1 154 ? 8.208   9.051   5.201   1.00 20.33 ? 154  ALA A CB  1 
ATOM   1189 N  N   . VAL A 1 155 ? 11.155  8.978   4.910   1.00 21.04 ? 155  VAL A N   1 
ATOM   1190 C  CA  . VAL A 1 155 ? 12.485  8.681   5.436   1.00 20.75 ? 155  VAL A CA  1 
ATOM   1191 C  C   . VAL A 1 155 ? 12.353  7.663   6.563   1.00 20.40 ? 155  VAL A C   1 
ATOM   1192 O  O   . VAL A 1 155 ? 11.373  7.671   7.307   1.00 20.21 ? 155  VAL A O   1 
ATOM   1193 C  CB  . VAL A 1 155 ? 13.177  9.953   6.017   1.00 21.07 ? 155  VAL A CB  1 
ATOM   1194 C  CG1 . VAL A 1 155 ? 13.309  11.057  4.966   1.00 21.08 ? 155  VAL A CG1 1 
ATOM   1195 C  CG2 . VAL A 1 155 ? 12.428  10.468  7.225   1.00 21.85 ? 155  VAL A CG2 1 
ATOM   1196 N  N   . ALA A 1 156 ? 13.339  6.782   6.677   1.00 20.36 ? 156  ALA A N   1 
ATOM   1197 C  CA  . ALA A 1 156 ? 13.410  5.791   7.746   1.00 20.18 ? 156  ALA A CA  1 
ATOM   1198 C  C   . ALA A 1 156 ? 13.153  6.407   9.124   1.00 20.09 ? 156  ALA A C   1 
ATOM   1199 O  O   . ALA A 1 156 ? 13.656  7.491   9.435   1.00 19.59 ? 156  ALA A O   1 
ATOM   1200 C  CB  . ALA A 1 156 ? 14.779  5.128   7.726   1.00 20.83 ? 156  ALA A CB  1 
ATOM   1201 N  N   . GLY A 1 157 ? 12.380  5.700   9.953   1.00 19.71 ? 157  GLY A N   1 
ATOM   1202 C  CA  . GLY A 1 157 ? 12.087  6.162   11.293  1.00 19.69 ? 157  GLY A CA  1 
ATOM   1203 C  C   . GLY A 1 157 ? 10.973  7.200   11.412  1.00 20.10 ? 157  GLY A C   1 
ATOM   1204 O  O   . GLY A 1 157 ? 10.581  7.571   12.518  1.00 19.59 ? 157  GLY A O   1 
ATOM   1205 N  N   . THR A 1 158 ? 10.462  7.671   10.285  1.00 20.51 ? 158  THR A N   1 
ATOM   1206 C  CA  . THR A 1 158 ? 9.374   8.646   10.298  1.00 21.25 ? 158  THR A CA  1 
ATOM   1207 C  C   . THR A 1 158 ? 8.242   8.172   11.180  1.00 21.67 ? 158  THR A C   1 
ATOM   1208 O  O   . THR A 1 158 ? 7.790   7.037   11.059  1.00 22.31 ? 158  THR A O   1 
ATOM   1209 C  CB  . THR A 1 158 ? 8.832   8.860   8.886   1.00 21.20 ? 158  THR A CB  1 
ATOM   1210 O  OG1 . THR A 1 158 ? 9.801   9.567   8.107   1.00 20.71 ? 158  THR A OG1 1 
ATOM   1211 C  CG2 . THR A 1 158 ? 7.644   9.811   8.909   1.00 21.62 ? 158  THR A CG2 1 
ATOM   1212 N  N   . VAL A 1 159 ? 7.764   9.040   12.055  1.00 22.59 ? 159  VAL A N   1 
ATOM   1213 C  CA  . VAL A 1 159 ? 6.700   8.661   12.956  1.00 23.61 ? 159  VAL A CA  1 
ATOM   1214 C  C   . VAL A 1 159 ? 5.327   9.020   12.413  1.00 24.61 ? 159  VAL A C   1 
ATOM   1215 O  O   . VAL A 1 159 ? 5.030   10.176  12.142  1.00 24.61 ? 159  VAL A O   1 
ATOM   1216 C  CB  . VAL A 1 159 ? 6.906   9.267   14.352  1.00 23.92 ? 159  VAL A CB  1 
ATOM   1217 C  CG1 . VAL A 1 159 ? 5.653   9.097   15.195  1.00 23.46 ? 159  VAL A CG1 1 
ATOM   1218 C  CG2 . VAL A 1 159 ? 8.115   8.605   15.027  1.00 24.03 ? 159  VAL A CG2 1 
ATOM   1219 N  N   . ILE A 1 160 ? 4.499   8.003   12.235  1.00 26.00 ? 160  ILE A N   1 
ATOM   1220 C  CA  . ILE A 1 160 ? 3.140   8.192   11.784  1.00 27.61 ? 160  ILE A CA  1 
ATOM   1221 C  C   . ILE A 1 160 ? 2.213   7.563   12.805  1.00 29.18 ? 160  ILE A C   1 
ATOM   1222 O  O   . ILE A 1 160 ? 2.263   6.349   13.030  1.00 29.26 ? 160  ILE A O   1 
ATOM   1223 C  CB  . ILE A 1 160 ? 2.954   7.542   10.419  1.00 27.40 ? 160  ILE A CB  1 
ATOM   1224 C  CG1 . ILE A 1 160 ? 3.813   8.292   9.401   1.00 28.27 ? 160  ILE A CG1 1 
ATOM   1225 C  CG2 . ILE A 1 160 ? 1.487   7.559   10.009  1.00 26.26 ? 160  ILE A CG2 1 
ATOM   1226 C  CD1 . ILE A 1 160 ? 3.814   7.678   8.057   1.00 28.96 ? 160  ILE A CD1 1 
ATOM   1227 N  N   . GLU A 1 161 ? 1.375   8.386   13.425  1.00 30.86 ? 161  GLU A N   1 
ATOM   1228 C  CA  . GLU A 1 161 ? 0.466   7.901   14.456  1.00 32.90 ? 161  GLU A CA  1 
ATOM   1229 C  C   . GLU A 1 161 ? -0.636  6.993   13.899  1.00 32.79 ? 161  GLU A C   1 
ATOM   1230 O  O   . GLU A 1 161 ? -0.898  6.983   12.695  1.00 33.07 ? 161  GLU A O   1 
ATOM   1231 C  CB  . GLU A 1 161 ? -0.147  9.071   15.240  1.00 33.67 ? 161  GLU A CB  1 
ATOM   1232 C  CG  . GLU A 1 161 ? 0.871   9.944   15.975  1.00 37.23 ? 161  GLU A CG  1 
ATOM   1233 C  CD  . GLU A 1 161 ? 1.689   9.191   17.020  1.00 41.96 ? 161  GLU A CD  1 
ATOM   1234 O  OE1 . GLU A 1 161 ? 1.545   7.946   17.134  1.00 43.76 ? 161  GLU A OE1 1 
ATOM   1235 O  OE2 . GLU A 1 161 ? 2.488   9.853   17.736  1.00 43.34 ? 161  GLU A OE2 1 
HETATM 1236 CA CA  . CA  B 2 .   ? -8.551  10.539  2.296   1.00 25.14 ? 1162 CA  A CA  1 
HETATM 1237 O  O   . HOH C 3 .   ? 16.753  16.536  1.532   1.00 33.01 ? 2001 HOH A O   1 
HETATM 1238 O  O   . HOH C 3 .   ? 6.433   18.941  3.705   1.00 57.06 ? 2002 HOH A O   1 
HETATM 1239 O  O   . HOH C 3 .   ? 4.450   12.228  10.277  1.00 25.32 ? 2003 HOH A O   1 
HETATM 1240 O  O   . HOH C 3 .   ? 0.126   11.865  8.613   1.00 47.23 ? 2004 HOH A O   1 
HETATM 1241 O  O   . HOH C 3 .   ? 15.988  8.712   2.842   1.00 29.10 ? 2005 HOH A O   1 
HETATM 1242 O  O   . HOH C 3 .   ? 2.311   3.453   1.404   1.00 26.04 ? 2006 HOH A O   1 
HETATM 1243 O  O   . HOH C 3 .   ? -9.739  3.295   -13.543 1.00 40.51 ? 2007 HOH A O   1 
HETATM 1244 O  O   . HOH C 3 .   ? -3.694  10.882  -3.708  1.00 34.07 ? 2008 HOH A O   1 
HETATM 1245 O  O   . HOH C 3 .   ? 1.187   9.000   -5.523  1.00 22.43 ? 2009 HOH A O   1 
HETATM 1246 O  O   . HOH C 3 .   ? -21.008 0.369   -8.307  1.00 36.23 ? 2010 HOH A O   1 
HETATM 1247 O  O   . HOH C 3 .   ? -11.737 -10.515 -14.168 1.00 28.63 ? 2011 HOH A O   1 
HETATM 1248 O  O   . HOH C 3 .   ? -6.440  10.746  -11.082 1.00 31.04 ? 2012 HOH A O   1 
HETATM 1249 O  O   . HOH C 3 .   ? -6.234  -12.328 -13.246 1.00 28.24 ? 2013 HOH A O   1 
HETATM 1250 O  O   . HOH C 3 .   ? -1.767  6.514   -10.696 1.00 44.75 ? 2014 HOH A O   1 
HETATM 1251 O  O   . HOH C 3 .   ? -3.116  10.573  -11.284 1.00 31.44 ? 2015 HOH A O   1 
HETATM 1252 O  O   . HOH C 3 .   ? 0.878   12.027  -8.421  1.00 39.88 ? 2016 HOH A O   1 
HETATM 1253 O  O   . HOH C 3 .   ? 4.246   6.169   -11.214 1.00 40.46 ? 2017 HOH A O   1 
HETATM 1254 O  O   . HOH C 3 .   ? -5.106  3.874   -11.709 1.00 24.67 ? 2018 HOH A O   1 
HETATM 1255 O  O   . HOH C 3 .   ? -5.320  0.971   -12.815 1.00 31.79 ? 2019 HOH A O   1 
HETATM 1256 O  O   . HOH C 3 .   ? -1.491  -1.772  -13.897 1.00 37.51 ? 2020 HOH A O   1 
HETATM 1257 O  O   . HOH C 3 .   ? -11.614 -3.905  -13.346 1.00 27.97 ? 2021 HOH A O   1 
HETATM 1258 O  O   . HOH C 3 .   ? -7.485  -4.462  -13.971 1.00 36.78 ? 2022 HOH A O   1 
HETATM 1259 O  O   . HOH C 3 .   ? -2.073  7.970   8.741   1.00 27.06 ? 2023 HOH A O   1 
HETATM 1260 O  O   . HOH C 3 .   ? -7.909  4.595   -11.675 1.00 34.39 ? 2024 HOH A O   1 
HETATM 1261 O  O   . HOH C 3 .   ? -8.179  0.796   -12.114 1.00 32.55 ? 2025 HOH A O   1 
HETATM 1262 O  O   . HOH C 3 .   ? -17.123 7.015   -5.743  1.00 43.37 ? 2026 HOH A O   1 
HETATM 1263 O  O   . HOH C 3 .   ? -11.423 7.580   -9.551  1.00 25.53 ? 2027 HOH A O   1 
HETATM 1264 O  O   . HOH C 3 .   ? -14.084 8.048   -8.519  1.00 20.39 ? 2028 HOH A O   1 
HETATM 1265 O  O   . HOH C 3 .   ? -23.185 -8.881  3.712   1.00 52.36 ? 2029 HOH A O   1 
HETATM 1266 O  O   . HOH C 3 .   ? -13.077 -14.705 4.033   1.00 24.34 ? 2030 HOH A O   1 
HETATM 1267 O  O   . HOH C 3 .   ? -14.293 1.988   6.710   1.00 21.35 ? 2031 HOH A O   1 
HETATM 1268 O  O   . HOH C 3 .   ? -13.888 6.364   9.371   1.00 35.97 ? 2032 HOH A O   1 
HETATM 1269 O  O   . HOH C 3 .   ? -6.903  11.739  3.389   1.00 36.69 ? 2033 HOH A O   1 
HETATM 1270 O  O   . HOH C 3 .   ? -12.186 11.797  7.113   1.00 28.58 ? 2034 HOH A O   1 
HETATM 1271 O  O   . HOH C 3 .   ? -10.186 14.858  8.288   1.00 44.42 ? 2035 HOH A O   1 
HETATM 1272 O  O   . HOH C 3 .   ? -16.119 -6.711  14.593  1.00 41.93 ? 2036 HOH A O   1 
HETATM 1273 O  O   . HOH C 3 .   ? -19.928 1.138   -10.562 1.00 34.99 ? 2037 HOH A O   1 
HETATM 1274 O  O   . HOH C 3 .   ? 15.486  -4.192  9.253   1.00 53.58 ? 2038 HOH A O   1 
HETATM 1275 O  O   . HOH C 3 .   ? -12.526 -8.312  -12.646 1.00 30.81 ? 2039 HOH A O   1 
HETATM 1276 O  O   . HOH C 3 .   ? -17.115 -7.129  -12.352 1.00 40.78 ? 2040 HOH A O   1 
HETATM 1277 O  O   . HOH C 3 .   ? -7.260  -12.601 -10.802 1.00 22.20 ? 2041 HOH A O   1 
HETATM 1278 O  O   . HOH C 3 .   ? -6.916  -16.527 -4.161  1.00 44.82 ? 2042 HOH A O   1 
HETATM 1279 O  O   . HOH C 3 .   ? -5.103  -17.142 -7.932  1.00 33.12 ? 2043 HOH A O   1 
HETATM 1280 O  O   . HOH C 3 .   ? 4.736   9.526   -8.900  1.00 58.45 ? 2044 HOH A O   1 
HETATM 1281 O  O   . HOH C 3 .   ? 2.189   11.216  -6.167  1.00 40.45 ? 2045 HOH A O   1 
HETATM 1282 O  O   . HOH C 3 .   ? 7.077   9.058   -7.659  1.00 43.77 ? 2046 HOH A O   1 
HETATM 1283 O  O   . HOH C 3 .   ? -5.187  5.077   15.747  1.00 40.77 ? 2047 HOH A O   1 
HETATM 1284 O  O   . HOH C 3 .   ? 5.532   6.254   -8.852  1.00 29.15 ? 2048 HOH A O   1 
HETATM 1285 O  O   . HOH C 3 .   ? 8.326   7.237   -6.286  1.00 23.05 ? 2049 HOH A O   1 
HETATM 1286 O  O   . HOH C 3 .   ? 8.504   10.160  -9.533  1.00 38.21 ? 2050 HOH A O   1 
HETATM 1287 O  O   . HOH C 3 .   ? 18.993  4.439   -7.050  1.00 27.30 ? 2051 HOH A O   1 
HETATM 1288 O  O   . HOH C 3 .   ? 18.758  11.075  -11.096 1.00 44.48 ? 2052 HOH A O   1 
HETATM 1289 O  O   . HOH C 3 .   ? 20.873  0.705   -4.214  1.00 45.06 ? 2053 HOH A O   1 
HETATM 1290 O  O   . HOH C 3 .   ? 23.258  5.031   1.517   1.00 49.80 ? 2054 HOH A O   1 
HETATM 1291 O  O   . HOH C 3 .   ? 19.286  3.217   5.242   1.00 43.66 ? 2055 HOH A O   1 
HETATM 1292 O  O   . HOH C 3 .   ? 15.493  6.778   4.515   1.00 30.63 ? 2056 HOH A O   1 
HETATM 1293 O  O   . HOH C 3 .   ? 16.928  8.163   -0.296  1.00 33.30 ? 2057 HOH A O   1 
HETATM 1294 O  O   . HOH C 3 .   ? -0.820  5.998   7.013   1.00 22.17 ? 2058 HOH A O   1 
HETATM 1295 O  O   . HOH C 3 .   ? -20.357 -4.051  7.446   1.00 39.76 ? 2059 HOH A O   1 
HETATM 1296 O  O   . HOH C 3 .   ? -20.944 -8.985  4.862   1.00 33.93 ? 2060 HOH A O   1 
HETATM 1297 O  O   . HOH C 3 .   ? -11.130 -13.133 4.919   1.00 15.41 ? 2061 HOH A O   1 
HETATM 1298 O  O   . HOH C 3 .   ? 3.790   -4.135  -11.028 1.00 22.61 ? 2062 HOH A O   1 
HETATM 1299 O  O   . HOH C 3 .   ? 22.741  -10.473 -9.296  1.00 36.42 ? 2063 HOH A O   1 
HETATM 1300 O  O   . HOH C 3 .   ? 21.731  -8.802  -12.283 1.00 20.16 ? 2064 HOH A O   1 
HETATM 1301 O  O   . HOH C 3 .   ? 20.844  -14.331 -11.068 1.00 42.08 ? 2065 HOH A O   1 
HETATM 1302 O  O   . HOH C 3 .   ? 15.866  -17.101 -10.609 1.00 46.52 ? 2066 HOH A O   1 
HETATM 1303 O  O   . HOH C 3 .   ? 14.073  -12.032 -16.285 1.00 42.29 ? 2067 HOH A O   1 
HETATM 1304 O  O   . HOH C 3 .   ? 5.581   -13.094 -9.657  1.00 13.89 ? 2068 HOH A O   1 
HETATM 1305 O  O   . HOH C 3 .   ? 7.889   -14.596 -9.627  1.00 17.63 ? 2069 HOH A O   1 
HETATM 1306 O  O   . HOH C 3 .   ? 4.202   -7.014  -12.416 1.00 26.35 ? 2070 HOH A O   1 
HETATM 1307 O  O   . HOH C 3 .   ? 2.684   -10.625 -9.521  1.00 11.66 ? 2071 HOH A O   1 
HETATM 1308 O  O   . HOH C 3 .   ? 13.384  -6.511  4.063   1.00 36.36 ? 2072 HOH A O   1 
HETATM 1309 O  O   . HOH C 3 .   ? 12.777  -10.547 4.293   1.00 33.30 ? 2073 HOH A O   1 
HETATM 1310 O  O   . HOH C 3 .   ? 8.318   -11.406 3.059   1.00 21.75 ? 2074 HOH A O   1 
HETATM 1311 O  O   . HOH C 3 .   ? 9.248   -6.392  6.957   1.00 29.39 ? 2075 HOH A O   1 
HETATM 1312 O  O   . HOH C 3 .   ? -12.238 -2.985  8.218   1.00 18.71 ? 2076 HOH A O   1 
HETATM 1313 O  O   . HOH C 3 .   ? -11.843 -5.553  13.918  1.00 43.01 ? 2077 HOH A O   1 
HETATM 1314 O  O   . HOH C 3 .   ? -14.435 -4.905  13.240  1.00 29.85 ? 2078 HOH A O   1 
HETATM 1315 O  O   . HOH C 3 .   ? -17.046 1.271   7.265   1.00 45.58 ? 2079 HOH A O   1 
HETATM 1316 O  O   . HOH C 3 .   ? -7.657  -1.197  14.102  1.00 23.28 ? 2080 HOH A O   1 
HETATM 1317 O  O   . HOH C 3 .   ? 0.186   -0.334  13.242  1.00 52.63 ? 2081 HOH A O   1 
HETATM 1318 O  O   . HOH C 3 .   ? 11.479  -4.626  8.715   1.00 31.19 ? 2082 HOH A O   1 
HETATM 1319 O  O   . HOH C 3 .   ? 13.514  -3.235  11.552  1.00 41.43 ? 2083 HOH A O   1 
HETATM 1320 O  O   . HOH C 3 .   ? 13.145  -4.877  6.658   1.00 25.55 ? 2084 HOH A O   1 
HETATM 1321 O  O   . HOH C 3 .   ? 19.290  -2.692  -7.075  1.00 39.40 ? 2085 HOH A O   1 
HETATM 1322 O  O   . HOH C 3 .   ? 17.231  -6.423  -10.100 1.00 21.60 ? 2086 HOH A O   1 
HETATM 1323 O  O   . HOH C 3 .   ? 8.058   -5.737  -10.267 1.00 22.09 ? 2087 HOH A O   1 
HETATM 1324 O  O   . HOH C 3 .   ? 5.953   -4.565  -13.215 1.00 50.11 ? 2088 HOH A O   1 
HETATM 1325 O  O   . HOH C 3 .   ? 13.922  0.283   -11.050 1.00 31.59 ? 2089 HOH A O   1 
HETATM 1326 O  O   . HOH C 3 .   ? 10.377  -5.436  -14.994 1.00 27.51 ? 2090 HOH A O   1 
HETATM 1327 O  O   . HOH C 3 .   ? 11.957  0.644   -9.187  1.00 21.40 ? 2091 HOH A O   1 
HETATM 1328 O  O   . HOH C 3 .   ? 6.836   -1.651  -14.447 1.00 26.06 ? 2092 HOH A O   1 
HETATM 1329 O  O   . HOH C 3 .   ? 4.352   1.658   -13.325 1.00 42.24 ? 2093 HOH A O   1 
HETATM 1330 O  O   . HOH C 3 .   ? 0.530   -9.105  -9.621  1.00 13.81 ? 2094 HOH A O   1 
HETATM 1331 O  O   . HOH C 3 .   ? -7.595  -12.346 3.985   1.00 18.70 ? 2095 HOH A O   1 
HETATM 1332 O  O   . HOH C 3 .   ? -13.627 -13.924 -0.813  1.00 29.92 ? 2096 HOH A O   1 
HETATM 1333 O  O   . HOH C 3 .   ? -15.615 -10.916 -4.494  1.00 38.02 ? 2097 HOH A O   1 
HETATM 1334 O  O   . HOH C 3 .   ? -13.179 -7.073  -4.993  1.00 23.34 ? 2098 HOH A O   1 
HETATM 1335 O  O   . HOH C 3 .   ? -18.796 -3.162  -6.500  1.00 37.00 ? 2099 HOH A O   1 
HETATM 1336 O  O   . HOH C 3 .   ? -15.997 -6.519  -6.526  1.00 29.40 ? 2100 HOH A O   1 
HETATM 1337 O  O   . HOH C 3 .   ? -15.878 -3.995  1.395   1.00 28.03 ? 2101 HOH A O   1 
HETATM 1338 O  O   . HOH C 3 .   ? -16.476 -7.064  -0.659  1.00 31.71 ? 2102 HOH A O   1 
HETATM 1339 O  O   . HOH C 3 .   ? -17.635 -2.188  -0.679  1.00 31.53 ? 2103 HOH A O   1 
HETATM 1340 O  O   . HOH C 3 .   ? -18.293 0.689   -2.724  1.00 30.93 ? 2104 HOH A O   1 
HETATM 1341 O  O   . HOH C 3 .   ? -1.716  10.533  8.221   1.00 26.85 ? 2105 HOH A O   1 
HETATM 1342 O  O   . HOH C 3 .   ? 8.464   11.638  12.134  1.00 18.89 ? 2106 HOH A O   1 
HETATM 1343 O  O   . HOH C 3 .   ? 5.689   12.760  13.831  1.00 31.22 ? 2107 HOH A O   1 
HETATM 1344 O  O   . HOH C 3 .   ? -3.381  6.521   15.045  1.00 31.07 ? 2108 HOH A O   1 
HETATM 1345 O  O   . HOH C 3 .   ? 1.016   11.393  11.802  1.00 35.80 ? 2109 HOH A O   1 
# 
loop_
_pdbx_poly_seq_scheme.asym_id 
_pdbx_poly_seq_scheme.entity_id 
_pdbx_poly_seq_scheme.seq_id 
_pdbx_poly_seq_scheme.mon_id 
_pdbx_poly_seq_scheme.ndb_seq_num 
_pdbx_poly_seq_scheme.pdb_seq_num 
_pdbx_poly_seq_scheme.auth_seq_num 
_pdbx_poly_seq_scheme.pdb_mon_id 
_pdbx_poly_seq_scheme.auth_mon_id 
_pdbx_poly_seq_scheme.pdb_strand_id 
_pdbx_poly_seq_scheme.pdb_ins_code 
_pdbx_poly_seq_scheme.hetero 
A 1 1   MET 1   1   ?   ?   ?   A . n 
A 1 2   GLU 2   2   ?   ?   ?   A . n 
A 1 3   GLU 3   3   3   GLU GLU A . n 
A 1 4   PRO 4   4   4   PRO PRO A . n 
A 1 5   ASP 5   5   5   ASP ASP A . n 
A 1 6   ALA 6   6   6   ALA ALA A . n 
A 1 7   ASN 7   7   7   ASN ASN A . n 
A 1 8   GLY 8   8   8   GLY GLY A . n 
A 1 9   TYR 9   9   9   TYR TYR A . n 
A 1 10  TYR 10  10  10  TYR TYR A . n 
A 1 11  TYR 11  11  11  TYR TYR A . n 
A 1 12  HIS 12  12  12  HIS HIS A . n 
A 1 13  ASP 13  13  13  ASP ASP A . n 
A 1 14  THR 14  14  14  THR THR A . n 
A 1 15  PHE 15  15  15  PHE PHE A . n 
A 1 16  GLU 16  16  16  GLU GLU A . n 
A 1 17  GLY 17  17  17  GLY GLY A . n 
A 1 18  SER 18  18  18  SER SER A . n 
A 1 19  VAL 19  19  19  VAL VAL A . n 
A 1 20  GLY 20  20  20  GLY GLY A . n 
A 1 21  GLN 21  21  21  GLN GLN A . n 
A 1 22  TRP 22  22  22  TRP TRP A . n 
A 1 23  THR 23  23  23  THR THR A . n 
A 1 24  ALA 24  24  24  ALA ALA A . n 
A 1 25  ALA 25  25  25  ALA ALA A . n 
A 1 26  GLY 26  26  26  GLY GLY A . n 
A 1 27  PRO 27  27  27  PRO PRO A . n 
A 1 28  ALA 28  28  28  ALA ALA A . n 
A 1 29  GLU 29  29  29  GLU GLU A . n 
A 1 30  VAL 30  30  30  VAL VAL A . n 
A 1 31  LEU 31  31  31  LEU LEU A . n 
A 1 32  LEU 32  32  32  LEU LEU A . n 
A 1 33  SER 33  33  33  SER SER A . n 
A 1 34  GLY 34  34  34  GLY GLY A . n 
A 1 35  ARG 35  35  35  ARG ARG A . n 
A 1 36  THR 36  36  36  THR THR A . n 
A 1 37  ALA 37  37  37  ALA ALA A . n 
A 1 38  TYR 38  38  38  TYR TYR A . n 
A 1 39  LYS 39  39  39  LYS LYS A . n 
A 1 40  GLY 40  40  40  GLY GLY A . n 
A 1 41  SER 41  41  41  SER SER A . n 
A 1 42  GLU 42  42  42  GLU GLU A . n 
A 1 43  SER 43  43  43  SER SER A . n 
A 1 44  LEU 44  44  44  LEU LEU A . n 
A 1 45  LEU 45  45  45  LEU LEU A . n 
A 1 46  VAL 46  46  46  VAL VAL A . n 
A 1 47  ARG 47  47  47  ARG ARG A . n 
A 1 48  ASN 48  48  48  ASN ASN A . n 
A 1 49  ARG 49  49  49  ARG ARG A . n 
A 1 50  THR 50  50  50  THR THR A . n 
A 1 51  ALA 51  51  51  ALA ALA A . n 
A 1 52  ALA 52  52  52  ALA ALA A . n 
A 1 53  TRP 53  53  53  TRP TRP A . n 
A 1 54  ASN 54  54  54  ASN ASN A . n 
A 1 55  GLY 55  55  55  GLY GLY A . n 
A 1 56  ALA 56  56  56  ALA ALA A . n 
A 1 57  GLN 57  57  57  GLN GLN A . n 
A 1 58  ARG 58  58  58  ARG ARG A . n 
A 1 59  ALA 59  59  59  ALA ALA A . n 
A 1 60  LEU 60  60  60  LEU LEU A . n 
A 1 61  ASN 61  61  61  ASN ASN A . n 
A 1 62  PRO 62  62  62  PRO PRO A . n 
A 1 63  ARG 63  63  63  ARG ARG A . n 
A 1 64  THR 64  64  64  THR THR A . n 
A 1 65  PHE 65  65  65  PHE PHE A . n 
A 1 66  VAL 66  66  66  VAL VAL A . n 
A 1 67  PRO 67  67  67  PRO PRO A . n 
A 1 68  GLY 68  68  68  GLY GLY A . n 
A 1 69  ASN 69  69  69  ASN ASN A . n 
A 1 70  THR 70  70  70  THR THR A . n 
A 1 71  TYR 71  71  71  TYR TYR A . n 
A 1 72  CYS 72  72  72  CYS CYS A . n 
A 1 73  PHE 73  73  73  PHE PHE A . n 
A 1 74  SER 74  74  74  SER SER A . n 
A 1 75  VAL 75  75  75  VAL VAL A . n 
A 1 76  VAL 76  76  76  VAL VAL A . n 
A 1 77  ALA 77  77  77  ALA ALA A . n 
A 1 78  SER 78  78  78  SER SER A . n 
A 1 79  PHE 79  79  79  PHE PHE A . n 
A 1 80  ILE 80  80  80  ILE ILE A . n 
A 1 81  GLU 81  81  81  GLU GLU A . n 
A 1 82  GLY 82  82  82  GLY GLY A . n 
A 1 83  ALA 83  83  83  ALA ALA A . n 
A 1 84  SER 84  84  84  SER SER A . n 
A 1 85  SER 85  85  85  SER SER A . n 
A 1 86  THR 86  86  86  THR THR A . n 
A 1 87  THR 87  87  87  THR THR A . n 
A 1 88  PHE 88  88  88  PHE PHE A . n 
A 1 89  CYS 89  89  89  CYS CYS A . n 
A 1 90  MET 90  90  90  MET MET A . n 
A 1 91  LYS 91  91  91  LYS LYS A . n 
A 1 92  LEU 92  92  92  LEU LEU A . n 
A 1 93  GLN 93  93  93  GLN GLN A . n 
A 1 94  TYR 94  94  94  TYR TYR A . n 
A 1 95  VAL 95  95  95  VAL VAL A . n 
A 1 96  ASP 96  96  96  ASP ASP A . n 
A 1 97  GLY 97  97  97  GLY GLY A . n 
A 1 98  SER 98  98  98  SER SER A . n 
A 1 99  GLY 99  99  99  GLY GLY A . n 
A 1 100 THR 100 100 100 THR THR A . n 
A 1 101 GLN 101 101 101 GLN GLN A . n 
A 1 102 ARG 102 102 102 ARG ARG A . n 
A 1 103 TYR 103 103 103 TYR TYR A . n 
A 1 104 ASP 104 104 104 ASP ASP A . n 
A 1 105 THR 105 105 105 THR THR A . n 
A 1 106 ILE 106 106 106 ILE ILE A . n 
A 1 107 ASP 107 107 107 ASP ASP A . n 
A 1 108 MET 108 108 108 MET MET A . n 
A 1 109 LYS 109 109 109 LYS LYS A . n 
A 1 110 THR 110 110 110 THR THR A . n 
A 1 111 VAL 111 111 111 VAL VAL A . n 
A 1 112 GLY 112 112 112 GLY GLY A . n 
A 1 113 PRO 113 113 113 PRO PRO A . n 
A 1 114 ASN 114 114 114 ASN ASN A . n 
A 1 115 GLN 115 115 115 GLN GLN A . n 
A 1 116 TRP 116 116 116 TRP TRP A . n 
A 1 117 VAL 117 117 117 VAL VAL A . n 
A 1 118 HIS 118 118 118 HIS HIS A . n 
A 1 119 LEU 119 119 119 LEU LEU A . n 
A 1 120 TYR 120 120 120 TYR TYR A . n 
A 1 121 ASN 121 121 121 ASN ASN A . n 
A 1 122 PRO 122 122 122 PRO PRO A . n 
A 1 123 GLN 123 123 123 GLN GLN A . n 
A 1 124 TYR 124 124 124 TYR TYR A . n 
A 1 125 ARG 125 125 125 ARG ARG A . n 
A 1 126 ILE 126 126 126 ILE ILE A . n 
A 1 127 PRO 127 127 127 PRO PRO A . n 
A 1 128 SER 128 128 128 SER SER A . n 
A 1 129 ASP 129 129 129 ASP ASP A . n 
A 1 130 ALA 130 130 130 ALA ALA A . n 
A 1 131 THR 131 131 131 THR THR A . n 
A 1 132 ASP 132 132 132 ASP ASP A . n 
A 1 133 MET 133 133 133 MET MET A . n 
A 1 134 TYR 134 134 134 TYR TYR A . n 
A 1 135 VAL 135 135 135 VAL VAL A . n 
A 1 136 TYR 136 136 136 TYR TYR A . n 
A 1 137 VAL 137 137 137 VAL VAL A . n 
A 1 138 GLU 138 138 138 GLU GLU A . n 
A 1 139 THR 139 139 139 THR THR A . n 
A 1 140 ALA 140 140 140 ALA ALA A . n 
A 1 141 ASP 141 141 141 ASP ASP A . n 
A 1 142 ASP 142 142 142 ASP ASP A . n 
A 1 143 THR 143 143 143 THR THR A . n 
A 1 144 ILE 144 144 144 ILE ILE A . n 
A 1 145 ASN 145 145 145 ASN ASN A . n 
A 1 146 PHE 146 146 146 PHE PHE A . n 
A 1 147 TYR 147 147 147 TYR TYR A . n 
A 1 148 ILE 148 148 148 ILE ILE A . n 
A 1 149 ASP 149 149 149 ASP ASP A . n 
A 1 150 GLU 150 150 150 GLU GLU A . n 
A 1 151 ALA 151 151 151 ALA ALA A . n 
A 1 152 ILE 152 152 152 ILE ILE A . n 
A 1 153 GLY 153 153 153 GLY GLY A . n 
A 1 154 ALA 154 154 154 ALA ALA A . n 
A 1 155 VAL 155 155 155 VAL VAL A . n 
A 1 156 ALA 156 156 156 ALA ALA A . n 
A 1 157 GLY 157 157 157 GLY GLY A . n 
A 1 158 THR 158 158 158 THR THR A . n 
A 1 159 VAL 159 159 159 VAL VAL A . n 
A 1 160 ILE 160 160 160 ILE ILE A . n 
A 1 161 GLU 161 161 161 GLU GLU A . n 
A 1 162 GLY 162 162 ?   ?   ?   A . n 
A 1 163 LEU 163 163 ?   ?   ?   A . n 
A 1 164 GLU 164 164 ?   ?   ?   A . n 
A 1 165 HIS 165 165 ?   ?   ?   A . n 
A 1 166 HIS 166 166 ?   ?   ?   A . n 
A 1 167 HIS 167 167 ?   ?   ?   A . n 
A 1 168 HIS 168 168 ?   ?   ?   A . n 
A 1 169 HIS 169 169 ?   ?   ?   A . n 
A 1 170 HIS 170 170 ?   ?   ?   A . n 
# 
loop_
_pdbx_nonpoly_scheme.asym_id 
_pdbx_nonpoly_scheme.entity_id 
_pdbx_nonpoly_scheme.mon_id 
_pdbx_nonpoly_scheme.ndb_seq_num 
_pdbx_nonpoly_scheme.pdb_seq_num 
_pdbx_nonpoly_scheme.auth_seq_num 
_pdbx_nonpoly_scheme.pdb_mon_id 
_pdbx_nonpoly_scheme.auth_mon_id 
_pdbx_nonpoly_scheme.pdb_strand_id 
_pdbx_nonpoly_scheme.pdb_ins_code 
B 2 CA  1   1162 1162 CA  CA  A . 
C 3 HOH 1   2001 2001 HOH HOH A . 
C 3 HOH 2   2002 2002 HOH HOH A . 
C 3 HOH 3   2003 2003 HOH HOH A . 
C 3 HOH 4   2004 2004 HOH HOH A . 
C 3 HOH 5   2005 2005 HOH HOH A . 
C 3 HOH 6   2006 2006 HOH HOH A . 
C 3 HOH 7   2007 2007 HOH HOH A . 
C 3 HOH 8   2008 2008 HOH HOH A . 
C 3 HOH 9   2009 2009 HOH HOH A . 
C 3 HOH 10  2010 2010 HOH HOH A . 
C 3 HOH 11  2011 2011 HOH HOH A . 
C 3 HOH 12  2012 2012 HOH HOH A . 
C 3 HOH 13  2013 2013 HOH HOH A . 
C 3 HOH 14  2014 2014 HOH HOH A . 
C 3 HOH 15  2015 2015 HOH HOH A . 
C 3 HOH 16  2016 2016 HOH HOH A . 
C 3 HOH 17  2017 2017 HOH HOH A . 
C 3 HOH 18  2018 2018 HOH HOH A . 
C 3 HOH 19  2019 2019 HOH HOH A . 
C 3 HOH 20  2020 2020 HOH HOH A . 
C 3 HOH 21  2021 2021 HOH HOH A . 
C 3 HOH 22  2022 2022 HOH HOH A . 
C 3 HOH 23  2023 2023 HOH HOH A . 
C 3 HOH 24  2024 2024 HOH HOH A . 
C 3 HOH 25  2025 2025 HOH HOH A . 
C 3 HOH 26  2026 2026 HOH HOH A . 
C 3 HOH 27  2027 2027 HOH HOH A . 
C 3 HOH 28  2028 2028 HOH HOH A . 
C 3 HOH 29  2029 2029 HOH HOH A . 
C 3 HOH 30  2030 2030 HOH HOH A . 
C 3 HOH 31  2031 2031 HOH HOH A . 
C 3 HOH 32  2032 2032 HOH HOH A . 
C 3 HOH 33  2033 2033 HOH HOH A . 
C 3 HOH 34  2034 2034 HOH HOH A . 
C 3 HOH 35  2035 2035 HOH HOH A . 
C 3 HOH 36  2036 2036 HOH HOH A . 
C 3 HOH 37  2037 2037 HOH HOH A . 
C 3 HOH 38  2038 2038 HOH HOH A . 
C 3 HOH 39  2039 2039 HOH HOH A . 
C 3 HOH 40  2040 2040 HOH HOH A . 
C 3 HOH 41  2041 2041 HOH HOH A . 
C 3 HOH 42  2042 2042 HOH HOH A . 
C 3 HOH 43  2043 2043 HOH HOH A . 
C 3 HOH 44  2044 2044 HOH HOH A . 
C 3 HOH 45  2045 2045 HOH HOH A . 
C 3 HOH 46  2046 2046 HOH HOH A . 
C 3 HOH 47  2047 2047 HOH HOH A . 
C 3 HOH 48  2048 2048 HOH HOH A . 
C 3 HOH 49  2049 2049 HOH HOH A . 
C 3 HOH 50  2050 2050 HOH HOH A . 
C 3 HOH 51  2051 2051 HOH HOH A . 
C 3 HOH 52  2052 2052 HOH HOH A . 
C 3 HOH 53  2053 2053 HOH HOH A . 
C 3 HOH 54  2054 2054 HOH HOH A . 
C 3 HOH 55  2055 2055 HOH HOH A . 
C 3 HOH 56  2056 2056 HOH HOH A . 
C 3 HOH 57  2057 2057 HOH HOH A . 
C 3 HOH 58  2058 2058 HOH HOH A . 
C 3 HOH 59  2059 2059 HOH HOH A . 
C 3 HOH 60  2060 2060 HOH HOH A . 
C 3 HOH 61  2061 2061 HOH HOH A . 
C 3 HOH 62  2062 2062 HOH HOH A . 
C 3 HOH 63  2063 2063 HOH HOH A . 
C 3 HOH 64  2064 2064 HOH HOH A . 
C 3 HOH 65  2065 2065 HOH HOH A . 
C 3 HOH 66  2066 2066 HOH HOH A . 
C 3 HOH 67  2067 2067 HOH HOH A . 
C 3 HOH 68  2068 2068 HOH HOH A . 
C 3 HOH 69  2069 2069 HOH HOH A . 
C 3 HOH 70  2070 2070 HOH HOH A . 
C 3 HOH 71  2071 2071 HOH HOH A . 
C 3 HOH 72  2072 2072 HOH HOH A . 
C 3 HOH 73  2073 2073 HOH HOH A . 
C 3 HOH 74  2074 2074 HOH HOH A . 
C 3 HOH 75  2075 2075 HOH HOH A . 
C 3 HOH 76  2076 2076 HOH HOH A . 
C 3 HOH 77  2077 2077 HOH HOH A . 
C 3 HOH 78  2078 2078 HOH HOH A . 
C 3 HOH 79  2079 2079 HOH HOH A . 
C 3 HOH 80  2080 2080 HOH HOH A . 
C 3 HOH 81  2081 2081 HOH HOH A . 
C 3 HOH 82  2082 2082 HOH HOH A . 
C 3 HOH 83  2083 2083 HOH HOH A . 
C 3 HOH 84  2084 2084 HOH HOH A . 
C 3 HOH 85  2085 2085 HOH HOH A . 
C 3 HOH 86  2086 2086 HOH HOH A . 
C 3 HOH 87  2087 2087 HOH HOH A . 
C 3 HOH 88  2088 2088 HOH HOH A . 
C 3 HOH 89  2089 2089 HOH HOH A . 
C 3 HOH 90  2090 2090 HOH HOH A . 
C 3 HOH 91  2091 2091 HOH HOH A . 
C 3 HOH 92  2092 2092 HOH HOH A . 
C 3 HOH 93  2093 2093 HOH HOH A . 
C 3 HOH 94  2094 2094 HOH HOH A . 
C 3 HOH 95  2095 2095 HOH HOH A . 
C 3 HOH 96  2096 2096 HOH HOH A . 
C 3 HOH 97  2097 2097 HOH HOH A . 
C 3 HOH 98  2098 2098 HOH HOH A . 
C 3 HOH 99  2099 2099 HOH HOH A . 
C 3 HOH 100 2100 2100 HOH HOH A . 
C 3 HOH 101 2101 2101 HOH HOH A . 
C 3 HOH 102 2102 2102 HOH HOH A . 
C 3 HOH 103 2103 2103 HOH HOH A . 
C 3 HOH 104 2104 2104 HOH HOH A . 
C 3 HOH 105 2105 2105 HOH HOH A . 
C 3 HOH 106 2106 2106 HOH HOH A . 
C 3 HOH 107 2107 2107 HOH HOH A . 
C 3 HOH 108 2108 2108 HOH HOH A . 
C 3 HOH 109 2109 2109 HOH HOH A . 
# 
_pdbx_struct_assembly.id                   1 
_pdbx_struct_assembly.details              author_and_software_defined_assembly 
_pdbx_struct_assembly.method_details       PISA 
_pdbx_struct_assembly.oligomeric_details   monomeric 
_pdbx_struct_assembly.oligomeric_count     1 
# 
_pdbx_struct_assembly_gen.assembly_id       1 
_pdbx_struct_assembly_gen.oper_expression   1 
_pdbx_struct_assembly_gen.asym_id_list      A,B,C 
# 
_pdbx_struct_oper_list.id                   1 
_pdbx_struct_oper_list.type                 'identity operation' 
_pdbx_struct_oper_list.name                 1_555 
_pdbx_struct_oper_list.symmetry_operation   x,y,z 
_pdbx_struct_oper_list.matrix[1][1]         1.0000000000 
_pdbx_struct_oper_list.matrix[1][2]         0.0000000000 
_pdbx_struct_oper_list.matrix[1][3]         0.0000000000 
_pdbx_struct_oper_list.vector[1]            0.0000000000 
_pdbx_struct_oper_list.matrix[2][1]         0.0000000000 
_pdbx_struct_oper_list.matrix[2][2]         1.0000000000 
_pdbx_struct_oper_list.matrix[2][3]         0.0000000000 
_pdbx_struct_oper_list.vector[2]            0.0000000000 
_pdbx_struct_oper_list.matrix[3][1]         0.0000000000 
_pdbx_struct_oper_list.matrix[3][2]         0.0000000000 
_pdbx_struct_oper_list.matrix[3][3]         1.0000000000 
_pdbx_struct_oper_list.vector[3]            0.0000000000 
# 
loop_
_pdbx_struct_conn_angle.id 
_pdbx_struct_conn_angle.ptnr1_label_atom_id 
_pdbx_struct_conn_angle.ptnr1_label_alt_id 
_pdbx_struct_conn_angle.ptnr1_label_asym_id 
_pdbx_struct_conn_angle.ptnr1_label_comp_id 
_pdbx_struct_conn_angle.ptnr1_label_seq_id 
_pdbx_struct_conn_angle.ptnr1_auth_atom_id 
_pdbx_struct_conn_angle.ptnr1_auth_asym_id 
_pdbx_struct_conn_angle.ptnr1_auth_comp_id 
_pdbx_struct_conn_angle.ptnr1_auth_seq_id 
_pdbx_struct_conn_angle.ptnr1_PDB_ins_code 
_pdbx_struct_conn_angle.ptnr1_symmetry 
_pdbx_struct_conn_angle.ptnr2_label_atom_id 
_pdbx_struct_conn_angle.ptnr2_label_alt_id 
_pdbx_struct_conn_angle.ptnr2_label_asym_id 
_pdbx_struct_conn_angle.ptnr2_label_comp_id 
_pdbx_struct_conn_angle.ptnr2_label_seq_id 
_pdbx_struct_conn_angle.ptnr2_auth_atom_id 
_pdbx_struct_conn_angle.ptnr2_auth_asym_id 
_pdbx_struct_conn_angle.ptnr2_auth_comp_id 
_pdbx_struct_conn_angle.ptnr2_auth_seq_id 
_pdbx_struct_conn_angle.ptnr2_PDB_ins_code 
_pdbx_struct_conn_angle.ptnr2_symmetry 
_pdbx_struct_conn_angle.ptnr3_label_atom_id 
_pdbx_struct_conn_angle.ptnr3_label_alt_id 
_pdbx_struct_conn_angle.ptnr3_label_asym_id 
_pdbx_struct_conn_angle.ptnr3_label_comp_id 
_pdbx_struct_conn_angle.ptnr3_label_seq_id 
_pdbx_struct_conn_angle.ptnr3_auth_atom_id 
_pdbx_struct_conn_angle.ptnr3_auth_asym_id 
_pdbx_struct_conn_angle.ptnr3_auth_comp_id 
_pdbx_struct_conn_angle.ptnr3_auth_seq_id 
_pdbx_struct_conn_angle.ptnr3_PDB_ins_code 
_pdbx_struct_conn_angle.ptnr3_symmetry 
_pdbx_struct_conn_angle.value 
_pdbx_struct_conn_angle.value_esd 
1  O   ? A THR 14  ? A THR 14  ? 1_555 CA ? B CA . ? A CA 1162 ? 1_555 OE2 ? A GLU 16  ? A GLU 16   ? 1_555 92.0  ? 
2  O   ? A THR 14  ? A THR 14  ? 1_555 CA ? B CA . ? A CA 1162 ? 1_555 O   ? A LYS 39  ? A LYS 39   ? 1_555 156.8 ? 
3  OE2 ? A GLU 16  ? A GLU 16  ? 1_555 CA ? B CA . ? A CA 1162 ? 1_555 O   ? A LYS 39  ? A LYS 39   ? 1_555 74.2  ? 
4  O   ? A THR 14  ? A THR 14  ? 1_555 CA ? B CA . ? A CA 1162 ? 1_555 O   ? A GLU 42  ? A GLU 42   ? 1_555 94.1  ? 
5  OE2 ? A GLU 16  ? A GLU 16  ? 1_555 CA ? B CA . ? A CA 1162 ? 1_555 O   ? A GLU 42  ? A GLU 42   ? 1_555 79.0  ? 
6  O   ? A LYS 39  ? A LYS 39  ? 1_555 CA ? B CA . ? A CA 1162 ? 1_555 O   ? A GLU 42  ? A GLU 42   ? 1_555 101.3 ? 
7  O   ? A THR 14  ? A THR 14  ? 1_555 CA ? B CA . ? A CA 1162 ? 1_555 OD1 ? A ASP 149 ? A ASP 149  ? 1_555 77.6  ? 
8  OE2 ? A GLU 16  ? A GLU 16  ? 1_555 CA ? B CA . ? A CA 1162 ? 1_555 OD1 ? A ASP 149 ? A ASP 149  ? 1_555 169.6 ? 
9  O   ? A LYS 39  ? A LYS 39  ? 1_555 CA ? B CA . ? A CA 1162 ? 1_555 OD1 ? A ASP 149 ? A ASP 149  ? 1_555 115.8 ? 
10 O   ? A GLU 42  ? A GLU 42  ? 1_555 CA ? B CA . ? A CA 1162 ? 1_555 OD1 ? A ASP 149 ? A ASP 149  ? 1_555 101.1 ? 
11 O   ? A THR 14  ? A THR 14  ? 1_555 CA ? B CA . ? A CA 1162 ? 1_555 OD2 ? A ASP 149 ? A ASP 149  ? 1_555 124.8 ? 
12 OE2 ? A GLU 16  ? A GLU 16  ? 1_555 CA ? B CA . ? A CA 1162 ? 1_555 OD2 ? A ASP 149 ? A ASP 149  ? 1_555 140.3 ? 
13 O   ? A LYS 39  ? A LYS 39  ? 1_555 CA ? B CA . ? A CA 1162 ? 1_555 OD2 ? A ASP 149 ? A ASP 149  ? 1_555 74.7  ? 
14 O   ? A GLU 42  ? A GLU 42  ? 1_555 CA ? B CA . ? A CA 1162 ? 1_555 OD2 ? A ASP 149 ? A ASP 149  ? 1_555 83.6  ? 
15 OD1 ? A ASP 149 ? A ASP 149 ? 1_555 CA ? B CA . ? A CA 1162 ? 1_555 OD2 ? A ASP 149 ? A ASP 149  ? 1_555 49.5  ? 
16 O   ? A THR 14  ? A THR 14  ? 1_555 CA ? B CA . ? A CA 1162 ? 1_555 O   ? C HOH .   ? A HOH 2033 ? 1_555 84.3  ? 
17 OE2 ? A GLU 16  ? A GLU 16  ? 1_555 CA ? B CA . ? A CA 1162 ? 1_555 O   ? C HOH .   ? A HOH 2033 ? 1_555 96.9  ? 
18 O   ? A LYS 39  ? A LYS 39  ? 1_555 CA ? B CA . ? A CA 1162 ? 1_555 O   ? C HOH .   ? A HOH 2033 ? 1_555 79.1  ? 
19 O   ? A GLU 42  ? A GLU 42  ? 1_555 CA ? B CA . ? A CA 1162 ? 1_555 O   ? C HOH .   ? A HOH 2033 ? 1_555 175.5 ? 
20 OD1 ? A ASP 149 ? A ASP 149 ? 1_555 CA ? B CA . ? A CA 1162 ? 1_555 O   ? C HOH .   ? A HOH 2033 ? 1_555 82.6  ? 
21 OD2 ? A ASP 149 ? A ASP 149 ? 1_555 CA ? B CA . ? A CA 1162 ? 1_555 O   ? C HOH .   ? A HOH 2033 ? 1_555 100.8 ? 
# 
loop_
_pdbx_audit_revision_history.ordinal 
_pdbx_audit_revision_history.data_content_type 
_pdbx_audit_revision_history.major_revision 
_pdbx_audit_revision_history.minor_revision 
_pdbx_audit_revision_history.revision_date 
1 'Structure model' 1 0 2002-06-27 
2 'Structure model' 1 1 2011-11-16 
3 'Structure model' 1 2 2023-12-13 
# 
_pdbx_audit_revision_details.ordinal             1 
_pdbx_audit_revision_details.revision_ordinal    1 
_pdbx_audit_revision_details.data_content_type   'Structure model' 
_pdbx_audit_revision_details.provider            repository 
_pdbx_audit_revision_details.type                'Initial release' 
_pdbx_audit_revision_details.description         ? 
_pdbx_audit_revision_details.details             ? 
# 
loop_
_pdbx_audit_revision_group.ordinal 
_pdbx_audit_revision_group.revision_ordinal 
_pdbx_audit_revision_group.data_content_type 
_pdbx_audit_revision_group.group 
1  2 'Structure model' 'Data collection'           
2  2 'Structure model' 'Database references'       
3  2 'Structure model' 'Derived calculations'      
4  2 'Structure model' 'Non-polymer description'   
5  2 'Structure model' Other                       
6  2 'Structure model' 'Structure summary'         
7  2 'Structure model' 'Version format compliance' 
8  3 'Structure model' 'Data collection'           
9  3 'Structure model' 'Database references'       
10 3 'Structure model' 'Derived calculations'      
11 3 'Structure model' Other                       
12 3 'Structure model' 'Refinement description'    
# 
loop_
_pdbx_audit_revision_category.ordinal 
_pdbx_audit_revision_category.revision_ordinal 
_pdbx_audit_revision_category.data_content_type 
_pdbx_audit_revision_category.category 
1 3 'Structure model' chem_comp_atom                
2 3 'Structure model' chem_comp_bond                
3 3 'Structure model' database_2                    
4 3 'Structure model' pdbx_database_status          
5 3 'Structure model' pdbx_initial_refinement_model 
6 3 'Structure model' pdbx_struct_conn_angle        
7 3 'Structure model' struct_conn                   
8 3 'Structure model' struct_site                   
# 
loop_
_pdbx_audit_revision_item.ordinal 
_pdbx_audit_revision_item.revision_ordinal 
_pdbx_audit_revision_item.data_content_type 
_pdbx_audit_revision_item.item 
1  3 'Structure model' '_database_2.pdbx_DOI'                        
2  3 'Structure model' '_database_2.pdbx_database_accession'         
3  3 'Structure model' '_pdbx_database_status.status_code_sf'        
4  3 'Structure model' '_pdbx_struct_conn_angle.ptnr1_auth_comp_id'  
5  3 'Structure model' '_pdbx_struct_conn_angle.ptnr1_auth_seq_id'   
6  3 'Structure model' '_pdbx_struct_conn_angle.ptnr1_label_asym_id' 
7  3 'Structure model' '_pdbx_struct_conn_angle.ptnr1_label_atom_id' 
8  3 'Structure model' '_pdbx_struct_conn_angle.ptnr1_label_comp_id' 
9  3 'Structure model' '_pdbx_struct_conn_angle.ptnr1_label_seq_id'  
10 3 'Structure model' '_pdbx_struct_conn_angle.ptnr3_auth_comp_id'  
11 3 'Structure model' '_pdbx_struct_conn_angle.ptnr3_auth_seq_id'   
12 3 'Structure model' '_pdbx_struct_conn_angle.ptnr3_label_asym_id' 
13 3 'Structure model' '_pdbx_struct_conn_angle.ptnr3_label_atom_id' 
14 3 'Structure model' '_pdbx_struct_conn_angle.ptnr3_label_comp_id' 
15 3 'Structure model' '_pdbx_struct_conn_angle.ptnr3_label_seq_id'  
16 3 'Structure model' '_pdbx_struct_conn_angle.value'               
17 3 'Structure model' '_struct_conn.pdbx_dist_value'                
18 3 'Structure model' '_struct_conn.ptnr1_auth_comp_id'             
19 3 'Structure model' '_struct_conn.ptnr1_auth_seq_id'              
20 3 'Structure model' '_struct_conn.ptnr1_label_asym_id'            
21 3 'Structure model' '_struct_conn.ptnr1_label_atom_id'            
22 3 'Structure model' '_struct_conn.ptnr1_label_comp_id'            
23 3 'Structure model' '_struct_conn.ptnr1_label_seq_id'             
24 3 'Structure model' '_struct_conn.ptnr2_auth_comp_id'             
25 3 'Structure model' '_struct_conn.ptnr2_auth_seq_id'              
26 3 'Structure model' '_struct_conn.ptnr2_label_asym_id'            
27 3 'Structure model' '_struct_conn.ptnr2_label_atom_id'            
28 3 'Structure model' '_struct_conn.ptnr2_label_comp_id'            
29 3 'Structure model' '_struct_conn.ptnr2_label_seq_id'             
30 3 'Structure model' '_struct_site.pdbx_auth_asym_id'              
31 3 'Structure model' '_struct_site.pdbx_auth_comp_id'              
32 3 'Structure model' '_struct_site.pdbx_auth_seq_id'               
# 
loop_
_software.name 
_software.classification 
_software.version 
_software.citation_id 
_software.pdbx_ordinal 
REFMAC    refinement       . ? 1 
DENZO     'data reduction' . ? 2 
SCALEPACK 'data scaling'   . ? 3 
AMoRE     phasing          . ? 4 
# 
_pdbx_entry_details.entry_id                 1H6X 
_pdbx_entry_details.compound_details         'CHAIN A ENGINEERED MUTATION ARG581ALA' 
_pdbx_entry_details.source_details           ? 
_pdbx_entry_details.nonpolymer_details       ? 
_pdbx_entry_details.sequence_details         ? 
_pdbx_entry_details.has_ligand_of_interest   ? 
# 
_pdbx_validate_symm_contact.id                1 
_pdbx_validate_symm_contact.PDB_model_num     1 
_pdbx_validate_symm_contact.auth_atom_id_1    O 
_pdbx_validate_symm_contact.auth_asym_id_1    A 
_pdbx_validate_symm_contact.auth_comp_id_1    HOH 
_pdbx_validate_symm_contact.auth_seq_id_1     2088 
_pdbx_validate_symm_contact.PDB_ins_code_1    ? 
_pdbx_validate_symm_contact.label_alt_id_1    ? 
_pdbx_validate_symm_contact.site_symmetry_1   1_555 
_pdbx_validate_symm_contact.auth_atom_id_2    O 
_pdbx_validate_symm_contact.auth_asym_id_2    A 
_pdbx_validate_symm_contact.auth_comp_id_2    HOH 
_pdbx_validate_symm_contact.auth_seq_id_2     2088 
_pdbx_validate_symm_contact.PDB_ins_code_2    ? 
_pdbx_validate_symm_contact.label_alt_id_2    ? 
_pdbx_validate_symm_contact.site_symmetry_2   7_555 
_pdbx_validate_symm_contact.dist              0.71 
# 
loop_
_pdbx_validate_rmsd_angle.id 
_pdbx_validate_rmsd_angle.PDB_model_num 
_pdbx_validate_rmsd_angle.auth_atom_id_1 
_pdbx_validate_rmsd_angle.auth_asym_id_1 
_pdbx_validate_rmsd_angle.auth_comp_id_1 
_pdbx_validate_rmsd_angle.auth_seq_id_1 
_pdbx_validate_rmsd_angle.PDB_ins_code_1 
_pdbx_validate_rmsd_angle.label_alt_id_1 
_pdbx_validate_rmsd_angle.auth_atom_id_2 
_pdbx_validate_rmsd_angle.auth_asym_id_2 
_pdbx_validate_rmsd_angle.auth_comp_id_2 
_pdbx_validate_rmsd_angle.auth_seq_id_2 
_pdbx_validate_rmsd_angle.PDB_ins_code_2 
_pdbx_validate_rmsd_angle.label_alt_id_2 
_pdbx_validate_rmsd_angle.auth_atom_id_3 
_pdbx_validate_rmsd_angle.auth_asym_id_3 
_pdbx_validate_rmsd_angle.auth_comp_id_3 
_pdbx_validate_rmsd_angle.auth_seq_id_3 
_pdbx_validate_rmsd_angle.PDB_ins_code_3 
_pdbx_validate_rmsd_angle.label_alt_id_3 
_pdbx_validate_rmsd_angle.angle_value 
_pdbx_validate_rmsd_angle.angle_target_value 
_pdbx_validate_rmsd_angle.angle_deviation 
_pdbx_validate_rmsd_angle.angle_standard_deviation 
_pdbx_validate_rmsd_angle.linker_flag 
1 1 CB A ASP 13  ? ? CG A ASP 13  ? ? OD2 A ASP 13  ? ? 123.74 118.30 5.44 0.90 N 
2 1 CB A ASP 104 ? ? CG A ASP 104 ? ? OD2 A ASP 104 ? ? 123.84 118.30 5.54 0.90 N 
# 
_pdbx_validate_torsion.id              1 
_pdbx_validate_torsion.PDB_model_num   1 
_pdbx_validate_torsion.auth_comp_id    ASP 
_pdbx_validate_torsion.auth_asym_id    A 
_pdbx_validate_torsion.auth_seq_id     141 
_pdbx_validate_torsion.PDB_ins_code    ? 
_pdbx_validate_torsion.label_alt_id    ? 
_pdbx_validate_torsion.phi             -151.94 
_pdbx_validate_torsion.psi             47.70 
# 
loop_
_pdbx_unobs_or_zero_occ_residues.id 
_pdbx_unobs_or_zero_occ_residues.PDB_model_num 
_pdbx_unobs_or_zero_occ_residues.polymer_flag 
_pdbx_unobs_or_zero_occ_residues.occupancy_flag 
_pdbx_unobs_or_zero_occ_residues.auth_asym_id 
_pdbx_unobs_or_zero_occ_residues.auth_comp_id 
_pdbx_unobs_or_zero_occ_residues.auth_seq_id 
_pdbx_unobs_or_zero_occ_residues.PDB_ins_code 
_pdbx_unobs_or_zero_occ_residues.label_asym_id 
_pdbx_unobs_or_zero_occ_residues.label_comp_id 
_pdbx_unobs_or_zero_occ_residues.label_seq_id 
1  1 Y 1 A MET 1   ? A MET 1   
2  1 Y 1 A GLU 2   ? A GLU 2   
3  1 Y 1 A GLY 162 ? A GLY 162 
4  1 Y 1 A LEU 163 ? A LEU 163 
5  1 Y 1 A GLU 164 ? A GLU 164 
6  1 Y 1 A HIS 165 ? A HIS 165 
7  1 Y 1 A HIS 166 ? A HIS 166 
8  1 Y 1 A HIS 167 ? A HIS 167 
9  1 Y 1 A HIS 168 ? A HIS 168 
10 1 Y 1 A HIS 169 ? A HIS 169 
11 1 Y 1 A HIS 170 ? A HIS 170 
# 
loop_
_chem_comp_atom.comp_id 
_chem_comp_atom.atom_id 
_chem_comp_atom.type_symbol 
_chem_comp_atom.pdbx_aromatic_flag 
_chem_comp_atom.pdbx_stereo_config 
_chem_comp_atom.pdbx_ordinal 
ALA N    N  N N 1   
ALA CA   C  N S 2   
ALA C    C  N N 3   
ALA O    O  N N 4   
ALA CB   C  N N 5   
ALA OXT  O  N N 6   
ALA H    H  N N 7   
ALA H2   H  N N 8   
ALA HA   H  N N 9   
ALA HB1  H  N N 10  
ALA HB2  H  N N 11  
ALA HB3  H  N N 12  
ALA HXT  H  N N 13  
ARG N    N  N N 14  
ARG CA   C  N S 15  
ARG C    C  N N 16  
ARG O    O  N N 17  
ARG CB   C  N N 18  
ARG CG   C  N N 19  
ARG CD   C  N N 20  
ARG NE   N  N N 21  
ARG CZ   C  N N 22  
ARG NH1  N  N N 23  
ARG NH2  N  N N 24  
ARG OXT  O  N N 25  
ARG H    H  N N 26  
ARG H2   H  N N 27  
ARG HA   H  N N 28  
ARG HB2  H  N N 29  
ARG HB3  H  N N 30  
ARG HG2  H  N N 31  
ARG HG3  H  N N 32  
ARG HD2  H  N N 33  
ARG HD3  H  N N 34  
ARG HE   H  N N 35  
ARG HH11 H  N N 36  
ARG HH12 H  N N 37  
ARG HH21 H  N N 38  
ARG HH22 H  N N 39  
ARG HXT  H  N N 40  
ASN N    N  N N 41  
ASN CA   C  N S 42  
ASN C    C  N N 43  
ASN O    O  N N 44  
ASN CB   C  N N 45  
ASN CG   C  N N 46  
ASN OD1  O  N N 47  
ASN ND2  N  N N 48  
ASN OXT  O  N N 49  
ASN H    H  N N 50  
ASN H2   H  N N 51  
ASN HA   H  N N 52  
ASN HB2  H  N N 53  
ASN HB3  H  N N 54  
ASN HD21 H  N N 55  
ASN HD22 H  N N 56  
ASN HXT  H  N N 57  
ASP N    N  N N 58  
ASP CA   C  N S 59  
ASP C    C  N N 60  
ASP O    O  N N 61  
ASP CB   C  N N 62  
ASP CG   C  N N 63  
ASP OD1  O  N N 64  
ASP OD2  O  N N 65  
ASP OXT  O  N N 66  
ASP H    H  N N 67  
ASP H2   H  N N 68  
ASP HA   H  N N 69  
ASP HB2  H  N N 70  
ASP HB3  H  N N 71  
ASP HD2  H  N N 72  
ASP HXT  H  N N 73  
CA  CA   CA N N 74  
CYS N    N  N N 75  
CYS CA   C  N R 76  
CYS C    C  N N 77  
CYS O    O  N N 78  
CYS CB   C  N N 79  
CYS SG   S  N N 80  
CYS OXT  O  N N 81  
CYS H    H  N N 82  
CYS H2   H  N N 83  
CYS HA   H  N N 84  
CYS HB2  H  N N 85  
CYS HB3  H  N N 86  
CYS HG   H  N N 87  
CYS HXT  H  N N 88  
GLN N    N  N N 89  
GLN CA   C  N S 90  
GLN C    C  N N 91  
GLN O    O  N N 92  
GLN CB   C  N N 93  
GLN CG   C  N N 94  
GLN CD   C  N N 95  
GLN OE1  O  N N 96  
GLN NE2  N  N N 97  
GLN OXT  O  N N 98  
GLN H    H  N N 99  
GLN H2   H  N N 100 
GLN HA   H  N N 101 
GLN HB2  H  N N 102 
GLN HB3  H  N N 103 
GLN HG2  H  N N 104 
GLN HG3  H  N N 105 
GLN HE21 H  N N 106 
GLN HE22 H  N N 107 
GLN HXT  H  N N 108 
GLU N    N  N N 109 
GLU CA   C  N S 110 
GLU C    C  N N 111 
GLU O    O  N N 112 
GLU CB   C  N N 113 
GLU CG   C  N N 114 
GLU CD   C  N N 115 
GLU OE1  O  N N 116 
GLU OE2  O  N N 117 
GLU OXT  O  N N 118 
GLU H    H  N N 119 
GLU H2   H  N N 120 
GLU HA   H  N N 121 
GLU HB2  H  N N 122 
GLU HB3  H  N N 123 
GLU HG2  H  N N 124 
GLU HG3  H  N N 125 
GLU HE2  H  N N 126 
GLU HXT  H  N N 127 
GLY N    N  N N 128 
GLY CA   C  N N 129 
GLY C    C  N N 130 
GLY O    O  N N 131 
GLY OXT  O  N N 132 
GLY H    H  N N 133 
GLY H2   H  N N 134 
GLY HA2  H  N N 135 
GLY HA3  H  N N 136 
GLY HXT  H  N N 137 
HIS N    N  N N 138 
HIS CA   C  N S 139 
HIS C    C  N N 140 
HIS O    O  N N 141 
HIS CB   C  N N 142 
HIS CG   C  Y N 143 
HIS ND1  N  Y N 144 
HIS CD2  C  Y N 145 
HIS CE1  C  Y N 146 
HIS NE2  N  Y N 147 
HIS OXT  O  N N 148 
HIS H    H  N N 149 
HIS H2   H  N N 150 
HIS HA   H  N N 151 
HIS HB2  H  N N 152 
HIS HB3  H  N N 153 
HIS HD1  H  N N 154 
HIS HD2  H  N N 155 
HIS HE1  H  N N 156 
HIS HE2  H  N N 157 
HIS HXT  H  N N 158 
HOH O    O  N N 159 
HOH H1   H  N N 160 
HOH H2   H  N N 161 
ILE N    N  N N 162 
ILE CA   C  N S 163 
ILE C    C  N N 164 
ILE O    O  N N 165 
ILE CB   C  N S 166 
ILE CG1  C  N N 167 
ILE CG2  C  N N 168 
ILE CD1  C  N N 169 
ILE OXT  O  N N 170 
ILE H    H  N N 171 
ILE H2   H  N N 172 
ILE HA   H  N N 173 
ILE HB   H  N N 174 
ILE HG12 H  N N 175 
ILE HG13 H  N N 176 
ILE HG21 H  N N 177 
ILE HG22 H  N N 178 
ILE HG23 H  N N 179 
ILE HD11 H  N N 180 
ILE HD12 H  N N 181 
ILE HD13 H  N N 182 
ILE HXT  H  N N 183 
LEU N    N  N N 184 
LEU CA   C  N S 185 
LEU C    C  N N 186 
LEU O    O  N N 187 
LEU CB   C  N N 188 
LEU CG   C  N N 189 
LEU CD1  C  N N 190 
LEU CD2  C  N N 191 
LEU OXT  O  N N 192 
LEU H    H  N N 193 
LEU H2   H  N N 194 
LEU HA   H  N N 195 
LEU HB2  H  N N 196 
LEU HB3  H  N N 197 
LEU HG   H  N N 198 
LEU HD11 H  N N 199 
LEU HD12 H  N N 200 
LEU HD13 H  N N 201 
LEU HD21 H  N N 202 
LEU HD22 H  N N 203 
LEU HD23 H  N N 204 
LEU HXT  H  N N 205 
LYS N    N  N N 206 
LYS CA   C  N S 207 
LYS C    C  N N 208 
LYS O    O  N N 209 
LYS CB   C  N N 210 
LYS CG   C  N N 211 
LYS CD   C  N N 212 
LYS CE   C  N N 213 
LYS NZ   N  N N 214 
LYS OXT  O  N N 215 
LYS H    H  N N 216 
LYS H2   H  N N 217 
LYS HA   H  N N 218 
LYS HB2  H  N N 219 
LYS HB3  H  N N 220 
LYS HG2  H  N N 221 
LYS HG3  H  N N 222 
LYS HD2  H  N N 223 
LYS HD3  H  N N 224 
LYS HE2  H  N N 225 
LYS HE3  H  N N 226 
LYS HZ1  H  N N 227 
LYS HZ2  H  N N 228 
LYS HZ3  H  N N 229 
LYS HXT  H  N N 230 
MET N    N  N N 231 
MET CA   C  N S 232 
MET C    C  N N 233 
MET O    O  N N 234 
MET CB   C  N N 235 
MET CG   C  N N 236 
MET SD   S  N N 237 
MET CE   C  N N 238 
MET OXT  O  N N 239 
MET H    H  N N 240 
MET H2   H  N N 241 
MET HA   H  N N 242 
MET HB2  H  N N 243 
MET HB3  H  N N 244 
MET HG2  H  N N 245 
MET HG3  H  N N 246 
MET HE1  H  N N 247 
MET HE2  H  N N 248 
MET HE3  H  N N 249 
MET HXT  H  N N 250 
PHE N    N  N N 251 
PHE CA   C  N S 252 
PHE C    C  N N 253 
PHE O    O  N N 254 
PHE CB   C  N N 255 
PHE CG   C  Y N 256 
PHE CD1  C  Y N 257 
PHE CD2  C  Y N 258 
PHE CE1  C  Y N 259 
PHE CE2  C  Y N 260 
PHE CZ   C  Y N 261 
PHE OXT  O  N N 262 
PHE H    H  N N 263 
PHE H2   H  N N 264 
PHE HA   H  N N 265 
PHE HB2  H  N N 266 
PHE HB3  H  N N 267 
PHE HD1  H  N N 268 
PHE HD2  H  N N 269 
PHE HE1  H  N N 270 
PHE HE2  H  N N 271 
PHE HZ   H  N N 272 
PHE HXT  H  N N 273 
PRO N    N  N N 274 
PRO CA   C  N S 275 
PRO C    C  N N 276 
PRO O    O  N N 277 
PRO CB   C  N N 278 
PRO CG   C  N N 279 
PRO CD   C  N N 280 
PRO OXT  O  N N 281 
PRO H    H  N N 282 
PRO HA   H  N N 283 
PRO HB2  H  N N 284 
PRO HB3  H  N N 285 
PRO HG2  H  N N 286 
PRO HG3  H  N N 287 
PRO HD2  H  N N 288 
PRO HD3  H  N N 289 
PRO HXT  H  N N 290 
SER N    N  N N 291 
SER CA   C  N S 292 
SER C    C  N N 293 
SER O    O  N N 294 
SER CB   C  N N 295 
SER OG   O  N N 296 
SER OXT  O  N N 297 
SER H    H  N N 298 
SER H2   H  N N 299 
SER HA   H  N N 300 
SER HB2  H  N N 301 
SER HB3  H  N N 302 
SER HG   H  N N 303 
SER HXT  H  N N 304 
THR N    N  N N 305 
THR CA   C  N S 306 
THR C    C  N N 307 
THR O    O  N N 308 
THR CB   C  N R 309 
THR OG1  O  N N 310 
THR CG2  C  N N 311 
THR OXT  O  N N 312 
THR H    H  N N 313 
THR H2   H  N N 314 
THR HA   H  N N 315 
THR HB   H  N N 316 
THR HG1  H  N N 317 
THR HG21 H  N N 318 
THR HG22 H  N N 319 
THR HG23 H  N N 320 
THR HXT  H  N N 321 
TRP N    N  N N 322 
TRP CA   C  N S 323 
TRP C    C  N N 324 
TRP O    O  N N 325 
TRP CB   C  N N 326 
TRP CG   C  Y N 327 
TRP CD1  C  Y N 328 
TRP CD2  C  Y N 329 
TRP NE1  N  Y N 330 
TRP CE2  C  Y N 331 
TRP CE3  C  Y N 332 
TRP CZ2  C  Y N 333 
TRP CZ3  C  Y N 334 
TRP CH2  C  Y N 335 
TRP OXT  O  N N 336 
TRP H    H  N N 337 
TRP H2   H  N N 338 
TRP HA   H  N N 339 
TRP HB2  H  N N 340 
TRP HB3  H  N N 341 
TRP HD1  H  N N 342 
TRP HE1  H  N N 343 
TRP HE3  H  N N 344 
TRP HZ2  H  N N 345 
TRP HZ3  H  N N 346 
TRP HH2  H  N N 347 
TRP HXT  H  N N 348 
TYR N    N  N N 349 
TYR CA   C  N S 350 
TYR C    C  N N 351 
TYR O    O  N N 352 
TYR CB   C  N N 353 
TYR CG   C  Y N 354 
TYR CD1  C  Y N 355 
TYR CD2  C  Y N 356 
TYR CE1  C  Y N 357 
TYR CE2  C  Y N 358 
TYR CZ   C  Y N 359 
TYR OH   O  N N 360 
TYR OXT  O  N N 361 
TYR H    H  N N 362 
TYR H2   H  N N 363 
TYR HA   H  N N 364 
TYR HB2  H  N N 365 
TYR HB3  H  N N 366 
TYR HD1  H  N N 367 
TYR HD2  H  N N 368 
TYR HE1  H  N N 369 
TYR HE2  H  N N 370 
TYR HH   H  N N 371 
TYR HXT  H  N N 372 
VAL N    N  N N 373 
VAL CA   C  N S 374 
VAL C    C  N N 375 
VAL O    O  N N 376 
VAL CB   C  N N 377 
VAL CG1  C  N N 378 
VAL CG2  C  N N 379 
VAL OXT  O  N N 380 
VAL H    H  N N 381 
VAL H2   H  N N 382 
VAL HA   H  N N 383 
VAL HB   H  N N 384 
VAL HG11 H  N N 385 
VAL HG12 H  N N 386 
VAL HG13 H  N N 387 
VAL HG21 H  N N 388 
VAL HG22 H  N N 389 
VAL HG23 H  N N 390 
VAL HXT  H  N N 391 
# 
loop_
_chem_comp_bond.comp_id 
_chem_comp_bond.atom_id_1 
_chem_comp_bond.atom_id_2 
_chem_comp_bond.value_order 
_chem_comp_bond.pdbx_aromatic_flag 
_chem_comp_bond.pdbx_stereo_config 
_chem_comp_bond.pdbx_ordinal 
ALA N   CA   sing N N 1   
ALA N   H    sing N N 2   
ALA N   H2   sing N N 3   
ALA CA  C    sing N N 4   
ALA CA  CB   sing N N 5   
ALA CA  HA   sing N N 6   
ALA C   O    doub N N 7   
ALA C   OXT  sing N N 8   
ALA CB  HB1  sing N N 9   
ALA CB  HB2  sing N N 10  
ALA CB  HB3  sing N N 11  
ALA OXT HXT  sing N N 12  
ARG N   CA   sing N N 13  
ARG N   H    sing N N 14  
ARG N   H2   sing N N 15  
ARG CA  C    sing N N 16  
ARG CA  CB   sing N N 17  
ARG CA  HA   sing N N 18  
ARG C   O    doub N N 19  
ARG C   OXT  sing N N 20  
ARG CB  CG   sing N N 21  
ARG CB  HB2  sing N N 22  
ARG CB  HB3  sing N N 23  
ARG CG  CD   sing N N 24  
ARG CG  HG2  sing N N 25  
ARG CG  HG3  sing N N 26  
ARG CD  NE   sing N N 27  
ARG CD  HD2  sing N N 28  
ARG CD  HD3  sing N N 29  
ARG NE  CZ   sing N N 30  
ARG NE  HE   sing N N 31  
ARG CZ  NH1  sing N N 32  
ARG CZ  NH2  doub N N 33  
ARG NH1 HH11 sing N N 34  
ARG NH1 HH12 sing N N 35  
ARG NH2 HH21 sing N N 36  
ARG NH2 HH22 sing N N 37  
ARG OXT HXT  sing N N 38  
ASN N   CA   sing N N 39  
ASN N   H    sing N N 40  
ASN N   H2   sing N N 41  
ASN CA  C    sing N N 42  
ASN CA  CB   sing N N 43  
ASN CA  HA   sing N N 44  
ASN C   O    doub N N 45  
ASN C   OXT  sing N N 46  
ASN CB  CG   sing N N 47  
ASN CB  HB2  sing N N 48  
ASN CB  HB3  sing N N 49  
ASN CG  OD1  doub N N 50  
ASN CG  ND2  sing N N 51  
ASN ND2 HD21 sing N N 52  
ASN ND2 HD22 sing N N 53  
ASN OXT HXT  sing N N 54  
ASP N   CA   sing N N 55  
ASP N   H    sing N N 56  
ASP N   H2   sing N N 57  
ASP CA  C    sing N N 58  
ASP CA  CB   sing N N 59  
ASP CA  HA   sing N N 60  
ASP C   O    doub N N 61  
ASP C   OXT  sing N N 62  
ASP CB  CG   sing N N 63  
ASP CB  HB2  sing N N 64  
ASP CB  HB3  sing N N 65  
ASP CG  OD1  doub N N 66  
ASP CG  OD2  sing N N 67  
ASP OD2 HD2  sing N N 68  
ASP OXT HXT  sing N N 69  
CYS N   CA   sing N N 70  
CYS N   H    sing N N 71  
CYS N   H2   sing N N 72  
CYS CA  C    sing N N 73  
CYS CA  CB   sing N N 74  
CYS CA  HA   sing N N 75  
CYS C   O    doub N N 76  
CYS C   OXT  sing N N 77  
CYS CB  SG   sing N N 78  
CYS CB  HB2  sing N N 79  
CYS CB  HB3  sing N N 80  
CYS SG  HG   sing N N 81  
CYS OXT HXT  sing N N 82  
GLN N   CA   sing N N 83  
GLN N   H    sing N N 84  
GLN N   H2   sing N N 85  
GLN CA  C    sing N N 86  
GLN CA  CB   sing N N 87  
GLN CA  HA   sing N N 88  
GLN C   O    doub N N 89  
GLN C   OXT  sing N N 90  
GLN CB  CG   sing N N 91  
GLN CB  HB2  sing N N 92  
GLN CB  HB3  sing N N 93  
GLN CG  CD   sing N N 94  
GLN CG  HG2  sing N N 95  
GLN CG  HG3  sing N N 96  
GLN CD  OE1  doub N N 97  
GLN CD  NE2  sing N N 98  
GLN NE2 HE21 sing N N 99  
GLN NE2 HE22 sing N N 100 
GLN OXT HXT  sing N N 101 
GLU N   CA   sing N N 102 
GLU N   H    sing N N 103 
GLU N   H2   sing N N 104 
GLU CA  C    sing N N 105 
GLU CA  CB   sing N N 106 
GLU CA  HA   sing N N 107 
GLU C   O    doub N N 108 
GLU C   OXT  sing N N 109 
GLU CB  CG   sing N N 110 
GLU CB  HB2  sing N N 111 
GLU CB  HB3  sing N N 112 
GLU CG  CD   sing N N 113 
GLU CG  HG2  sing N N 114 
GLU CG  HG3  sing N N 115 
GLU CD  OE1  doub N N 116 
GLU CD  OE2  sing N N 117 
GLU OE2 HE2  sing N N 118 
GLU OXT HXT  sing N N 119 
GLY N   CA   sing N N 120 
GLY N   H    sing N N 121 
GLY N   H2   sing N N 122 
GLY CA  C    sing N N 123 
GLY CA  HA2  sing N N 124 
GLY CA  HA3  sing N N 125 
GLY C   O    doub N N 126 
GLY C   OXT  sing N N 127 
GLY OXT HXT  sing N N 128 
HIS N   CA   sing N N 129 
HIS N   H    sing N N 130 
HIS N   H2   sing N N 131 
HIS CA  C    sing N N 132 
HIS CA  CB   sing N N 133 
HIS CA  HA   sing N N 134 
HIS C   O    doub N N 135 
HIS C   OXT  sing N N 136 
HIS CB  CG   sing N N 137 
HIS CB  HB2  sing N N 138 
HIS CB  HB3  sing N N 139 
HIS CG  ND1  sing Y N 140 
HIS CG  CD2  doub Y N 141 
HIS ND1 CE1  doub Y N 142 
HIS ND1 HD1  sing N N 143 
HIS CD2 NE2  sing Y N 144 
HIS CD2 HD2  sing N N 145 
HIS CE1 NE2  sing Y N 146 
HIS CE1 HE1  sing N N 147 
HIS NE2 HE2  sing N N 148 
HIS OXT HXT  sing N N 149 
HOH O   H1   sing N N 150 
HOH O   H2   sing N N 151 
ILE N   CA   sing N N 152 
ILE N   H    sing N N 153 
ILE N   H2   sing N N 154 
ILE CA  C    sing N N 155 
ILE CA  CB   sing N N 156 
ILE CA  HA   sing N N 157 
ILE C   O    doub N N 158 
ILE C   OXT  sing N N 159 
ILE CB  CG1  sing N N 160 
ILE CB  CG2  sing N N 161 
ILE CB  HB   sing N N 162 
ILE CG1 CD1  sing N N 163 
ILE CG1 HG12 sing N N 164 
ILE CG1 HG13 sing N N 165 
ILE CG2 HG21 sing N N 166 
ILE CG2 HG22 sing N N 167 
ILE CG2 HG23 sing N N 168 
ILE CD1 HD11 sing N N 169 
ILE CD1 HD12 sing N N 170 
ILE CD1 HD13 sing N N 171 
ILE OXT HXT  sing N N 172 
LEU N   CA   sing N N 173 
LEU N   H    sing N N 174 
LEU N   H2   sing N N 175 
LEU CA  C    sing N N 176 
LEU CA  CB   sing N N 177 
LEU CA  HA   sing N N 178 
LEU C   O    doub N N 179 
LEU C   OXT  sing N N 180 
LEU CB  CG   sing N N 181 
LEU CB  HB2  sing N N 182 
LEU CB  HB3  sing N N 183 
LEU CG  CD1  sing N N 184 
LEU CG  CD2  sing N N 185 
LEU CG  HG   sing N N 186 
LEU CD1 HD11 sing N N 187 
LEU CD1 HD12 sing N N 188 
LEU CD1 HD13 sing N N 189 
LEU CD2 HD21 sing N N 190 
LEU CD2 HD22 sing N N 191 
LEU CD2 HD23 sing N N 192 
LEU OXT HXT  sing N N 193 
LYS N   CA   sing N N 194 
LYS N   H    sing N N 195 
LYS N   H2   sing N N 196 
LYS CA  C    sing N N 197 
LYS CA  CB   sing N N 198 
LYS CA  HA   sing N N 199 
LYS C   O    doub N N 200 
LYS C   OXT  sing N N 201 
LYS CB  CG   sing N N 202 
LYS CB  HB2  sing N N 203 
LYS CB  HB3  sing N N 204 
LYS CG  CD   sing N N 205 
LYS CG  HG2  sing N N 206 
LYS CG  HG3  sing N N 207 
LYS CD  CE   sing N N 208 
LYS CD  HD2  sing N N 209 
LYS CD  HD3  sing N N 210 
LYS CE  NZ   sing N N 211 
LYS CE  HE2  sing N N 212 
LYS CE  HE3  sing N N 213 
LYS NZ  HZ1  sing N N 214 
LYS NZ  HZ2  sing N N 215 
LYS NZ  HZ3  sing N N 216 
LYS OXT HXT  sing N N 217 
MET N   CA   sing N N 218 
MET N   H    sing N N 219 
MET N   H2   sing N N 220 
MET CA  C    sing N N 221 
MET CA  CB   sing N N 222 
MET CA  HA   sing N N 223 
MET C   O    doub N N 224 
MET C   OXT  sing N N 225 
MET CB  CG   sing N N 226 
MET CB  HB2  sing N N 227 
MET CB  HB3  sing N N 228 
MET CG  SD   sing N N 229 
MET CG  HG2  sing N N 230 
MET CG  HG3  sing N N 231 
MET SD  CE   sing N N 232 
MET CE  HE1  sing N N 233 
MET CE  HE2  sing N N 234 
MET CE  HE3  sing N N 235 
MET OXT HXT  sing N N 236 
PHE N   CA   sing N N 237 
PHE N   H    sing N N 238 
PHE N   H2   sing N N 239 
PHE CA  C    sing N N 240 
PHE CA  CB   sing N N 241 
PHE CA  HA   sing N N 242 
PHE C   O    doub N N 243 
PHE C   OXT  sing N N 244 
PHE CB  CG   sing N N 245 
PHE CB  HB2  sing N N 246 
PHE CB  HB3  sing N N 247 
PHE CG  CD1  doub Y N 248 
PHE CG  CD2  sing Y N 249 
PHE CD1 CE1  sing Y N 250 
PHE CD1 HD1  sing N N 251 
PHE CD2 CE2  doub Y N 252 
PHE CD2 HD2  sing N N 253 
PHE CE1 CZ   doub Y N 254 
PHE CE1 HE1  sing N N 255 
PHE CE2 CZ   sing Y N 256 
PHE CE2 HE2  sing N N 257 
PHE CZ  HZ   sing N N 258 
PHE OXT HXT  sing N N 259 
PRO N   CA   sing N N 260 
PRO N   CD   sing N N 261 
PRO N   H    sing N N 262 
PRO CA  C    sing N N 263 
PRO CA  CB   sing N N 264 
PRO CA  HA   sing N N 265 
PRO C   O    doub N N 266 
PRO C   OXT  sing N N 267 
PRO CB  CG   sing N N 268 
PRO CB  HB2  sing N N 269 
PRO CB  HB3  sing N N 270 
PRO CG  CD   sing N N 271 
PRO CG  HG2  sing N N 272 
PRO CG  HG3  sing N N 273 
PRO CD  HD2  sing N N 274 
PRO CD  HD3  sing N N 275 
PRO OXT HXT  sing N N 276 
SER N   CA   sing N N 277 
SER N   H    sing N N 278 
SER N   H2   sing N N 279 
SER CA  C    sing N N 280 
SER CA  CB   sing N N 281 
SER CA  HA   sing N N 282 
SER C   O    doub N N 283 
SER C   OXT  sing N N 284 
SER CB  OG   sing N N 285 
SER CB  HB2  sing N N 286 
SER CB  HB3  sing N N 287 
SER OG  HG   sing N N 288 
SER OXT HXT  sing N N 289 
THR N   CA   sing N N 290 
THR N   H    sing N N 291 
THR N   H2   sing N N 292 
THR CA  C    sing N N 293 
THR CA  CB   sing N N 294 
THR CA  HA   sing N N 295 
THR C   O    doub N N 296 
THR C   OXT  sing N N 297 
THR CB  OG1  sing N N 298 
THR CB  CG2  sing N N 299 
THR CB  HB   sing N N 300 
THR OG1 HG1  sing N N 301 
THR CG2 HG21 sing N N 302 
THR CG2 HG22 sing N N 303 
THR CG2 HG23 sing N N 304 
THR OXT HXT  sing N N 305 
TRP N   CA   sing N N 306 
TRP N   H    sing N N 307 
TRP N   H2   sing N N 308 
TRP CA  C    sing N N 309 
TRP CA  CB   sing N N 310 
TRP CA  HA   sing N N 311 
TRP C   O    doub N N 312 
TRP C   OXT  sing N N 313 
TRP CB  CG   sing N N 314 
TRP CB  HB2  sing N N 315 
TRP CB  HB3  sing N N 316 
TRP CG  CD1  doub Y N 317 
TRP CG  CD2  sing Y N 318 
TRP CD1 NE1  sing Y N 319 
TRP CD1 HD1  sing N N 320 
TRP CD2 CE2  doub Y N 321 
TRP CD2 CE3  sing Y N 322 
TRP NE1 CE2  sing Y N 323 
TRP NE1 HE1  sing N N 324 
TRP CE2 CZ2  sing Y N 325 
TRP CE3 CZ3  doub Y N 326 
TRP CE3 HE3  sing N N 327 
TRP CZ2 CH2  doub Y N 328 
TRP CZ2 HZ2  sing N N 329 
TRP CZ3 CH2  sing Y N 330 
TRP CZ3 HZ3  sing N N 331 
TRP CH2 HH2  sing N N 332 
TRP OXT HXT  sing N N 333 
TYR N   CA   sing N N 334 
TYR N   H    sing N N 335 
TYR N   H2   sing N N 336 
TYR CA  C    sing N N 337 
TYR CA  CB   sing N N 338 
TYR CA  HA   sing N N 339 
TYR C   O    doub N N 340 
TYR C   OXT  sing N N 341 
TYR CB  CG   sing N N 342 
TYR CB  HB2  sing N N 343 
TYR CB  HB3  sing N N 344 
TYR CG  CD1  doub Y N 345 
TYR CG  CD2  sing Y N 346 
TYR CD1 CE1  sing Y N 347 
TYR CD1 HD1  sing N N 348 
TYR CD2 CE2  doub Y N 349 
TYR CD2 HD2  sing N N 350 
TYR CE1 CZ   doub Y N 351 
TYR CE1 HE1  sing N N 352 
TYR CE2 CZ   sing Y N 353 
TYR CE2 HE2  sing N N 354 
TYR CZ  OH   sing N N 355 
TYR OH  HH   sing N N 356 
TYR OXT HXT  sing N N 357 
VAL N   CA   sing N N 358 
VAL N   H    sing N N 359 
VAL N   H2   sing N N 360 
VAL CA  C    sing N N 361 
VAL CA  CB   sing N N 362 
VAL CA  HA   sing N N 363 
VAL C   O    doub N N 364 
VAL C   OXT  sing N N 365 
VAL CB  CG1  sing N N 366 
VAL CB  CG2  sing N N 367 
VAL CB  HB   sing N N 368 
VAL CG1 HG11 sing N N 369 
VAL CG1 HG12 sing N N 370 
VAL CG1 HG13 sing N N 371 
VAL CG2 HG21 sing N N 372 
VAL CG2 HG22 sing N N 373 
VAL CG2 HG23 sing N N 374 
VAL OXT HXT  sing N N 375 
# 
loop_
_pdbx_entity_nonpoly.entity_id 
_pdbx_entity_nonpoly.name 
_pdbx_entity_nonpoly.comp_id 
2 'CALCIUM ION' CA  
3 water         HOH 
# 
_pdbx_initial_refinement_model.id               1 
_pdbx_initial_refinement_model.entity_id_list   ? 
_pdbx_initial_refinement_model.type             'experimental model' 
_pdbx_initial_refinement_model.source_name      PDB 
_pdbx_initial_refinement_model.accession_code   1DYO 
_pdbx_initial_refinement_model.details          'PDB ENTRY 1DYO' 
# 
